data_1O17
#
_entry.id   1O17
#
_cell.length_a   92.340
_cell.length_b   65.850
_cell.length_c   116.440
_cell.angle_alpha   90.00
_cell.angle_beta   107.56
_cell.angle_gamma   90.00
#
_symmetry.space_group_name_H-M   'P 1 2 1'
#
loop_
_entity.id
_entity.type
_entity.pdbx_description
1 polymer 'ANTHRANILATE PHOSPHORIBOSYLTRANSFERASE'
2 water water
#
_entity_poly.entity_id   1
_entity_poly.type   'polypeptide(L)'
_entity_poly.pdbx_seq_one_letter_code
;MNINEILKKLINKSDLEINEAEELAKAIIRGEVPEILVSAILVALRMKGESKNEIVGFARAMRELAIKIDVPNAIDTAGT
GGDGLGTVNVSTASAILLSLVNPVAKHGNRAVSGKSGSADVLEALGYNIIVPPERAKELVNKTNFVFLFAQYYHPAMKNV
ANVRKTLGIRTIFNILGPLTNPANAKYQLMGVFSKDHLDLLSKSAYELDFNKIILVYGEPGIDEVSPIGNTFMKIVSKRG
IEEVKLNVTDFGISPIPIEKLIVNSAEDSAIKIVRAFLGKDEHVAEFIKINTAVALFALDRVGDFREGYEYADHLIEKSL
DKLNEIISMNGDVTKLKTIVVKSSG
;
_entity_poly.pdbx_strand_id   A,B,C,D
#
# COMPACT_ATOMS: atom_id res chain seq x y z
N MET A 1 -17.72 17.23 1.83
CA MET A 1 -16.96 17.66 0.61
C MET A 1 -16.35 19.04 0.88
N ASN A 2 -15.03 19.14 0.73
CA ASN A 2 -14.31 20.39 0.98
C ASN A 2 -14.15 21.26 -0.25
N ILE A 3 -14.78 22.43 -0.23
CA ILE A 3 -14.72 23.34 -1.37
C ILE A 3 -13.32 23.92 -1.58
N ASN A 4 -12.66 24.32 -0.50
CA ASN A 4 -11.34 24.90 -0.61
C ASN A 4 -10.31 23.92 -1.19
N GLU A 5 -10.39 22.66 -0.79
CA GLU A 5 -9.48 21.66 -1.32
C GLU A 5 -9.75 21.48 -2.81
N ILE A 6 -11.03 21.49 -3.17
CA ILE A 6 -11.42 21.34 -4.58
C ILE A 6 -10.82 22.48 -5.40
N LEU A 7 -11.00 23.71 -4.92
CA LEU A 7 -10.47 24.86 -5.64
C LEU A 7 -8.96 24.78 -5.83
N LYS A 8 -8.24 24.51 -4.75
CA LYS A 8 -6.78 24.42 -4.86
C LYS A 8 -6.36 23.42 -5.92
N LYS A 9 -7.11 22.33 -6.05
CA LYS A 9 -6.84 21.30 -7.03
C LYS A 9 -7.02 21.81 -8.47
N LEU A 10 -8.07 22.59 -8.69
CA LEU A 10 -8.34 23.16 -10.03
C LEU A 10 -7.30 24.22 -10.34
N ILE A 11 -6.97 25.02 -9.33
CA ILE A 11 -5.99 26.08 -9.48
C ILE A 11 -4.67 25.47 -9.94
N ASN A 12 -4.43 24.22 -9.57
CA ASN A 12 -3.20 23.53 -9.96
C ASN A 12 -3.39 22.70 -11.22
N LYS A 13 -4.53 22.93 -11.89
CA LYS A 13 -4.85 22.26 -13.14
C LYS A 13 -4.92 20.74 -13.08
N SER A 14 -5.40 20.20 -11.97
CA SER A 14 -5.57 18.76 -11.79
C SER A 14 -7.06 18.43 -11.95
N ASP A 15 -7.38 17.48 -12.83
CA ASP A 15 -8.77 17.08 -13.06
C ASP A 15 -9.38 16.42 -11.83
N LEU A 16 -10.67 16.63 -11.63
CA LEU A 16 -11.37 16.04 -10.50
C LEU A 16 -11.81 14.63 -10.89
N GLU A 17 -12.15 13.83 -9.88
CA GLU A 17 -12.64 12.48 -10.11
C GLU A 17 -14.13 12.70 -10.37
N ILE A 18 -14.81 11.70 -10.91
CA ILE A 18 -16.24 11.85 -11.17
C ILE A 18 -17.05 12.20 -9.92
N ASN A 19 -16.88 11.39 -8.87
CA ASN A 19 -17.62 11.62 -7.64
C ASN A 19 -17.33 12.99 -7.02
N GLU A 20 -16.09 13.45 -7.16
CA GLU A 20 -15.69 14.76 -6.64
C GLU A 20 -16.47 15.86 -7.34
N ALA A 21 -16.42 15.84 -8.67
CA ALA A 21 -17.11 16.82 -9.49
C ALA A 21 -18.62 16.75 -9.25
N GLU A 22 -19.14 15.55 -9.03
CA GLU A 22 -20.57 15.42 -8.82
C GLU A 22 -21.03 16.02 -7.49
N GLU A 23 -20.22 15.85 -6.45
CA GLU A 23 -20.58 16.41 -5.15
C GLU A 23 -20.38 17.92 -5.18
N LEU A 24 -19.36 18.37 -5.91
CA LEU A 24 -19.08 19.79 -6.04
C LEU A 24 -20.29 20.44 -6.73
N ALA A 25 -20.68 19.87 -7.87
CA ALA A 25 -21.80 20.37 -8.64
C ALA A 25 -23.09 20.37 -7.81
N LYS A 26 -23.32 19.31 -7.04
CA LYS A 26 -24.53 19.23 -6.23
C LYS A 26 -24.60 20.35 -5.21
N ALA A 27 -23.48 20.58 -4.51
CA ALA A 27 -23.41 21.63 -3.50
C ALA A 27 -23.66 22.99 -4.16
N ILE A 28 -23.04 23.22 -5.31
CA ILE A 28 -23.22 24.48 -6.00
C ILE A 28 -24.67 24.72 -6.43
N ILE A 29 -25.25 23.70 -7.04
CA ILE A 29 -26.62 23.81 -7.53
C ILE A 29 -27.61 23.93 -6.38
N ARG A 30 -27.27 23.31 -5.25
CA ARG A 30 -28.14 23.38 -4.08
C ARG A 30 -27.98 24.74 -3.40
N GLY A 31 -27.02 25.54 -3.89
CA GLY A 31 -26.80 26.86 -3.33
C GLY A 31 -26.12 26.85 -1.96
N GLU A 32 -25.32 25.81 -1.70
CA GLU A 32 -24.62 25.74 -0.42
C GLU A 32 -23.20 26.31 -0.51
N VAL A 33 -22.84 26.85 -1.67
CA VAL A 33 -21.52 27.42 -1.87
C VAL A 33 -21.55 28.93 -2.07
N PRO A 34 -20.73 29.68 -1.32
CA PRO A 34 -20.70 31.15 -1.44
C PRO A 34 -20.46 31.57 -2.90
N GLU A 35 -21.16 32.60 -3.36
CA GLU A 35 -21.01 33.06 -4.74
C GLU A 35 -19.54 33.29 -5.13
N ILE A 36 -18.77 33.86 -4.20
CA ILE A 36 -17.35 34.13 -4.45
C ILE A 36 -16.63 32.85 -4.82
N LEU A 37 -16.98 31.75 -4.15
CA LEU A 37 -16.34 30.45 -4.42
C LEU A 37 -16.93 29.77 -5.66
N VAL A 38 -18.21 29.99 -5.94
CA VAL A 38 -18.81 29.39 -7.13
C VAL A 38 -18.13 30.04 -8.35
N SER A 39 -17.96 31.35 -8.29
CA SER A 39 -17.31 32.11 -9.37
C SER A 39 -15.89 31.59 -9.58
N ALA A 40 -15.14 31.44 -8.48
CA ALA A 40 -13.77 30.94 -8.55
C ALA A 40 -13.71 29.58 -9.22
N ILE A 41 -14.59 28.69 -8.79
CA ILE A 41 -14.64 27.34 -9.30
C ILE A 41 -14.97 27.25 -10.80
N LEU A 42 -15.92 28.06 -11.27
CA LEU A 42 -16.28 28.04 -12.66
C LEU A 42 -15.16 28.60 -13.53
N VAL A 43 -14.46 29.62 -13.03
CA VAL A 43 -13.37 30.20 -13.79
C VAL A 43 -12.19 29.24 -13.83
N ALA A 44 -11.90 28.57 -12.71
CA ALA A 44 -10.79 27.63 -12.65
C ALA A 44 -11.01 26.45 -13.60
N LEU A 45 -12.24 25.94 -13.63
CA LEU A 45 -12.65 24.84 -14.49
C LEU A 45 -12.52 25.24 -15.96
N ARG A 46 -12.94 26.46 -16.28
CA ARG A 46 -12.87 27.00 -17.64
C ARG A 46 -11.41 27.15 -18.11
N MET A 47 -10.56 27.71 -17.27
CA MET A 47 -9.17 27.92 -17.64
C MET A 47 -8.32 26.67 -17.66
N LYS A 48 -8.62 25.74 -16.77
CA LYS A 48 -7.89 24.49 -16.77
C LYS A 48 -8.35 23.71 -18.00
N GLY A 49 -9.64 23.87 -18.32
CA GLY A 49 -10.24 23.16 -19.42
C GLY A 49 -10.96 22.00 -18.78
N GLU A 50 -12.29 21.93 -18.87
CA GLU A 50 -13.01 20.84 -18.22
C GLU A 50 -12.71 19.46 -18.80
N SER A 51 -12.60 18.48 -17.92
CA SER A 51 -12.32 17.11 -18.33
C SER A 51 -13.58 16.27 -18.42
N LYS A 52 -13.42 15.07 -18.96
CA LYS A 52 -14.51 14.14 -19.13
C LYS A 52 -15.22 13.86 -17.80
N ASN A 53 -14.45 13.58 -16.76
CA ASN A 53 -15.03 13.28 -15.45
C ASN A 53 -15.82 14.44 -14.88
N GLU A 54 -15.31 15.64 -15.06
CA GLU A 54 -16.00 16.83 -14.57
C GLU A 54 -17.31 17.04 -15.32
N ILE A 55 -17.35 16.66 -16.59
CA ILE A 55 -18.58 16.80 -17.36
C ILE A 55 -19.59 15.76 -16.85
N VAL A 56 -19.12 14.52 -16.72
CA VAL A 56 -19.96 13.44 -16.22
C VAL A 56 -20.50 13.78 -14.85
N GLY A 57 -19.61 14.19 -13.96
CA GLY A 57 -20.03 14.53 -12.61
C GLY A 57 -21.10 15.62 -12.54
N PHE A 58 -20.89 16.71 -13.28
CA PHE A 58 -21.86 17.80 -13.26
C PHE A 58 -23.20 17.40 -13.85
N ALA A 59 -23.17 16.64 -14.95
CA ALA A 59 -24.38 16.19 -15.60
C ALA A 59 -25.19 15.30 -14.66
N ARG A 60 -24.53 14.40 -13.94
CA ARG A 60 -25.26 13.54 -13.02
C ARG A 60 -25.88 14.39 -11.92
N ALA A 61 -25.17 15.44 -11.50
CA ALA A 61 -25.68 16.31 -10.45
C ALA A 61 -26.97 17.00 -10.91
N MET A 62 -26.96 17.59 -12.10
CA MET A 62 -28.16 18.28 -12.59
C MET A 62 -29.32 17.30 -12.79
N ARG A 63 -29.01 16.11 -13.29
CA ARG A 63 -30.04 15.10 -13.49
C ARG A 63 -30.73 14.80 -12.17
N GLU A 64 -29.94 14.53 -11.14
CA GLU A 64 -30.48 14.25 -9.83
C GLU A 64 -31.36 15.36 -9.27
N LEU A 65 -30.95 16.61 -9.46
CA LEU A 65 -31.70 17.74 -8.91
C LEU A 65 -32.78 18.30 -9.83
N ALA A 66 -32.94 17.73 -11.01
CA ALA A 66 -33.94 18.22 -11.96
C ALA A 66 -35.33 17.65 -11.68
N ILE A 67 -36.35 18.32 -12.22
CA ILE A 67 -37.72 17.83 -12.09
C ILE A 67 -37.77 16.79 -13.20
N LYS A 68 -38.09 15.55 -12.84
CA LYS A 68 -38.10 14.49 -13.84
C LYS A 68 -39.44 13.84 -14.12
N ILE A 69 -39.50 13.20 -15.28
CA ILE A 69 -40.64 12.42 -15.74
C ILE A 69 -39.90 11.23 -16.34
N ASP A 70 -40.60 10.15 -16.68
CA ASP A 70 -39.86 9.01 -17.21
C ASP A 70 -40.32 8.46 -18.54
N VAL A 71 -39.56 8.80 -19.58
CA VAL A 71 -39.84 8.35 -20.95
C VAL A 71 -38.49 8.00 -21.57
N PRO A 72 -37.78 7.01 -21.00
CA PRO A 72 -36.47 6.58 -21.50
C PRO A 72 -36.48 6.16 -22.97
N ASN A 73 -37.64 5.67 -23.43
CA ASN A 73 -37.83 5.22 -24.80
C ASN A 73 -37.90 6.36 -25.83
N ALA A 74 -37.95 7.59 -25.34
CA ALA A 74 -38.06 8.76 -26.21
C ALA A 74 -36.73 9.22 -26.78
N ILE A 75 -36.80 10.08 -27.79
CA ILE A 75 -35.61 10.64 -28.41
C ILE A 75 -35.67 12.17 -28.32
N ASP A 76 -34.51 12.81 -28.25
CA ASP A 76 -34.43 14.27 -28.19
C ASP A 76 -33.45 14.68 -29.31
N THR A 77 -33.63 15.88 -29.86
CA THR A 77 -32.76 16.34 -30.95
C THR A 77 -31.79 17.46 -30.58
N ALA A 78 -30.97 17.85 -31.55
CA ALA A 78 -29.97 18.91 -31.36
C ALA A 78 -30.63 20.28 -31.25
N GLY A 79 -29.87 21.34 -31.57
CA GLY A 79 -30.44 22.67 -31.49
C GLY A 79 -29.62 23.72 -32.20
N GLY A 84 -23.99 31.10 -33.30
CA GLY A 84 -25.35 31.45 -33.68
C GLY A 84 -25.40 32.13 -35.03
N LEU A 85 -25.34 31.33 -36.09
CA LEU A 85 -25.39 31.89 -37.43
C LEU A 85 -26.83 32.30 -37.76
N GLY A 86 -27.76 31.91 -36.88
CA GLY A 86 -29.15 32.28 -37.08
C GLY A 86 -29.97 31.38 -37.98
N THR A 87 -29.51 30.17 -38.25
CA THR A 87 -30.22 29.23 -39.10
C THR A 87 -31.53 28.82 -38.43
N VAL A 88 -32.53 28.50 -39.25
CA VAL A 88 -33.84 28.07 -38.75
C VAL A 88 -33.61 26.86 -37.82
N ASN A 89 -34.39 26.78 -36.74
CA ASN A 89 -34.25 25.69 -35.77
C ASN A 89 -34.86 24.38 -36.26
N VAL A 90 -34.12 23.67 -37.10
CA VAL A 90 -34.59 22.41 -37.65
C VAL A 90 -34.71 21.26 -36.66
N SER A 91 -34.03 21.36 -35.53
CA SER A 91 -34.12 20.31 -34.53
C SER A 91 -35.52 20.27 -33.94
N THR A 92 -36.20 21.40 -33.95
CA THR A 92 -37.57 21.47 -33.45
C THR A 92 -38.47 20.81 -34.49
N ALA A 93 -38.30 21.22 -35.76
CA ALA A 93 -39.11 20.65 -36.84
C ALA A 93 -38.84 19.15 -36.91
N SER A 94 -37.58 18.78 -36.81
CA SER A 94 -37.19 17.37 -36.85
C SER A 94 -37.90 16.61 -35.72
N ALA A 95 -37.98 17.24 -34.55
CA ALA A 95 -38.66 16.64 -33.39
C ALA A 95 -40.10 16.29 -33.76
N ILE A 96 -40.73 17.17 -34.55
CA ILE A 96 -42.10 16.96 -35.00
C ILE A 96 -42.22 15.70 -35.89
N LEU A 97 -41.33 15.59 -36.89
CA LEU A 97 -41.38 14.44 -37.80
C LEU A 97 -41.24 13.14 -37.03
N LEU A 98 -40.22 13.10 -36.17
CA LEU A 98 -39.94 11.92 -35.36
C LEU A 98 -41.11 11.48 -34.50
N SER A 99 -41.91 12.43 -34.01
CA SER A 99 -43.03 12.08 -33.15
C SER A 99 -44.06 11.21 -33.88
N LEU A 100 -43.91 11.08 -35.20
CA LEU A 100 -44.81 10.25 -35.99
C LEU A 100 -44.50 8.77 -35.75
N VAL A 101 -43.24 8.46 -35.45
CA VAL A 101 -42.85 7.07 -35.27
C VAL A 101 -42.16 6.72 -33.96
N ASN A 102 -42.14 7.63 -33.00
CA ASN A 102 -41.48 7.37 -31.72
C ASN A 102 -41.74 8.51 -30.74
N PRO A 103 -41.77 8.22 -29.44
CA PRO A 103 -42.01 9.33 -28.51
C PRO A 103 -40.85 10.33 -28.52
N VAL A 104 -41.21 11.61 -28.48
CA VAL A 104 -40.25 12.70 -28.49
C VAL A 104 -40.36 13.54 -27.23
N ALA A 105 -39.23 13.71 -26.54
CA ALA A 105 -39.13 14.51 -25.33
C ALA A 105 -38.10 15.62 -25.60
N LYS A 106 -38.55 16.67 -26.27
CA LYS A 106 -37.73 17.81 -26.66
C LYS A 106 -37.35 18.71 -25.49
N HIS A 107 -36.06 18.76 -25.18
CA HIS A 107 -35.54 19.56 -24.07
C HIS A 107 -34.92 20.84 -24.63
N GLY A 108 -35.44 22.00 -24.21
CA GLY A 108 -34.90 23.25 -24.72
C GLY A 108 -35.20 24.51 -23.91
N ASN A 109 -34.66 25.63 -24.38
CA ASN A 109 -34.86 26.92 -23.72
C ASN A 109 -35.10 27.97 -24.79
N ARG A 110 -35.37 29.19 -24.36
CA ARG A 110 -35.54 30.29 -25.30
C ARG A 110 -34.11 30.67 -25.62
N ALA A 111 -33.90 31.29 -26.77
CA ALA A 111 -32.56 31.69 -27.10
C ALA A 111 -32.34 33.07 -26.52
N VAL A 112 -31.09 33.46 -26.37
CA VAL A 112 -30.79 34.81 -25.90
C VAL A 112 -30.79 35.49 -27.26
N SER A 113 -30.10 34.82 -28.19
CA SER A 113 -29.89 35.23 -29.57
C SER A 113 -31.10 35.43 -30.49
N GLY A 114 -31.92 36.43 -30.18
CA GLY A 114 -33.06 36.79 -31.00
C GLY A 114 -34.12 35.81 -31.51
N LYS A 115 -34.59 34.93 -30.63
CA LYS A 115 -35.63 33.98 -30.99
C LYS A 115 -35.33 32.93 -32.04
N SER A 116 -34.33 32.10 -31.74
CA SER A 116 -33.95 31.02 -32.62
C SER A 116 -34.12 29.80 -31.74
N GLY A 117 -34.42 30.06 -30.46
CA GLY A 117 -34.60 29.00 -29.48
C GLY A 117 -35.79 28.12 -29.80
N SER A 118 -35.67 26.84 -29.48
CA SER A 118 -36.76 25.91 -29.73
C SER A 118 -38.02 26.35 -28.99
N ALA A 119 -37.86 26.98 -27.84
CA ALA A 119 -39.03 27.44 -27.08
C ALA A 119 -39.70 28.62 -27.77
N ASP A 120 -38.89 29.45 -28.44
CA ASP A 120 -39.43 30.61 -29.13
C ASP A 120 -40.20 30.15 -30.37
N VAL A 121 -39.63 29.21 -31.10
CA VAL A 121 -40.28 28.72 -32.31
C VAL A 121 -41.57 27.98 -31.95
N LEU A 122 -41.55 27.13 -30.92
CA LEU A 122 -42.76 26.42 -30.53
C LEU A 122 -43.85 27.38 -30.10
N GLU A 123 -43.46 28.43 -29.41
CA GLU A 123 -44.42 29.43 -28.95
C GLU A 123 -45.09 30.11 -30.14
N ALA A 124 -44.30 30.56 -31.11
CA ALA A 124 -44.82 31.23 -32.30
C ALA A 124 -45.75 30.30 -33.07
N LEU A 125 -45.52 29.00 -32.95
CA LEU A 125 -46.34 27.99 -33.62
C LEU A 125 -47.69 27.79 -32.91
N GLY A 126 -47.78 28.20 -31.65
CA GLY A 126 -49.01 28.04 -30.91
C GLY A 126 -48.93 27.07 -29.73
N TYR A 127 -47.78 26.40 -29.58
CA TYR A 127 -47.58 25.45 -28.49
C TYR A 127 -47.37 26.16 -27.15
N ASN A 128 -47.97 25.65 -26.08
CA ASN A 128 -47.80 26.26 -24.76
C ASN A 128 -46.52 25.62 -24.18
N ILE A 129 -45.40 26.33 -24.33
CA ILE A 129 -44.10 25.84 -23.91
C ILE A 129 -43.88 25.54 -22.42
N ILE A 130 -44.71 26.09 -21.55
CA ILE A 130 -44.58 25.82 -20.12
C ILE A 130 -45.53 24.68 -19.79
N VAL A 131 -44.97 23.48 -19.67
CA VAL A 131 -45.75 22.27 -19.39
C VAL A 131 -45.47 21.73 -18.00
N PRO A 132 -46.51 21.69 -17.14
CA PRO A 132 -46.31 21.16 -15.78
C PRO A 132 -45.87 19.71 -15.93
N PRO A 133 -44.94 19.25 -15.10
CA PRO A 133 -44.46 17.86 -15.18
C PRO A 133 -45.53 16.77 -15.16
N GLU A 134 -46.63 17.00 -14.44
CA GLU A 134 -47.69 15.98 -14.37
C GLU A 134 -48.38 15.85 -15.73
N ARG A 135 -48.58 16.98 -16.39
CA ARG A 135 -49.21 16.98 -17.69
C ARG A 135 -48.25 16.48 -18.75
N ALA A 136 -46.95 16.60 -18.47
CA ALA A 136 -45.91 16.20 -19.41
C ALA A 136 -46.00 14.78 -19.92
N LYS A 137 -46.05 13.79 -19.03
CA LYS A 137 -46.10 12.42 -19.50
C LYS A 137 -47.41 12.09 -20.19
N GLU A 138 -48.49 12.73 -19.77
CA GLU A 138 -49.77 12.48 -20.42
C GLU A 138 -49.74 12.96 -21.88
N LEU A 139 -49.12 14.11 -22.12
CA LEU A 139 -49.03 14.62 -23.48
C LEU A 139 -48.22 13.70 -24.39
N VAL A 140 -47.14 13.10 -23.85
CA VAL A 140 -46.31 12.19 -24.63
C VAL A 140 -47.11 10.94 -24.93
N ASN A 141 -47.81 10.44 -23.91
CA ASN A 141 -48.63 9.25 -24.08
C ASN A 141 -49.67 9.45 -25.17
N LYS A 142 -50.37 10.57 -25.10
CA LYS A 142 -51.43 10.88 -26.07
C LYS A 142 -51.00 11.40 -27.45
N THR A 143 -49.93 12.17 -27.51
CA THR A 143 -49.50 12.72 -28.81
C THR A 143 -48.08 12.39 -29.23
N ASN A 144 -47.37 11.60 -28.43
CA ASN A 144 -46.00 11.19 -28.73
C ASN A 144 -44.96 12.32 -28.74
N PHE A 145 -45.32 13.47 -28.19
CA PHE A 145 -44.40 14.61 -28.17
C PHE A 145 -44.64 15.51 -26.96
N VAL A 146 -43.58 16.09 -26.44
CA VAL A 146 -43.70 17.03 -25.34
C VAL A 146 -42.43 17.86 -25.29
N PHE A 147 -42.59 19.15 -25.02
CA PHE A 147 -41.46 20.04 -24.93
C PHE A 147 -41.20 20.32 -23.45
N LEU A 148 -39.95 20.14 -23.05
CA LEU A 148 -39.55 20.34 -21.66
C LEU A 148 -38.70 21.61 -21.59
N PHE A 149 -39.34 22.71 -21.19
CA PHE A 149 -38.67 24.01 -21.07
C PHE A 149 -37.65 23.89 -19.94
N ALA A 150 -36.36 23.81 -20.32
CA ALA A 150 -35.24 23.63 -19.39
C ALA A 150 -35.28 24.48 -18.12
N GLN A 151 -35.39 25.77 -18.34
CA GLN A 151 -35.47 26.77 -17.30
C GLN A 151 -36.43 26.34 -16.18
N TYR A 152 -37.55 25.71 -16.54
CA TYR A 152 -38.52 25.27 -15.53
C TYR A 152 -38.31 23.85 -15.03
N TYR A 153 -37.65 23.01 -15.81
CA TYR A 153 -37.41 21.65 -15.34
C TYR A 153 -36.11 21.52 -14.55
N HIS A 154 -35.35 22.61 -14.50
CA HIS A 154 -34.10 22.66 -13.75
C HIS A 154 -34.14 23.88 -12.86
N PRO A 155 -35.18 24.01 -12.01
CA PRO A 155 -35.38 25.14 -11.11
C PRO A 155 -34.20 25.45 -10.17
N ALA A 156 -33.47 24.42 -9.75
CA ALA A 156 -32.36 24.63 -8.83
C ALA A 156 -31.24 25.48 -9.47
N MET A 157 -31.25 25.60 -10.79
CA MET A 157 -30.22 26.40 -11.46
C MET A 157 -30.35 27.88 -11.10
N LYS A 158 -31.44 28.23 -10.42
CA LYS A 158 -31.65 29.61 -9.99
C LYS A 158 -30.55 29.96 -8.99
N ASN A 159 -29.98 28.94 -8.32
CA ASN A 159 -28.94 29.16 -7.32
C ASN A 159 -27.57 29.49 -7.89
N VAL A 160 -27.45 29.47 -9.21
CA VAL A 160 -26.18 29.79 -9.86
C VAL A 160 -26.41 30.92 -10.87
N ALA A 161 -27.65 31.38 -11.01
CA ALA A 161 -27.98 32.42 -11.96
C ALA A 161 -27.18 33.72 -11.80
N ASN A 162 -27.13 34.25 -10.58
CA ASN A 162 -26.40 35.49 -10.34
C ASN A 162 -24.93 35.38 -10.72
N VAL A 163 -24.28 34.27 -10.35
CA VAL A 163 -22.88 34.11 -10.68
C VAL A 163 -22.72 34.02 -12.18
N ARG A 164 -23.60 33.27 -12.82
CA ARG A 164 -23.55 33.10 -14.27
C ARG A 164 -23.73 34.41 -15.05
N LYS A 165 -24.73 35.19 -14.67
CA LYS A 165 -24.96 36.45 -15.36
C LYS A 165 -23.81 37.45 -15.13
N THR A 166 -23.38 37.59 -13.88
CA THR A 166 -22.33 38.51 -13.53
C THR A 166 -21.01 38.15 -14.22
N LEU A 167 -20.69 36.86 -14.27
CA LEU A 167 -19.47 36.42 -14.95
C LEU A 167 -19.59 36.76 -16.42
N GLY A 168 -20.77 36.53 -16.99
CA GLY A 168 -20.99 36.83 -18.39
C GLY A 168 -20.27 35.96 -19.40
N ILE A 169 -19.44 35.03 -18.95
CA ILE A 169 -18.70 34.16 -19.86
C ILE A 169 -19.29 32.76 -19.87
N ARG A 170 -18.86 31.96 -20.84
CA ARG A 170 -19.31 30.57 -20.95
C ARG A 170 -18.63 29.74 -19.87
N THR A 171 -19.38 28.85 -19.22
CA THR A 171 -18.81 27.98 -18.19
C THR A 171 -19.21 26.54 -18.48
N ILE A 172 -18.83 25.63 -17.59
CA ILE A 172 -19.16 24.24 -17.78
C ILE A 172 -20.68 24.06 -17.99
N PHE A 173 -21.49 24.88 -17.33
CA PHE A 173 -22.94 24.76 -17.47
C PHE A 173 -23.50 24.99 -18.88
N ASN A 174 -22.77 25.72 -19.73
CA ASN A 174 -23.24 25.98 -21.07
C ASN A 174 -23.21 24.82 -22.07
N ILE A 175 -22.54 23.72 -21.71
CA ILE A 175 -22.47 22.59 -22.62
C ILE A 175 -23.16 21.33 -22.09
N LEU A 176 -23.80 21.43 -20.94
CA LEU A 176 -24.46 20.28 -20.32
C LEU A 176 -25.91 20.08 -20.72
N GLY A 177 -26.55 21.12 -21.22
CA GLY A 177 -27.95 21.06 -21.62
C GLY A 177 -28.44 19.79 -22.27
N PRO A 178 -27.78 19.34 -23.35
CA PRO A 178 -28.26 18.10 -23.99
C PRO A 178 -27.99 16.80 -23.25
N LEU A 179 -27.16 16.85 -22.22
CA LEU A 179 -26.84 15.67 -21.44
C LEU A 179 -27.73 15.62 -20.21
N THR A 180 -28.71 16.53 -20.16
CA THR A 180 -29.59 16.60 -19.01
C THR A 180 -31.09 16.59 -19.31
N ASN A 181 -31.49 15.84 -20.34
CA ASN A 181 -32.90 15.77 -20.70
C ASN A 181 -33.70 15.27 -19.47
N PRO A 182 -34.68 16.07 -19.03
CA PRO A 182 -35.55 15.79 -17.87
C PRO A 182 -36.41 14.52 -17.98
N ALA A 183 -36.57 14.00 -19.18
CA ALA A 183 -37.38 12.80 -19.40
C ALA A 183 -36.51 11.55 -19.44
N ASN A 184 -35.21 11.73 -19.27
CA ASN A 184 -34.28 10.62 -19.29
C ASN A 184 -34.34 9.83 -20.61
N ALA A 185 -34.53 10.56 -21.71
CA ALA A 185 -34.59 9.95 -23.03
C ALA A 185 -33.26 9.25 -23.34
N LYS A 186 -33.34 7.98 -23.72
CA LYS A 186 -32.14 7.19 -24.01
C LYS A 186 -31.58 7.35 -25.42
N TYR A 187 -32.36 7.96 -26.31
CA TYR A 187 -31.91 8.19 -27.68
C TYR A 187 -31.82 9.70 -27.83
N GLN A 188 -30.70 10.14 -28.41
CA GLN A 188 -30.45 11.57 -28.55
C GLN A 188 -29.53 11.93 -29.72
N LEU A 189 -29.77 13.10 -30.28
CA LEU A 189 -28.98 13.65 -31.36
C LEU A 189 -28.56 15.02 -30.81
N MET A 190 -27.30 15.18 -30.43
CA MET A 190 -26.87 16.46 -29.89
C MET A 190 -25.73 17.13 -30.64
N GLY A 191 -25.90 18.42 -30.92
CA GLY A 191 -24.87 19.14 -31.63
C GLY A 191 -23.93 19.82 -30.66
N VAL A 192 -22.70 20.03 -31.10
CA VAL A 192 -21.66 20.67 -30.31
C VAL A 192 -21.19 21.87 -31.15
N PHE A 193 -20.55 22.85 -30.52
CA PHE A 193 -20.11 24.00 -31.29
C PHE A 193 -18.65 24.01 -31.69
N SER A 194 -17.97 22.88 -31.52
CA SER A 194 -16.56 22.78 -31.90
C SER A 194 -16.12 21.32 -31.96
N LYS A 195 -15.14 21.04 -32.80
CA LYS A 195 -14.62 19.69 -32.95
C LYS A 195 -13.98 19.17 -31.66
N ASP A 196 -13.46 20.08 -30.84
CA ASP A 196 -12.84 19.67 -29.58
C ASP A 196 -13.88 19.19 -28.60
N HIS A 197 -15.11 19.70 -28.75
CA HIS A 197 -16.20 19.29 -27.88
C HIS A 197 -16.70 17.92 -28.31
N LEU A 198 -16.60 17.63 -29.61
CA LEU A 198 -17.04 16.34 -30.12
C LEU A 198 -16.35 15.22 -29.36
N ASP A 199 -15.03 15.29 -29.31
CA ASP A 199 -14.23 14.29 -28.63
C ASP A 199 -14.59 14.17 -27.14
N LEU A 200 -14.50 15.28 -26.42
CA LEU A 200 -14.78 15.28 -24.99
C LEU A 200 -16.23 14.96 -24.60
N LEU A 201 -17.19 15.59 -25.26
CA LEU A 201 -18.59 15.34 -24.93
C LEU A 201 -19.03 13.93 -25.30
N SER A 202 -18.41 13.33 -26.30
CA SER A 202 -18.76 11.97 -26.69
C SER A 202 -18.25 11.01 -25.62
N LYS A 203 -17.01 11.25 -25.15
CA LYS A 203 -16.43 10.40 -24.11
C LYS A 203 -17.21 10.59 -22.80
N SER A 204 -17.80 11.77 -22.62
CA SER A 204 -18.58 12.03 -21.42
C SER A 204 -19.92 11.31 -21.60
N ALA A 205 -20.49 11.41 -22.78
CA ALA A 205 -21.76 10.77 -23.09
C ALA A 205 -21.67 9.27 -22.93
N TYR A 206 -20.54 8.71 -23.36
CA TYR A 206 -20.29 7.29 -23.27
C TYR A 206 -20.54 6.76 -21.87
N GLU A 207 -20.31 7.59 -20.87
CA GLU A 207 -20.52 7.19 -19.49
C GLU A 207 -21.76 7.78 -18.86
N LEU A 208 -22.66 8.30 -19.68
CA LEU A 208 -23.89 8.90 -19.17
C LEU A 208 -25.13 8.03 -19.40
N ASP A 209 -24.89 6.74 -19.62
CA ASP A 209 -25.92 5.73 -19.81
C ASP A 209 -27.00 5.96 -20.87
N PHE A 210 -26.61 6.20 -22.11
CA PHE A 210 -27.58 6.37 -23.20
C PHE A 210 -27.64 5.05 -23.96
N ASN A 211 -28.76 4.76 -24.62
CA ASN A 211 -28.82 3.55 -25.44
C ASN A 211 -28.00 3.95 -26.67
N LYS A 212 -28.37 5.08 -27.28
CA LYS A 212 -27.63 5.58 -28.42
C LYS A 212 -27.73 7.09 -28.57
N ILE A 213 -26.57 7.74 -28.59
CA ILE A 213 -26.51 9.19 -28.73
C ILE A 213 -25.47 9.52 -29.78
N ILE A 214 -25.88 10.30 -30.77
CA ILE A 214 -24.99 10.70 -31.84
C ILE A 214 -24.68 12.18 -31.66
N LEU A 215 -23.39 12.51 -31.63
CA LEU A 215 -22.96 13.89 -31.48
C LEU A 215 -22.52 14.41 -32.85
N VAL A 216 -22.96 15.62 -33.18
CA VAL A 216 -22.61 16.19 -34.46
C VAL A 216 -22.12 17.62 -34.41
N TYR A 217 -21.22 17.92 -35.34
CA TYR A 217 -20.66 19.23 -35.53
C TYR A 217 -20.74 19.46 -37.03
N GLY A 218 -21.51 20.44 -37.46
CA GLY A 218 -21.64 20.69 -38.87
C GLY A 218 -21.04 22.00 -39.36
N GLU A 219 -20.41 21.96 -40.54
CA GLU A 219 -19.80 23.15 -41.11
C GLU A 219 -20.92 24.12 -41.50
N PRO A 220 -20.65 25.44 -41.48
CA PRO A 220 -19.39 26.09 -41.13
C PRO A 220 -19.20 26.35 -39.64
N GLY A 221 -20.03 25.72 -38.83
CA GLY A 221 -19.97 25.90 -37.39
C GLY A 221 -21.39 25.95 -36.86
N ILE A 222 -22.01 24.79 -36.82
CA ILE A 222 -23.38 24.64 -36.36
C ILE A 222 -23.49 23.36 -35.52
N ASP A 223 -24.36 23.39 -34.52
CA ASP A 223 -24.57 22.23 -33.65
C ASP A 223 -25.69 21.36 -34.24
N GLU A 224 -25.52 21.00 -35.51
CA GLU A 224 -26.48 20.17 -36.23
C GLU A 224 -25.82 19.54 -37.44
N VAL A 225 -26.59 18.79 -38.22
CA VAL A 225 -26.07 18.14 -39.42
C VAL A 225 -25.86 19.24 -40.47
N SER A 226 -24.69 19.25 -41.10
CA SER A 226 -24.35 20.26 -42.08
C SER A 226 -25.10 20.22 -43.41
N PRO A 227 -25.72 21.35 -43.78
CA PRO A 227 -26.48 21.47 -45.03
C PRO A 227 -25.60 22.00 -46.17
N ILE A 228 -24.37 22.41 -45.87
CA ILE A 228 -23.49 22.95 -46.90
C ILE A 228 -22.30 22.07 -47.23
N GLY A 229 -21.82 21.32 -46.23
CA GLY A 229 -20.68 20.46 -46.46
C GLY A 229 -20.57 19.27 -45.53
N ASN A 230 -19.47 19.19 -44.79
CA ASN A 230 -19.23 18.09 -43.87
C ASN A 230 -19.84 18.24 -42.49
N THR A 231 -20.06 17.09 -41.87
CA THR A 231 -20.63 16.99 -40.54
C THR A 231 -19.73 15.97 -39.87
N PHE A 232 -19.04 16.38 -38.80
CA PHE A 232 -18.18 15.45 -38.08
C PHE A 232 -19.04 14.86 -36.98
N MET A 233 -19.13 13.55 -36.99
CA MET A 233 -19.99 12.82 -36.09
C MET A 233 -19.37 11.72 -35.25
N LYS A 234 -20.00 11.44 -34.11
CA LYS A 234 -19.57 10.39 -33.21
C LYS A 234 -20.81 9.64 -32.73
N ILE A 235 -20.82 8.33 -32.90
CA ILE A 235 -21.95 7.51 -32.47
C ILE A 235 -21.56 6.75 -31.21
N VAL A 236 -22.25 7.09 -30.12
CA VAL A 236 -22.03 6.53 -28.80
C VAL A 236 -23.11 5.52 -28.43
N SER A 237 -22.68 4.39 -27.88
CA SER A 237 -23.59 3.33 -27.45
C SER A 237 -22.83 2.47 -26.44
N LYS A 238 -23.50 1.47 -25.87
CA LYS A 238 -22.87 0.60 -24.89
C LYS A 238 -21.64 -0.06 -25.50
N ARG A 239 -21.59 -0.09 -26.83
CA ARG A 239 -20.49 -0.74 -27.54
C ARG A 239 -19.33 0.17 -27.92
N GLY A 240 -19.29 1.38 -27.38
CA GLY A 240 -18.19 2.26 -27.70
C GLY A 240 -18.55 3.51 -28.48
N ILE A 241 -17.52 4.16 -29.02
CA ILE A 241 -17.69 5.39 -29.78
C ILE A 241 -17.16 5.25 -31.20
N GLU A 242 -18.02 5.46 -32.18
CA GLU A 242 -17.61 5.35 -33.57
C GLU A 242 -17.41 6.72 -34.18
N GLU A 243 -16.34 6.86 -34.97
CA GLU A 243 -16.06 8.11 -35.65
C GLU A 243 -16.74 7.97 -37.01
N VAL A 244 -17.44 9.02 -37.43
CA VAL A 244 -18.12 9.00 -38.71
C VAL A 244 -18.10 10.38 -39.34
N LYS A 245 -17.76 10.43 -40.63
CA LYS A 245 -17.73 11.68 -41.36
C LYS A 245 -18.85 11.59 -42.39
N LEU A 246 -19.43 12.72 -42.75
CA LEU A 246 -20.55 12.73 -43.68
C LEU A 246 -20.62 14.06 -44.43
N ASN A 247 -21.06 14.00 -45.69
CA ASN A 247 -21.19 15.21 -46.49
C ASN A 247 -22.66 15.30 -46.91
N VAL A 248 -23.21 16.51 -46.93
CA VAL A 248 -24.60 16.68 -47.32
C VAL A 248 -24.91 15.95 -48.63
N THR A 249 -23.92 15.89 -49.52
CA THR A 249 -24.10 15.21 -50.80
C THR A 249 -24.40 13.72 -50.62
N ASP A 250 -23.91 13.13 -49.54
CA ASP A 250 -24.17 11.72 -49.27
C ASP A 250 -25.68 11.49 -49.18
N PHE A 251 -26.40 12.46 -48.63
CA PHE A 251 -27.85 12.34 -48.52
C PHE A 251 -28.44 12.43 -49.91
N GLY A 252 -27.57 12.47 -50.92
CA GLY A 252 -28.00 12.56 -52.30
C GLY A 252 -28.58 13.90 -52.71
N ILE A 253 -28.09 14.99 -52.12
CA ILE A 253 -28.59 16.32 -52.48
C ILE A 253 -27.46 17.30 -52.76
N SER A 254 -27.84 18.46 -53.28
CA SER A 254 -26.88 19.53 -53.57
C SER A 254 -26.77 20.43 -52.34
N PRO A 255 -25.54 20.89 -52.02
CA PRO A 255 -25.36 21.76 -50.85
C PRO A 255 -26.35 22.93 -50.87
N ILE A 256 -27.04 23.15 -49.75
CA ILE A 256 -28.00 24.25 -49.67
C ILE A 256 -27.30 25.54 -49.28
N PRO A 257 -27.60 26.63 -49.99
CA PRO A 257 -26.97 27.91 -49.66
C PRO A 257 -27.46 28.36 -48.30
N ILE A 258 -26.54 28.48 -47.35
CA ILE A 258 -26.89 28.87 -45.99
C ILE A 258 -27.79 30.09 -45.89
N GLU A 259 -27.69 31.01 -46.84
CA GLU A 259 -28.52 32.21 -46.83
C GLU A 259 -30.01 31.87 -46.83
N LYS A 260 -30.35 30.76 -47.46
CA LYS A 260 -31.75 30.35 -47.54
C LYS A 260 -32.25 29.67 -46.27
N LEU A 261 -31.35 29.49 -45.30
CA LEU A 261 -31.71 28.84 -44.04
C LEU A 261 -31.71 29.80 -42.84
N ILE A 262 -31.20 31.01 -43.04
CA ILE A 262 -31.12 31.98 -41.96
C ILE A 262 -32.41 32.78 -41.76
N VAL A 263 -32.85 32.88 -40.50
CA VAL A 263 -34.06 33.61 -40.16
C VAL A 263 -33.68 34.67 -39.14
N ASN A 264 -34.55 35.65 -38.92
CA ASN A 264 -34.23 36.67 -37.93
C ASN A 264 -35.41 37.04 -37.02
N SER A 265 -36.19 36.03 -36.66
CA SER A 265 -37.33 36.19 -35.76
C SER A 265 -37.93 34.82 -35.51
N ALA A 266 -38.62 34.67 -34.37
CA ALA A 266 -39.25 33.40 -34.03
C ALA A 266 -40.36 33.12 -35.02
N GLU A 267 -41.18 34.13 -35.29
CA GLU A 267 -42.28 33.94 -36.22
C GLU A 267 -41.76 33.54 -37.60
N ASP A 268 -40.64 34.12 -38.02
CA ASP A 268 -40.07 33.81 -39.34
C ASP A 268 -39.57 32.37 -39.36
N SER A 269 -39.04 31.90 -38.23
CA SER A 269 -38.56 30.53 -38.17
C SER A 269 -39.79 29.61 -38.24
N ALA A 270 -40.87 30.00 -37.58
CA ALA A 270 -42.11 29.22 -37.58
C ALA A 270 -42.65 29.13 -38.99
N ILE A 271 -42.71 30.27 -39.68
CA ILE A 271 -43.21 30.33 -41.05
C ILE A 271 -42.41 29.44 -41.98
N LYS A 272 -41.08 29.48 -41.88
CA LYS A 272 -40.23 28.67 -42.74
C LYS A 272 -40.38 27.16 -42.50
N ILE A 273 -40.65 26.79 -41.26
CA ILE A 273 -40.82 25.38 -40.94
C ILE A 273 -42.12 24.89 -41.56
N VAL A 274 -43.18 25.66 -41.39
CA VAL A 274 -44.49 25.34 -41.93
C VAL A 274 -44.45 25.29 -43.46
N ARG A 275 -43.78 26.28 -44.06
CA ARG A 275 -43.67 26.28 -45.52
C ARG A 275 -43.00 24.98 -45.94
N ALA A 276 -41.95 24.58 -45.22
CA ALA A 276 -41.26 23.34 -45.52
C ALA A 276 -42.27 22.19 -45.49
N PHE A 277 -43.03 22.11 -44.40
CA PHE A 277 -44.06 21.07 -44.22
C PHE A 277 -45.06 21.11 -45.38
N LEU A 278 -45.41 22.32 -45.82
CA LEU A 278 -46.36 22.54 -46.91
C LEU A 278 -45.78 22.28 -48.30
N GLY A 279 -44.48 22.00 -48.37
CA GLY A 279 -43.84 21.77 -49.66
C GLY A 279 -43.47 23.06 -50.36
N LYS A 280 -43.58 24.19 -49.65
CA LYS A 280 -43.28 25.50 -50.22
C LYS A 280 -41.87 26.05 -49.98
N ASP A 281 -41.01 25.29 -49.29
CA ASP A 281 -39.63 25.73 -49.06
C ASP A 281 -38.75 24.48 -49.02
N GLU A 282 -38.40 24.01 -50.20
CA GLU A 282 -37.60 22.82 -50.36
C GLU A 282 -36.24 22.82 -49.65
N HIS A 283 -35.55 23.96 -49.62
CA HIS A 283 -34.24 24.03 -48.96
C HIS A 283 -34.34 23.77 -47.45
N VAL A 284 -35.36 24.36 -46.82
CA VAL A 284 -35.56 24.16 -45.39
C VAL A 284 -35.97 22.70 -45.17
N ALA A 285 -36.91 22.23 -45.99
CA ALA A 285 -37.38 20.84 -45.90
C ALA A 285 -36.19 19.90 -45.99
N GLU A 286 -35.22 20.23 -46.85
CA GLU A 286 -34.03 19.40 -47.00
C GLU A 286 -33.18 19.40 -45.72
N PHE A 287 -33.03 20.59 -45.13
CA PHE A 287 -32.25 20.77 -43.90
C PHE A 287 -32.88 19.95 -42.78
N ILE A 288 -34.21 19.94 -42.75
CA ILE A 288 -34.96 19.19 -41.77
C ILE A 288 -34.71 17.68 -41.96
N LYS A 289 -34.87 17.22 -43.20
CA LYS A 289 -34.69 15.79 -43.51
C LYS A 289 -33.33 15.19 -43.22
N ILE A 290 -32.25 15.91 -43.54
CA ILE A 290 -30.94 15.35 -43.28
C ILE A 290 -30.67 15.22 -41.78
N ASN A 291 -31.29 16.09 -41.00
CA ASN A 291 -31.13 16.03 -39.54
C ASN A 291 -32.01 14.89 -39.03
N THR A 292 -33.23 14.82 -39.56
CA THR A 292 -34.15 13.77 -39.17
C THR A 292 -33.55 12.42 -39.54
N ALA A 293 -32.81 12.38 -40.65
CA ALA A 293 -32.18 11.16 -41.13
C ALA A 293 -31.18 10.57 -40.13
N VAL A 294 -30.34 11.42 -39.53
CA VAL A 294 -29.37 10.92 -38.56
C VAL A 294 -30.09 10.46 -37.28
N ALA A 295 -31.11 11.20 -36.87
CA ALA A 295 -31.86 10.83 -35.67
C ALA A 295 -32.53 9.46 -35.89
N LEU A 296 -33.08 9.29 -37.08
CA LEU A 296 -33.73 8.04 -37.46
C LEU A 296 -32.72 6.89 -37.37
N PHE A 297 -31.46 7.19 -37.67
CA PHE A 297 -30.42 6.18 -37.59
C PHE A 297 -30.12 5.87 -36.12
N ALA A 298 -30.23 6.89 -35.27
CA ALA A 298 -29.99 6.72 -33.84
C ALA A 298 -31.01 5.77 -33.23
N LEU A 299 -32.25 5.84 -33.70
CA LEU A 299 -33.31 4.97 -33.21
C LEU A 299 -33.22 3.60 -33.86
N ASP A 300 -32.29 3.46 -34.79
CA ASP A 300 -32.10 2.22 -35.53
C ASP A 300 -33.35 1.82 -36.29
N ARG A 301 -34.01 2.82 -36.90
CA ARG A 301 -35.23 2.60 -37.69
C ARG A 301 -34.84 2.46 -39.16
N VAL A 302 -33.59 2.78 -39.46
CA VAL A 302 -33.06 2.67 -40.81
C VAL A 302 -31.65 2.13 -40.62
N GLY A 303 -31.06 1.59 -41.67
CA GLY A 303 -29.73 1.05 -41.54
C GLY A 303 -28.70 1.89 -42.27
N ASP A 304 -29.13 3.05 -42.73
CA ASP A 304 -28.24 3.94 -43.48
C ASP A 304 -28.82 5.37 -43.52
N PHE A 305 -27.95 6.37 -43.73
CA PHE A 305 -28.39 7.77 -43.75
C PHE A 305 -29.27 8.11 -44.94
N ARG A 306 -29.01 7.49 -46.09
CA ARG A 306 -29.81 7.72 -47.28
C ARG A 306 -31.24 7.21 -47.03
N GLU A 307 -31.34 6.03 -46.45
CA GLU A 307 -32.63 5.42 -46.14
C GLU A 307 -33.35 6.38 -45.19
N GLY A 308 -32.62 6.87 -44.19
CA GLY A 308 -33.19 7.80 -43.23
C GLY A 308 -33.70 9.03 -43.95
N TYR A 309 -32.97 9.47 -44.97
CA TYR A 309 -33.38 10.64 -45.73
C TYR A 309 -34.67 10.37 -46.49
N GLU A 310 -34.73 9.21 -47.15
CA GLU A 310 -35.92 8.82 -47.90
C GLU A 310 -37.11 8.65 -46.96
N TYR A 311 -36.84 8.07 -45.78
CA TYR A 311 -37.89 7.84 -44.79
C TYR A 311 -38.42 9.19 -44.31
N ALA A 312 -37.50 10.12 -44.07
CA ALA A 312 -37.84 11.45 -43.60
C ALA A 312 -38.74 12.21 -44.58
N ASP A 313 -38.68 11.89 -45.85
CA ASP A 313 -39.51 12.58 -46.82
C ASP A 313 -40.97 12.16 -46.64
N HIS A 314 -41.19 10.91 -46.23
CA HIS A 314 -42.54 10.42 -46.01
C HIS A 314 -43.10 11.09 -44.75
N LEU A 315 -42.26 11.17 -43.72
CA LEU A 315 -42.65 11.79 -42.46
C LEU A 315 -43.01 13.28 -42.60
N ILE A 316 -42.24 14.04 -43.36
CA ILE A 316 -42.51 15.47 -43.51
C ILE A 316 -43.88 15.76 -44.14
N GLU A 317 -44.33 14.89 -45.03
CA GLU A 317 -45.63 15.06 -45.69
C GLU A 317 -46.78 14.94 -44.69
N LYS A 318 -46.48 14.42 -43.50
CA LYS A 318 -47.50 14.24 -42.48
C LYS A 318 -47.27 15.07 -41.22
N SER A 319 -46.24 15.92 -41.25
CA SER A 319 -45.92 16.73 -40.07
C SER A 319 -46.79 17.92 -39.75
N LEU A 320 -47.38 18.57 -40.75
CA LEU A 320 -48.25 19.71 -40.45
C LEU A 320 -49.44 19.21 -39.66
N ASP A 321 -50.06 18.11 -40.12
CA ASP A 321 -51.20 17.53 -39.41
C ASP A 321 -50.81 17.09 -38.01
N LYS A 322 -49.64 16.47 -37.91
CA LYS A 322 -49.13 16.00 -36.61
C LYS A 322 -48.93 17.21 -35.68
N LEU A 323 -48.35 18.28 -36.22
CA LEU A 323 -48.12 19.48 -35.43
C LEU A 323 -49.46 19.97 -34.91
N ASN A 324 -50.47 19.94 -35.77
CA ASN A 324 -51.78 20.39 -35.37
C ASN A 324 -52.36 19.54 -34.22
N GLU A 325 -52.20 18.22 -34.28
CA GLU A 325 -52.74 17.39 -33.20
C GLU A 325 -52.01 17.75 -31.90
N ILE A 326 -50.69 17.86 -31.98
CA ILE A 326 -49.87 18.18 -30.81
C ILE A 326 -50.31 19.49 -30.15
N ILE A 327 -50.36 20.55 -30.93
CA ILE A 327 -50.73 21.87 -30.42
C ILE A 327 -52.15 21.92 -29.90
N SER A 328 -53.09 21.29 -30.60
CA SER A 328 -54.48 21.29 -30.17
C SER A 328 -54.62 20.76 -28.75
N MET A 329 -53.76 19.83 -28.38
CA MET A 329 -53.83 19.25 -27.05
C MET A 329 -53.08 20.10 -26.01
N ASN A 330 -52.21 20.97 -26.47
CA ASN A 330 -51.43 21.83 -25.58
C ASN A 330 -51.01 23.08 -26.36
N GLY A 331 -51.89 24.07 -26.37
CA GLY A 331 -51.60 25.28 -27.10
C GLY A 331 -52.81 25.85 -27.80
N ASP A 332 -52.57 26.75 -28.75
CA ASP A 332 -53.64 27.41 -29.49
C ASP A 332 -53.52 27.15 -30.99
N VAL A 333 -54.40 26.32 -31.54
CA VAL A 333 -54.36 26.00 -32.96
C VAL A 333 -54.74 27.16 -33.88
N THR A 334 -55.40 28.18 -33.34
CA THR A 334 -55.76 29.32 -34.18
C THR A 334 -54.46 30.03 -34.58
N LYS A 335 -53.51 30.07 -33.66
CA LYS A 335 -52.21 30.70 -33.94
C LYS A 335 -51.47 29.90 -35.00
N LEU A 336 -51.64 28.58 -34.98
CA LEU A 336 -50.99 27.74 -35.97
C LEU A 336 -51.62 28.00 -37.33
N LYS A 337 -52.94 28.18 -37.33
CA LYS A 337 -53.66 28.43 -38.56
C LYS A 337 -53.27 29.80 -39.11
N THR A 338 -52.97 30.74 -38.22
CA THR A 338 -52.56 32.06 -38.63
C THR A 338 -51.22 31.93 -39.35
N ILE A 339 -50.31 31.17 -38.74
CA ILE A 339 -48.99 30.93 -39.33
C ILE A 339 -49.11 30.16 -40.64
N VAL A 340 -50.09 29.25 -40.75
CA VAL A 340 -50.20 28.44 -41.95
C VAL A 340 -50.58 29.30 -43.14
N VAL A 341 -51.10 30.46 -42.86
CA VAL A 341 -51.75 31.11 -43.99
C VAL A 341 -50.81 31.57 -45.17
N LYS A 342 -50.44 30.47 -46.03
CA LYS A 342 -49.55 30.24 -47.26
C LYS A 342 -48.16 30.13 -46.82
N SER A 343 -48.09 30.84 -45.76
CA SER A 343 -46.92 31.17 -45.03
C SER A 343 -46.76 30.43 -43.70
N MET B 1 6.61 -44.52 24.19
CA MET B 1 6.07 -43.64 23.11
C MET B 1 6.09 -42.16 23.53
N ASN B 2 7.29 -41.60 23.64
CA ASN B 2 7.40 -40.19 24.01
C ASN B 2 7.74 -39.37 22.77
N ILE B 3 6.97 -38.32 22.55
CA ILE B 3 7.15 -37.45 21.41
C ILE B 3 8.54 -36.84 21.31
N ASN B 4 9.07 -36.40 22.44
CA ASN B 4 10.40 -35.80 22.42
C ASN B 4 11.47 -36.83 22.12
N GLU B 5 11.24 -38.08 22.47
CA GLU B 5 12.19 -39.14 22.17
C GLU B 5 12.15 -39.33 20.66
N ILE B 6 10.92 -39.38 20.12
CA ILE B 6 10.71 -39.55 18.70
C ILE B 6 11.31 -38.39 17.93
N LEU B 7 10.94 -37.17 18.30
CA LEU B 7 11.47 -35.99 17.63
C LEU B 7 13.01 -36.04 17.61
N LYS B 8 13.61 -36.25 18.78
CA LYS B 8 15.06 -36.34 18.86
C LYS B 8 15.56 -37.43 17.92
N LYS B 9 14.82 -38.53 17.85
CA LYS B 9 15.20 -39.62 16.98
C LYS B 9 15.14 -39.22 15.50
N LEU B 10 14.10 -38.49 15.13
CA LEU B 10 13.96 -38.04 13.74
C LEU B 10 15.02 -37.00 13.40
N ILE B 11 15.31 -36.12 14.34
CA ILE B 11 16.32 -35.10 14.11
C ILE B 11 17.68 -35.75 13.86
N ASN B 12 17.96 -36.85 14.54
CA ASN B 12 19.22 -37.54 14.32
C ASN B 12 19.11 -38.31 13.01
N LYS B 13 17.99 -38.11 12.33
CA LYS B 13 17.72 -38.73 11.04
C LYS B 13 17.74 -40.26 11.06
N SER B 14 17.05 -40.83 12.05
CA SER B 14 16.93 -42.27 12.19
C SER B 14 15.48 -42.65 11.94
N ASP B 15 15.26 -43.69 11.16
CA ASP B 15 13.89 -44.13 10.86
C ASP B 15 13.18 -44.65 12.10
N LEU B 16 11.85 -44.58 12.07
CA LEU B 16 11.03 -45.07 13.17
C LEU B 16 10.55 -46.46 12.81
N GLU B 17 10.12 -47.22 13.82
CA GLU B 17 9.60 -48.57 13.64
C GLU B 17 8.14 -48.36 13.26
N ILE B 18 7.51 -49.38 12.68
CA ILE B 18 6.12 -49.27 12.28
C ILE B 18 5.18 -48.87 13.42
N ASN B 19 5.09 -49.70 14.44
CA ASN B 19 4.22 -49.43 15.57
C ASN B 19 4.54 -48.10 16.23
N GLU B 20 5.82 -47.77 16.22
CA GLU B 20 6.31 -46.52 16.78
C GLU B 20 5.71 -45.37 15.97
N ALA B 21 5.93 -45.39 14.66
CA ALA B 21 5.39 -44.35 13.80
C ALA B 21 3.87 -44.34 13.88
N GLU B 22 3.29 -45.51 14.11
CA GLU B 22 1.83 -45.62 14.20
C GLU B 22 1.29 -44.95 15.45
N GLU B 23 1.97 -45.11 16.57
CA GLU B 23 1.53 -44.49 17.81
C GLU B 23 1.64 -42.97 17.71
N LEU B 24 2.69 -42.51 17.06
CA LEU B 24 2.89 -41.07 16.87
C LEU B 24 1.76 -40.51 16.02
N ALA B 25 1.51 -41.12 14.86
CA ALA B 25 0.45 -40.67 13.97
C ALA B 25 -0.89 -40.62 14.69
N LYS B 26 -1.16 -41.62 15.51
CA LYS B 26 -2.43 -41.64 16.24
C LYS B 26 -2.51 -40.46 17.21
N ALA B 27 -1.43 -40.25 17.94
CA ALA B 27 -1.36 -39.15 18.89
C ALA B 27 -1.62 -37.84 18.15
N ILE B 28 -0.93 -37.66 17.03
CA ILE B 28 -1.09 -36.44 16.25
C ILE B 28 -2.50 -36.30 15.70
N ILE B 29 -3.01 -37.34 15.05
CA ILE B 29 -4.36 -37.26 14.46
C ILE B 29 -5.42 -37.04 15.52
N ARG B 30 -5.16 -37.55 16.72
CA ARG B 30 -6.10 -37.41 17.83
C ARG B 30 -6.16 -36.01 18.42
N GLY B 31 -5.12 -35.20 18.16
CA GLY B 31 -5.10 -33.85 18.67
C GLY B 31 -4.47 -33.72 20.04
N GLU B 32 -3.67 -34.73 20.41
CA GLU B 32 -3.02 -34.73 21.71
C GLU B 32 -1.53 -34.42 21.60
N VAL B 33 -1.17 -33.61 20.62
CA VAL B 33 0.20 -33.20 20.42
C VAL B 33 0.15 -31.73 20.06
N PRO B 34 0.90 -30.89 20.79
CA PRO B 34 0.92 -29.45 20.52
C PRO B 34 1.24 -29.16 19.05
N GLU B 35 0.62 -28.13 18.51
CA GLU B 35 0.87 -27.78 17.12
C GLU B 35 2.37 -27.52 16.90
N ILE B 36 3.04 -26.95 17.90
CA ILE B 36 4.46 -26.69 17.79
C ILE B 36 5.23 -27.99 17.52
N LEU B 37 4.81 -29.07 18.18
CA LEU B 37 5.46 -30.37 18.02
C LEU B 37 5.00 -31.12 16.77
N VAL B 38 3.76 -30.91 16.34
CA VAL B 38 3.27 -31.57 15.13
C VAL B 38 4.09 -31.02 13.97
N SER B 39 4.22 -29.71 13.93
CA SER B 39 4.99 -29.02 12.90
C SER B 39 6.43 -29.53 12.85
N ALA B 40 7.06 -29.65 14.02
CA ALA B 40 8.43 -30.12 14.11
C ALA B 40 8.56 -31.55 13.58
N ILE B 41 7.66 -32.42 14.01
CA ILE B 41 7.69 -33.81 13.58
C ILE B 41 7.51 -33.92 12.06
N LEU B 42 6.50 -33.24 11.53
CA LEU B 42 6.25 -33.29 10.10
C LEU B 42 7.48 -32.80 9.32
N VAL B 43 8.10 -31.72 9.78
CA VAL B 43 9.29 -31.19 9.11
C VAL B 43 10.47 -32.14 9.25
N ALA B 44 10.66 -32.68 10.44
CA ALA B 44 11.76 -33.60 10.68
C ALA B 44 11.61 -34.80 9.74
N LEU B 45 10.39 -35.33 9.67
CA LEU B 45 10.09 -36.46 8.80
C LEU B 45 10.44 -36.15 7.34
N ARG B 46 9.93 -35.03 6.86
CA ARG B 46 10.20 -34.64 5.50
C ARG B 46 11.68 -34.48 5.16
N MET B 47 12.42 -33.76 5.99
CA MET B 47 13.84 -33.55 5.70
C MET B 47 14.70 -34.80 5.80
N LYS B 48 14.36 -35.71 6.69
CA LYS B 48 15.12 -36.95 6.79
C LYS B 48 14.78 -37.80 5.58
N GLY B 49 13.49 -37.84 5.27
CA GLY B 49 12.98 -38.64 4.17
C GLY B 49 12.13 -39.73 4.81
N GLU B 50 10.83 -39.73 4.54
CA GLU B 50 9.98 -40.74 5.14
C GLU B 50 10.30 -42.12 4.59
N SER B 51 10.43 -43.09 5.50
CA SER B 51 10.76 -44.45 5.10
C SER B 51 9.50 -45.30 4.98
N LYS B 52 9.67 -46.51 4.47
CA LYS B 52 8.57 -47.45 4.27
C LYS B 52 7.82 -47.71 5.58
N ASN B 53 8.56 -47.93 6.67
CA ASN B 53 7.89 -48.20 7.93
C ASN B 53 7.07 -47.01 8.45
N GLU B 54 7.59 -45.79 8.30
CA GLU B 54 6.83 -44.63 8.74
C GLU B 54 5.53 -44.48 7.95
N ILE B 55 5.60 -44.72 6.64
CA ILE B 55 4.42 -44.62 5.78
C ILE B 55 3.40 -45.68 6.20
N VAL B 56 3.85 -46.91 6.38
CA VAL B 56 2.95 -47.98 6.79
C VAL B 56 2.31 -47.65 8.13
N GLY B 57 3.11 -47.19 9.09
CA GLY B 57 2.59 -46.85 10.39
C GLY B 57 1.54 -45.75 10.33
N PHE B 58 1.83 -44.70 9.58
CA PHE B 58 0.89 -43.60 9.44
C PHE B 58 -0.39 -44.02 8.74
N ALA B 59 -0.27 -44.89 7.75
CA ALA B 59 -1.44 -45.37 7.01
C ALA B 59 -2.35 -46.19 7.94
N ARG B 60 -1.75 -47.06 8.72
CA ARG B 60 -2.49 -47.89 9.67
C ARG B 60 -3.18 -47.01 10.70
N ALA B 61 -2.53 -45.93 11.10
CA ALA B 61 -3.10 -45.01 12.08
C ALA B 61 -4.34 -44.32 11.52
N MET B 62 -4.22 -43.81 10.29
CA MET B 62 -5.34 -43.13 9.66
C MET B 62 -6.51 -44.07 9.39
N ARG B 63 -6.22 -45.32 9.05
CA ARG B 63 -7.27 -46.30 8.80
C ARG B 63 -8.08 -46.57 10.06
N GLU B 64 -7.39 -46.80 11.17
CA GLU B 64 -8.08 -47.10 12.42
C GLU B 64 -8.91 -45.92 12.94
N LEU B 65 -8.43 -44.70 12.70
CA LEU B 65 -9.15 -43.52 13.18
C LEU B 65 -10.17 -42.99 12.19
N ALA B 66 -10.41 -43.72 11.10
CA ALA B 66 -11.37 -43.27 10.10
C ALA B 66 -12.73 -43.93 10.32
N ILE B 67 -13.78 -43.28 9.82
CA ILE B 67 -15.10 -43.85 9.93
C ILE B 67 -15.13 -44.96 8.88
N LYS B 68 -15.07 -46.19 9.37
CA LYS B 68 -15.01 -47.35 8.49
C LYS B 68 -16.35 -47.89 8.00
N ILE B 69 -16.29 -48.54 6.84
CA ILE B 69 -17.42 -49.19 6.21
C ILE B 69 -16.71 -50.37 5.59
N ASP B 70 -17.38 -51.52 5.51
CA ASP B 70 -16.73 -52.71 4.99
C ASP B 70 -17.25 -53.17 3.62
N VAL B 71 -16.34 -53.28 2.67
CA VAL B 71 -16.63 -53.73 1.31
C VAL B 71 -15.30 -54.15 0.67
N PRO B 72 -14.55 -55.06 1.33
CA PRO B 72 -13.26 -55.58 0.89
C PRO B 72 -13.17 -55.91 -0.60
N ASN B 73 -14.16 -56.63 -1.09
CA ASN B 73 -14.24 -57.04 -2.49
C ASN B 73 -14.32 -55.90 -3.50
N ALA B 74 -14.55 -54.67 -3.03
CA ALA B 74 -14.64 -53.54 -3.95
C ALA B 74 -13.28 -53.13 -4.47
N ILE B 75 -13.29 -52.27 -5.47
CA ILE B 75 -12.05 -51.77 -6.07
C ILE B 75 -12.13 -50.25 -6.03
N ASP B 76 -10.97 -49.60 -5.98
CA ASP B 76 -10.89 -48.14 -6.00
C ASP B 76 -9.84 -47.79 -7.05
N THR B 77 -9.93 -46.59 -7.63
CA THR B 77 -8.97 -46.19 -8.67
C THR B 77 -8.04 -45.02 -8.32
N ALA B 78 -7.16 -44.68 -9.27
CA ALA B 78 -6.17 -43.61 -9.08
C ALA B 78 -6.68 -42.20 -9.32
N GLY B 79 -5.92 -41.42 -10.09
CA GLY B 79 -6.32 -40.06 -10.38
C GLY B 79 -5.93 -39.08 -9.30
N ASP B 83 -0.45 -33.80 -8.98
CA ASP B 83 0.20 -32.72 -9.71
C ASP B 83 -0.80 -31.64 -10.10
N GLY B 84 -0.52 -30.96 -11.21
CA GLY B 84 -1.41 -29.91 -11.65
C GLY B 84 -1.72 -29.85 -13.14
N LEU B 85 -1.45 -30.92 -13.88
CA LEU B 85 -1.75 -30.91 -15.31
C LEU B 85 -3.28 -30.82 -15.46
N GLY B 86 -3.74 -30.17 -16.51
CA GLY B 86 -5.17 -30.02 -16.70
C GLY B 86 -5.97 -31.31 -16.83
N THR B 87 -5.26 -32.44 -16.98
CA THR B 87 -5.86 -33.76 -17.14
C THR B 87 -7.27 -34.00 -16.58
N VAL B 88 -8.16 -34.50 -17.43
CA VAL B 88 -9.52 -34.82 -17.01
C VAL B 88 -9.41 -35.97 -16.00
N ASN B 89 -10.32 -36.01 -15.03
CA ASN B 89 -10.26 -37.04 -13.99
C ASN B 89 -10.87 -38.35 -14.45
N VAL B 90 -10.07 -39.12 -15.20
CA VAL B 90 -10.55 -40.38 -15.72
C VAL B 90 -10.72 -41.48 -14.68
N SER B 91 -10.05 -41.37 -13.54
CA SER B 91 -10.22 -42.40 -12.52
C SER B 91 -11.66 -42.38 -12.02
N THR B 92 -12.30 -41.22 -12.08
CA THR B 92 -13.69 -41.10 -11.68
C THR B 92 -14.55 -41.80 -12.74
N ALA B 93 -14.25 -41.54 -14.01
CA ALA B 93 -15.00 -42.17 -15.11
C ALA B 93 -14.75 -43.67 -15.10
N SER B 94 -13.50 -44.04 -14.87
CA SER B 94 -13.12 -45.45 -14.83
C SER B 94 -13.87 -46.19 -13.73
N ALA B 95 -14.08 -45.52 -12.59
CA ALA B 95 -14.79 -46.12 -11.47
C ALA B 95 -16.21 -46.44 -11.89
N ILE B 96 -16.77 -45.61 -12.78
CA ILE B 96 -18.11 -45.85 -13.29
C ILE B 96 -18.16 -47.12 -14.14
N LEU B 97 -17.22 -47.27 -15.06
CA LEU B 97 -17.22 -48.47 -15.92
C LEU B 97 -17.11 -49.71 -15.05
N LEU B 98 -16.18 -49.69 -14.10
CA LEU B 98 -15.95 -50.82 -13.21
C LEU B 98 -17.16 -51.23 -12.35
N SER B 99 -18.03 -50.27 -12.02
CA SER B 99 -19.20 -50.57 -11.20
C SER B 99 -20.19 -51.51 -11.91
N LEU B 100 -19.97 -51.73 -13.20
CA LEU B 100 -20.81 -52.63 -13.98
C LEU B 100 -20.46 -54.11 -13.72
N VAL B 101 -19.22 -54.37 -13.33
CA VAL B 101 -18.79 -55.75 -13.11
C VAL B 101 -18.12 -56.03 -11.74
N ASN B 102 -18.23 -55.08 -10.82
CA ASN B 102 -17.63 -55.23 -9.50
C ASN B 102 -17.98 -54.03 -8.64
N PRO B 103 -18.16 -54.25 -7.33
CA PRO B 103 -18.49 -53.10 -6.48
C PRO B 103 -17.32 -52.10 -6.47
N VAL B 104 -17.66 -50.82 -6.43
CA VAL B 104 -16.65 -49.77 -6.45
C VAL B 104 -16.80 -48.85 -5.25
N ALA B 105 -15.70 -48.65 -4.53
CA ALA B 105 -15.67 -47.78 -3.36
C ALA B 105 -14.64 -46.70 -3.64
N LYS B 106 -15.08 -45.63 -4.29
CA LYS B 106 -14.22 -44.52 -4.67
C LYS B 106 -13.87 -43.55 -3.54
N HIS B 107 -12.60 -43.55 -3.14
CA HIS B 107 -12.11 -42.66 -2.09
C HIS B 107 -11.54 -41.43 -2.79
N GLY B 108 -12.14 -40.26 -2.58
CA GLY B 108 -11.63 -39.07 -3.24
C GLY B 108 -11.73 -37.78 -2.45
N ASN B 109 -11.30 -36.70 -3.08
CA ASN B 109 -11.33 -35.39 -2.44
C ASN B 109 -11.41 -34.29 -3.49
N ARG B 110 -11.44 -33.05 -3.01
CA ARG B 110 -11.49 -31.89 -3.90
C ARG B 110 -10.08 -31.55 -4.29
N ALA B 111 -9.92 -30.88 -5.42
CA ALA B 111 -8.60 -30.47 -5.87
C ALA B 111 -8.45 -29.02 -5.47
N VAL B 112 -7.57 -28.75 -4.51
CA VAL B 112 -7.35 -27.37 -4.08
C VAL B 112 -7.03 -26.59 -5.34
N SER B 113 -6.22 -27.18 -6.20
CA SER B 113 -5.83 -26.58 -7.46
C SER B 113 -7.02 -26.64 -8.41
N GLY B 114 -7.81 -25.56 -8.45
CA GLY B 114 -8.98 -25.51 -9.31
C GLY B 114 -9.99 -26.59 -8.97
N LYS B 115 -10.48 -27.28 -9.99
CA LYS B 115 -11.46 -28.34 -9.79
C LYS B 115 -11.20 -29.53 -10.70
N SER B 116 -10.19 -30.32 -10.33
CA SER B 116 -9.83 -31.49 -11.08
C SER B 116 -10.08 -32.72 -10.22
N GLY B 117 -10.30 -32.47 -8.92
CA GLY B 117 -10.57 -33.55 -7.98
C GLY B 117 -11.80 -34.35 -8.34
N SER B 118 -11.78 -35.63 -8.01
CA SER B 118 -12.91 -36.49 -8.31
C SER B 118 -14.17 -36.02 -7.58
N ALA B 119 -13.99 -35.45 -6.39
CA ALA B 119 -15.12 -34.95 -5.61
C ALA B 119 -15.76 -33.76 -6.32
N ASP B 120 -14.95 -33.00 -7.04
CA ASP B 120 -15.43 -31.83 -7.78
C ASP B 120 -16.23 -32.26 -9.00
N VAL B 121 -15.67 -33.21 -9.75
CA VAL B 121 -16.32 -33.72 -10.95
C VAL B 121 -17.64 -34.42 -10.62
N LEU B 122 -17.62 -35.29 -9.62
CA LEU B 122 -18.83 -35.99 -9.21
C LEU B 122 -19.91 -34.99 -8.88
N GLU B 123 -19.50 -33.93 -8.19
CA GLU B 123 -20.42 -32.87 -7.80
C GLU B 123 -20.99 -32.22 -9.05
N ALA B 124 -20.12 -31.97 -10.02
CA ALA B 124 -20.56 -31.34 -11.26
C ALA B 124 -21.57 -32.24 -12.00
N LEU B 125 -21.54 -33.53 -11.69
CA LEU B 125 -22.44 -34.48 -12.32
C LEU B 125 -23.80 -34.56 -11.62
N GLY B 126 -23.87 -34.02 -10.40
CA GLY B 126 -25.13 -34.06 -9.67
C GLY B 126 -25.13 -35.08 -8.56
N TYR B 127 -23.98 -35.72 -8.33
CA TYR B 127 -23.84 -36.72 -7.28
C TYR B 127 -23.71 -36.01 -5.95
N ASN B 128 -24.25 -36.60 -4.89
CA ASN B 128 -24.13 -36.00 -3.56
C ASN B 128 -22.88 -36.57 -2.92
N ILE B 129 -21.77 -35.83 -3.02
CA ILE B 129 -20.48 -36.29 -2.49
C ILE B 129 -20.44 -36.60 -1.01
N ILE B 130 -21.42 -36.12 -0.25
CA ILE B 130 -21.44 -36.42 1.19
C ILE B 130 -22.36 -37.62 1.39
N VAL B 131 -21.78 -38.75 1.77
CA VAL B 131 -22.56 -39.96 1.97
C VAL B 131 -22.23 -40.65 3.28
N PRO B 132 -23.16 -40.61 4.25
CA PRO B 132 -22.97 -41.25 5.56
C PRO B 132 -22.76 -42.74 5.38
N PRO B 133 -21.97 -43.35 6.27
CA PRO B 133 -21.69 -44.79 6.19
C PRO B 133 -22.92 -45.69 6.03
N GLU B 134 -24.01 -45.35 6.72
CA GLU B 134 -25.24 -46.15 6.64
C GLU B 134 -25.73 -46.23 5.21
N ARG B 135 -25.96 -45.06 4.61
CA ARG B 135 -26.44 -44.97 3.26
C ARG B 135 -25.37 -45.45 2.27
N ALA B 136 -24.12 -45.19 2.59
CA ALA B 136 -23.02 -45.58 1.72
C ALA B 136 -23.05 -47.08 1.43
N LYS B 137 -23.15 -47.89 2.48
CA LYS B 137 -23.15 -49.32 2.29
C LYS B 137 -24.37 -49.80 1.50
N GLU B 138 -25.48 -49.07 1.63
CA GLU B 138 -26.69 -49.44 0.91
C GLU B 138 -26.61 -49.04 -0.56
N LEU B 139 -25.88 -47.97 -0.85
CA LEU B 139 -25.71 -47.49 -2.21
C LEU B 139 -24.85 -48.46 -3.00
N VAL B 140 -23.88 -49.07 -2.33
CA VAL B 140 -23.00 -50.03 -2.98
C VAL B 140 -23.79 -51.28 -3.30
N ASN B 141 -24.69 -51.64 -2.41
CA ASN B 141 -25.50 -52.84 -2.60
C ASN B 141 -26.52 -52.70 -3.73
N LYS B 142 -27.12 -51.53 -3.87
CA LYS B 142 -28.14 -51.33 -4.90
C LYS B 142 -27.62 -50.74 -6.20
N THR B 143 -26.40 -50.23 -6.21
CA THR B 143 -25.90 -49.62 -7.43
C THR B 143 -24.42 -49.96 -7.70
N ASN B 144 -23.82 -50.76 -6.83
CA ASN B 144 -22.43 -51.17 -6.99
C ASN B 144 -21.40 -50.04 -6.95
N PHE B 145 -21.79 -48.87 -6.47
CA PHE B 145 -20.87 -47.75 -6.45
C PHE B 145 -21.15 -46.74 -5.33
N VAL B 146 -20.09 -46.17 -4.79
CA VAL B 146 -20.23 -45.15 -3.75
C VAL B 146 -18.94 -44.33 -3.69
N PHE B 147 -19.09 -43.03 -3.45
CA PHE B 147 -17.95 -42.14 -3.33
C PHE B 147 -17.72 -41.85 -1.85
N LEU B 148 -16.50 -42.10 -1.39
CA LEU B 148 -16.17 -41.86 0.00
C LEU B 148 -15.33 -40.58 0.12
N PHE B 149 -15.99 -39.47 0.40
CA PHE B 149 -15.32 -38.17 0.52
C PHE B 149 -14.33 -38.23 1.67
N ALA B 150 -13.04 -38.15 1.36
CA ALA B 150 -11.98 -38.22 2.35
C ALA B 150 -12.18 -37.19 3.47
N GLN B 151 -12.52 -35.97 3.06
CA GLN B 151 -12.74 -34.89 3.99
C GLN B 151 -13.79 -35.27 5.04
N TYR B 152 -14.73 -36.13 4.66
CA TYR B 152 -15.80 -36.57 5.55
C TYR B 152 -15.47 -37.88 6.27
N TYR B 153 -14.86 -38.81 5.56
CA TYR B 153 -14.53 -40.10 6.15
C TYR B 153 -13.28 -40.12 7.01
N HIS B 154 -12.56 -39.00 7.02
CA HIS B 154 -11.34 -38.88 7.82
C HIS B 154 -11.47 -37.62 8.68
N PRO B 155 -12.50 -37.59 9.56
CA PRO B 155 -12.77 -36.46 10.44
C PRO B 155 -11.62 -36.02 11.36
N ALA B 156 -10.92 -36.99 11.94
CA ALA B 156 -9.83 -36.72 12.85
C ALA B 156 -8.72 -35.82 12.27
N MET B 157 -8.56 -35.85 10.95
CA MET B 157 -7.54 -35.06 10.27
C MET B 157 -7.75 -33.56 10.45
N LYS B 158 -8.88 -33.19 11.06
CA LYS B 158 -9.17 -31.78 11.29
C LYS B 158 -8.19 -31.25 12.34
N ASN B 159 -7.81 -32.13 13.26
CA ASN B 159 -6.89 -31.74 14.32
C ASN B 159 -5.51 -31.35 13.83
N VAL B 160 -5.22 -31.66 12.57
CA VAL B 160 -3.92 -31.34 12.00
C VAL B 160 -4.02 -30.43 10.78
N ALA B 161 -5.23 -29.97 10.51
CA ALA B 161 -5.48 -29.10 9.37
C ALA B 161 -4.74 -27.77 9.47
N ASN B 162 -4.80 -27.15 10.66
CA ASN B 162 -4.15 -25.87 10.87
C ASN B 162 -2.64 -25.98 10.68
N VAL B 163 -2.01 -26.97 11.31
CA VAL B 163 -0.59 -27.13 11.16
C VAL B 163 -0.23 -27.30 9.69
N ARG B 164 -0.91 -28.19 9.00
CA ARG B 164 -0.62 -28.42 7.59
C ARG B 164 -0.80 -27.18 6.73
N LYS B 165 -1.86 -26.42 6.98
CA LYS B 165 -2.10 -25.22 6.19
C LYS B 165 -1.04 -24.15 6.46
N THR B 166 -0.74 -23.90 7.72
CA THR B 166 0.24 -22.90 8.09
C THR B 166 1.60 -23.25 7.49
N LEU B 167 1.95 -24.54 7.56
CA LEU B 167 3.22 -25.00 7.00
C LEU B 167 3.30 -24.72 5.51
N GLY B 168 2.24 -25.06 4.79
CA GLY B 168 2.21 -24.83 3.36
C GLY B 168 3.21 -25.62 2.54
N ILE B 169 3.68 -26.74 3.07
CA ILE B 169 4.64 -27.58 2.36
C ILE B 169 4.08 -28.98 2.30
N ARG B 170 4.66 -29.83 1.44
CA ARG B 170 4.22 -31.21 1.34
C ARG B 170 4.76 -31.99 2.53
N THR B 171 3.93 -32.83 3.14
CA THR B 171 4.36 -33.64 4.27
C THR B 171 3.88 -35.05 4.01
N ILE B 172 4.31 -35.97 4.87
CA ILE B 172 3.95 -37.38 4.77
C ILE B 172 2.46 -37.61 4.50
N PHE B 173 1.61 -36.74 5.03
CA PHE B 173 0.17 -36.87 4.85
C PHE B 173 -0.30 -36.67 3.41
N ASN B 174 0.54 -36.05 2.59
CA ASN B 174 0.19 -35.79 1.19
C ASN B 174 0.26 -37.00 0.27
N ILE B 175 0.91 -38.07 0.72
CA ILE B 175 1.04 -39.25 -0.13
C ILE B 175 0.35 -40.49 0.44
N LEU B 176 -0.57 -40.31 1.36
CA LEU B 176 -1.24 -41.46 1.96
C LEU B 176 -2.70 -41.64 1.54
N GLY B 177 -3.24 -40.65 0.83
CA GLY B 177 -4.62 -40.74 0.40
C GLY B 177 -5.06 -42.11 -0.11
N PRO B 178 -4.47 -42.58 -1.21
CA PRO B 178 -4.81 -43.89 -1.80
C PRO B 178 -4.62 -45.11 -0.89
N LEU B 179 -3.77 -44.99 0.12
CA LEU B 179 -3.53 -46.11 1.03
C LEU B 179 -4.53 -46.14 2.17
N THR B 180 -5.45 -45.17 2.19
CA THR B 180 -6.43 -45.10 3.28
C THR B 180 -7.92 -45.20 2.89
N ASN B 181 -8.22 -46.04 1.90
CA ASN B 181 -9.62 -46.22 1.46
C ASN B 181 -10.46 -46.62 2.68
N PRO B 182 -11.47 -45.81 3.00
CA PRO B 182 -12.35 -46.07 4.15
C PRO B 182 -13.21 -47.33 4.06
N ALA B 183 -13.25 -47.95 2.88
CA ALA B 183 -14.04 -49.16 2.70
C ALA B 183 -13.18 -50.40 2.79
N ASN B 184 -11.89 -50.19 3.03
CA ASN B 184 -10.97 -51.30 3.12
C ASN B 184 -10.96 -52.11 1.82
N ALA B 185 -11.16 -51.42 0.70
CA ALA B 185 -11.16 -52.06 -0.61
C ALA B 185 -9.82 -52.78 -0.83
N LYS B 186 -9.88 -54.09 -1.09
CA LYS B 186 -8.66 -54.86 -1.29
C LYS B 186 -8.02 -54.76 -2.67
N TYR B 187 -8.77 -54.27 -3.65
CA TYR B 187 -8.24 -54.11 -5.00
C TYR B 187 -8.14 -52.63 -5.32
N GLN B 188 -6.99 -52.22 -5.82
CA GLN B 188 -6.80 -50.81 -6.13
C GLN B 188 -5.79 -50.50 -7.22
N LEU B 189 -6.11 -49.46 -7.98
CA LEU B 189 -5.23 -48.95 -9.01
C LEU B 189 -4.82 -47.63 -8.36
N MET B 190 -3.53 -47.49 -8.07
CA MET B 190 -3.01 -46.30 -7.39
C MET B 190 -1.95 -45.51 -8.14
N GLY B 191 -2.27 -44.25 -8.40
CA GLY B 191 -1.33 -43.40 -9.10
C GLY B 191 -0.38 -42.70 -8.14
N VAL B 192 0.87 -42.50 -8.59
CA VAL B 192 1.90 -41.81 -7.83
C VAL B 192 2.49 -40.73 -8.77
N PHE B 193 3.10 -39.69 -8.20
CA PHE B 193 3.65 -38.63 -9.03
C PHE B 193 5.13 -38.71 -9.37
N SER B 194 5.82 -39.74 -8.88
CA SER B 194 7.24 -39.87 -9.18
C SER B 194 7.69 -41.32 -9.13
N LYS B 195 8.82 -41.61 -9.76
CA LYS B 195 9.35 -42.96 -9.77
C LYS B 195 9.86 -43.34 -8.38
N ASP B 196 10.38 -42.37 -7.63
CA ASP B 196 10.86 -42.64 -6.28
C ASP B 196 9.70 -43.06 -5.41
N HIS B 197 8.57 -42.38 -5.57
CA HIS B 197 7.38 -42.69 -4.80
C HIS B 197 6.79 -44.03 -5.23
N LEU B 198 7.10 -44.44 -6.45
CA LEU B 198 6.61 -45.69 -6.98
C LEU B 198 7.22 -46.81 -6.14
N ASP B 199 8.54 -46.79 -6.04
CA ASP B 199 9.27 -47.79 -5.29
C ASP B 199 8.87 -47.80 -3.81
N LEU B 200 8.96 -46.64 -3.17
CA LEU B 200 8.63 -46.51 -1.77
C LEU B 200 7.20 -46.90 -1.42
N LEU B 201 6.25 -46.43 -2.22
CA LEU B 201 4.86 -46.74 -1.94
C LEU B 201 4.48 -48.18 -2.21
N SER B 202 5.08 -48.81 -3.22
CA SER B 202 4.74 -50.20 -3.50
C SER B 202 5.24 -51.07 -2.35
N LYS B 203 6.44 -50.78 -1.86
CA LYS B 203 6.96 -51.55 -0.74
C LYS B 203 6.06 -51.35 0.48
N SER B 204 5.56 -50.13 0.65
CA SER B 204 4.67 -49.80 1.76
C SER B 204 3.33 -50.51 1.62
N ALA B 205 2.79 -50.51 0.40
CA ALA B 205 1.51 -51.14 0.11
C ALA B 205 1.60 -52.63 0.38
N TYR B 206 2.77 -53.19 0.10
CA TYR B 206 3.01 -54.61 0.29
C TYR B 206 2.74 -55.08 1.72
N GLU B 207 2.81 -54.16 2.68
CA GLU B 207 2.56 -54.51 4.08
C GLU B 207 1.27 -53.90 4.58
N LEU B 208 0.44 -53.40 3.66
CA LEU B 208 -0.81 -52.80 4.05
C LEU B 208 -2.01 -53.71 3.78
N ASP B 209 -1.71 -54.98 3.47
CA ASP B 209 -2.72 -56.02 3.29
C ASP B 209 -3.75 -55.90 2.15
N PHE B 210 -3.29 -55.70 0.92
CA PHE B 210 -4.19 -55.61 -0.22
C PHE B 210 -4.14 -56.98 -0.90
N ASN B 211 -5.23 -57.38 -1.55
CA ASN B 211 -5.21 -58.65 -2.26
C ASN B 211 -4.39 -58.35 -3.51
N LYS B 212 -4.68 -57.19 -4.10
CA LYS B 212 -3.96 -56.75 -5.28
C LYS B 212 -4.06 -55.24 -5.49
N ILE B 213 -2.90 -54.59 -5.50
CA ILE B 213 -2.84 -53.15 -5.72
C ILE B 213 -1.78 -52.86 -6.77
N ILE B 214 -2.17 -52.15 -7.81
CA ILE B 214 -1.24 -51.79 -8.88
C ILE B 214 -0.90 -50.32 -8.75
N LEU B 215 0.38 -50.01 -8.73
CA LEU B 215 0.82 -48.63 -8.62
C LEU B 215 1.30 -48.18 -9.98
N VAL B 216 0.95 -46.97 -10.37
CA VAL B 216 1.38 -46.48 -11.67
C VAL B 216 1.88 -45.05 -11.64
N TYR B 217 2.87 -44.80 -12.48
CA TYR B 217 3.44 -43.48 -12.69
C TYR B 217 3.46 -43.39 -14.21
N GLY B 218 2.77 -42.40 -14.76
CA GLY B 218 2.74 -42.27 -16.20
C GLY B 218 3.38 -40.99 -16.70
N GLU B 219 4.16 -41.10 -17.77
CA GLU B 219 4.77 -39.91 -18.35
C GLU B 219 3.64 -39.01 -18.80
N PRO B 220 3.85 -37.68 -18.81
CA PRO B 220 5.05 -36.91 -18.44
C PRO B 220 5.18 -36.66 -16.94
N GLY B 221 4.49 -37.46 -16.13
CA GLY B 221 4.57 -37.29 -14.69
C GLY B 221 3.19 -37.10 -14.07
N ILE B 222 2.33 -38.09 -14.23
CA ILE B 222 0.98 -38.01 -13.68
C ILE B 222 0.65 -39.30 -12.95
N ASP B 223 -0.23 -39.19 -11.96
CA ASP B 223 -0.65 -40.34 -11.15
C ASP B 223 -1.72 -41.19 -11.84
N GLU B 224 -1.49 -41.50 -13.12
CA GLU B 224 -2.42 -42.31 -13.91
C GLU B 224 -1.67 -43.05 -15.02
N VAL B 225 -2.37 -43.94 -15.73
CA VAL B 225 -1.74 -44.65 -16.85
C VAL B 225 -1.46 -43.57 -17.90
N SER B 226 -0.26 -43.59 -18.47
CA SER B 226 0.15 -42.59 -19.44
C SER B 226 -0.58 -42.63 -20.79
N PRO B 227 -1.16 -41.48 -21.17
CA PRO B 227 -1.89 -41.39 -22.44
C PRO B 227 -0.94 -41.03 -23.59
N ILE B 228 0.29 -40.66 -23.27
CA ILE B 228 1.24 -40.24 -24.31
C ILE B 228 2.48 -41.08 -24.45
N GLY B 229 2.78 -41.91 -23.45
CA GLY B 229 3.97 -42.72 -23.56
C GLY B 229 4.02 -43.89 -22.61
N ASN B 230 5.13 -43.98 -21.89
CA ASN B 230 5.36 -45.07 -20.94
C ASN B 230 4.73 -44.90 -19.57
N THR B 231 4.30 -46.03 -19.01
CA THR B 231 3.70 -46.10 -17.69
C THR B 231 4.55 -47.10 -16.91
N PHE B 232 5.03 -46.69 -15.75
CA PHE B 232 5.84 -47.57 -14.92
C PHE B 232 4.95 -48.02 -13.77
N MET B 233 4.92 -49.33 -13.51
CA MET B 233 4.06 -49.84 -12.47
C MET B 233 4.64 -50.96 -11.61
N LYS B 234 3.99 -51.16 -10.48
CA LYS B 234 4.37 -52.20 -9.54
C LYS B 234 3.06 -52.93 -9.25
N ILE B 235 3.06 -54.25 -9.42
CA ILE B 235 1.86 -55.01 -9.14
C ILE B 235 2.16 -55.68 -7.80
N VAL B 236 1.44 -55.22 -6.78
CA VAL B 236 1.62 -55.71 -5.43
C VAL B 236 0.55 -56.69 -4.97
N SER B 237 0.97 -57.76 -4.30
CA SER B 237 0.04 -58.76 -3.79
C SER B 237 0.74 -59.57 -2.71
N LYS B 238 -0.03 -60.46 -2.08
CA LYS B 238 0.46 -61.33 -1.01
C LYS B 238 1.78 -62.00 -1.37
N ARG B 239 1.98 -62.32 -2.64
CA ARG B 239 3.20 -62.99 -3.06
C ARG B 239 4.39 -62.07 -3.39
N GLY B 240 4.16 -60.76 -3.41
CA GLY B 240 5.26 -59.87 -3.72
C GLY B 240 4.91 -58.66 -4.56
N ILE B 241 5.95 -58.07 -5.15
CA ILE B 241 5.81 -56.88 -5.99
C ILE B 241 6.37 -57.19 -7.36
N GLU B 242 5.59 -56.90 -8.40
CA GLU B 242 6.00 -57.17 -9.78
C GLU B 242 6.19 -55.90 -10.61
N GLU B 243 7.36 -55.76 -11.22
CA GLU B 243 7.64 -54.59 -12.06
C GLU B 243 7.07 -54.77 -13.47
N VAL B 244 6.57 -53.67 -14.03
CA VAL B 244 5.99 -53.69 -15.37
C VAL B 244 6.16 -52.33 -16.03
N LYS B 245 6.66 -52.32 -17.26
CA LYS B 245 6.82 -51.07 -18.01
C LYS B 245 5.92 -51.23 -19.23
N LEU B 246 4.98 -50.32 -19.39
CA LEU B 246 4.02 -50.39 -20.48
C LEU B 246 4.01 -49.11 -21.33
N ASN B 247 3.64 -49.23 -22.59
CA ASN B 247 3.56 -48.05 -23.46
C ASN B 247 2.12 -47.91 -23.88
N VAL B 248 1.63 -46.68 -24.01
CA VAL B 248 0.25 -46.50 -24.42
C VAL B 248 -0.07 -47.34 -25.66
N THR B 249 0.93 -47.54 -26.50
CA THR B 249 0.75 -48.34 -27.72
C THR B 249 0.42 -49.80 -27.39
N ASP B 250 0.92 -50.31 -26.28
CA ASP B 250 0.62 -51.68 -25.88
C ASP B 250 -0.87 -51.92 -25.67
N PHE B 251 -1.65 -50.85 -25.65
CA PHE B 251 -3.09 -50.95 -25.47
C PHE B 251 -3.74 -51.06 -26.84
N GLY B 252 -2.94 -50.87 -27.89
CA GLY B 252 -3.47 -50.96 -29.23
C GLY B 252 -3.90 -49.65 -29.82
N ILE B 253 -3.44 -48.54 -29.26
CA ILE B 253 -3.81 -47.23 -29.78
C ILE B 253 -2.58 -46.38 -30.06
N SER B 254 -2.82 -45.16 -30.52
CA SER B 254 -1.77 -44.21 -30.81
C SER B 254 -1.73 -43.23 -29.64
N PRO B 255 -0.56 -42.60 -29.39
CA PRO B 255 -0.48 -41.64 -28.28
C PRO B 255 -1.59 -40.61 -28.38
N ILE B 256 -2.22 -40.33 -27.25
CA ILE B 256 -3.30 -39.37 -27.18
C ILE B 256 -2.73 -37.97 -26.99
N PRO B 257 -3.12 -37.01 -27.86
CA PRO B 257 -2.59 -35.65 -27.70
C PRO B 257 -3.05 -35.10 -26.35
N ILE B 258 -2.10 -34.70 -25.52
CA ILE B 258 -2.45 -34.20 -24.19
C ILE B 258 -3.36 -32.99 -24.13
N GLU B 259 -3.29 -32.10 -25.13
CA GLU B 259 -4.14 -30.92 -25.12
C GLU B 259 -5.62 -31.31 -25.10
N LYS B 260 -5.93 -32.46 -25.68
CA LYS B 260 -7.30 -32.94 -25.73
C LYS B 260 -7.79 -33.48 -24.39
N LEU B 261 -6.86 -33.71 -23.47
CA LEU B 261 -7.24 -34.25 -22.17
C LEU B 261 -7.25 -33.20 -21.05
N ILE B 262 -6.59 -32.07 -21.29
CA ILE B 262 -6.54 -31.02 -20.27
C ILE B 262 -7.87 -30.31 -20.09
N VAL B 263 -8.25 -30.11 -18.83
CA VAL B 263 -9.52 -29.46 -18.49
C VAL B 263 -9.26 -28.27 -17.57
N ASN B 264 -10.21 -27.34 -17.52
CA ASN B 264 -10.09 -26.17 -16.68
C ASN B 264 -10.98 -26.25 -15.45
N SER B 265 -12.26 -26.49 -15.65
CA SER B 265 -13.20 -26.58 -14.54
C SER B 265 -13.74 -27.98 -14.32
N ALA B 266 -14.37 -28.20 -13.17
CA ALA B 266 -14.95 -29.49 -12.85
C ALA B 266 -16.09 -29.79 -13.83
N GLU B 267 -16.88 -28.77 -14.15
CA GLU B 267 -17.99 -28.96 -15.07
C GLU B 267 -17.47 -29.34 -16.45
N ASP B 268 -16.34 -28.76 -16.85
CA ASP B 268 -15.74 -29.07 -18.14
C ASP B 268 -15.27 -30.53 -18.16
N SER B 269 -14.75 -30.98 -17.02
CA SER B 269 -14.27 -32.34 -16.89
C SER B 269 -15.47 -33.28 -16.96
N ALA B 270 -16.56 -32.88 -16.32
CA ALA B 270 -17.79 -33.67 -16.31
C ALA B 270 -18.32 -33.73 -17.73
N ILE B 271 -18.10 -32.65 -18.47
CA ILE B 271 -18.55 -32.54 -19.84
C ILE B 271 -17.78 -33.49 -20.74
N LYS B 272 -16.47 -33.51 -20.60
CA LYS B 272 -15.65 -34.39 -21.43
C LYS B 272 -15.94 -35.85 -21.12
N ILE B 273 -16.17 -36.15 -19.85
CA ILE B 273 -16.43 -37.52 -19.46
C ILE B 273 -17.70 -38.07 -20.09
N VAL B 274 -18.74 -37.25 -20.13
CA VAL B 274 -19.95 -37.76 -20.71
C VAL B 274 -19.99 -37.71 -22.23
N ARG B 275 -19.19 -36.82 -22.83
CA ARG B 275 -19.11 -36.78 -24.29
C ARG B 275 -18.41 -38.09 -24.63
N ALA B 276 -17.47 -38.49 -23.78
CA ALA B 276 -16.73 -39.74 -23.99
C ALA B 276 -17.71 -40.90 -23.92
N PHE B 277 -18.59 -40.84 -22.92
CA PHE B 277 -19.60 -41.87 -22.72
C PHE B 277 -20.60 -41.90 -23.88
N LEU B 278 -20.90 -40.72 -24.42
CA LEU B 278 -21.84 -40.60 -25.54
C LEU B 278 -21.25 -41.04 -26.87
N GLY B 279 -19.92 -41.08 -26.94
CA GLY B 279 -19.26 -41.48 -28.17
C GLY B 279 -18.80 -40.24 -28.92
N LYS B 280 -18.90 -39.09 -28.27
CA LYS B 280 -18.51 -37.83 -28.89
C LYS B 280 -17.13 -37.30 -28.51
N ASP B 281 -16.34 -38.08 -27.78
CA ASP B 281 -14.99 -37.67 -27.41
C ASP B 281 -14.08 -38.88 -27.30
N GLU B 282 -13.66 -39.36 -28.46
CA GLU B 282 -12.79 -40.51 -28.62
C GLU B 282 -11.51 -40.46 -27.79
N HIS B 283 -10.83 -39.31 -27.77
CA HIS B 283 -9.58 -39.21 -27.01
C HIS B 283 -9.74 -39.37 -25.52
N VAL B 284 -10.80 -38.80 -24.96
CA VAL B 284 -11.06 -38.93 -23.53
C VAL B 284 -11.49 -40.38 -23.26
N ALA B 285 -12.31 -40.93 -24.17
CA ALA B 285 -12.79 -42.30 -24.04
C ALA B 285 -11.59 -43.24 -23.99
N GLU B 286 -10.64 -43.01 -24.91
CA GLU B 286 -9.42 -43.82 -24.97
C GLU B 286 -8.65 -43.72 -23.65
N PHE B 287 -8.54 -42.52 -23.10
CA PHE B 287 -7.81 -42.29 -21.85
C PHE B 287 -8.50 -43.01 -20.70
N ILE B 288 -9.83 -42.99 -20.68
CA ILE B 288 -10.61 -43.67 -19.66
C ILE B 288 -10.36 -45.17 -19.78
N LYS B 289 -10.42 -45.68 -21.01
CA LYS B 289 -10.22 -47.10 -21.26
C LYS B 289 -8.84 -47.68 -20.95
N ILE B 290 -7.76 -46.95 -21.21
CA ILE B 290 -6.46 -47.54 -20.87
C ILE B 290 -6.31 -47.62 -19.36
N ASN B 291 -6.96 -46.70 -18.63
CA ASN B 291 -6.90 -46.73 -17.18
C ASN B 291 -7.79 -47.85 -16.65
N THR B 292 -8.95 -48.02 -17.25
CA THR B 292 -9.85 -49.10 -16.83
C THR B 292 -9.19 -50.46 -17.11
N ALA B 293 -8.51 -50.56 -18.27
CA ALA B 293 -7.83 -51.79 -18.65
C ALA B 293 -6.93 -52.31 -17.52
N VAL B 294 -6.13 -51.42 -16.96
CA VAL B 294 -5.24 -51.80 -15.87
C VAL B 294 -6.03 -52.25 -14.64
N ALA B 295 -7.09 -51.51 -14.30
CA ALA B 295 -7.93 -51.85 -13.15
C ALA B 295 -8.55 -53.23 -13.33
N LEU B 296 -9.01 -53.50 -14.55
CA LEU B 296 -9.62 -54.79 -14.90
C LEU B 296 -8.58 -55.89 -14.70
N PHE B 297 -7.31 -55.58 -14.99
CA PHE B 297 -6.24 -56.56 -14.83
C PHE B 297 -5.99 -56.76 -13.33
N ALA B 298 -6.15 -55.70 -12.55
CA ALA B 298 -5.97 -55.77 -11.11
C ALA B 298 -7.02 -56.71 -10.51
N LEU B 299 -8.19 -56.76 -11.14
CA LEU B 299 -9.27 -57.62 -10.69
C LEU B 299 -9.16 -59.02 -11.27
N ASP B 300 -8.12 -59.27 -12.05
CA ASP B 300 -7.91 -60.57 -12.66
C ASP B 300 -9.09 -60.93 -13.58
N ARG B 301 -9.69 -59.92 -14.24
CA ARG B 301 -10.81 -60.16 -15.16
C ARG B 301 -10.35 -60.30 -16.60
N VAL B 302 -9.08 -60.04 -16.86
CA VAL B 302 -8.50 -60.14 -18.20
C VAL B 302 -7.08 -60.68 -18.10
N GLY B 303 -6.62 -61.35 -19.14
CA GLY B 303 -5.29 -61.91 -19.13
C GLY B 303 -4.19 -60.93 -19.49
N ASP B 304 -4.54 -59.83 -20.13
CA ASP B 304 -3.54 -58.82 -20.50
C ASP B 304 -4.18 -57.46 -20.65
N PHE B 305 -3.35 -56.45 -20.82
CA PHE B 305 -3.83 -55.08 -20.94
C PHE B 305 -4.62 -54.81 -22.21
N ARG B 306 -4.25 -55.47 -23.30
CA ARG B 306 -4.96 -55.32 -24.57
C ARG B 306 -6.41 -55.80 -24.39
N GLU B 307 -6.58 -56.96 -23.76
CA GLU B 307 -7.90 -57.52 -23.53
C GLU B 307 -8.68 -56.58 -22.60
N GLY B 308 -7.98 -56.05 -21.61
CA GLY B 308 -8.60 -55.12 -20.68
C GLY B 308 -9.09 -53.90 -21.44
N TYR B 309 -8.29 -53.44 -22.39
CA TYR B 309 -8.67 -52.28 -23.20
C TYR B 309 -9.92 -52.59 -24.03
N GLU B 310 -9.92 -53.75 -24.68
CA GLU B 310 -11.06 -54.17 -25.51
C GLU B 310 -12.32 -54.35 -24.67
N TYR B 311 -12.15 -54.99 -23.51
CA TYR B 311 -13.28 -55.22 -22.63
C TYR B 311 -13.87 -53.91 -22.14
N ALA B 312 -13.00 -52.94 -21.85
CA ALA B 312 -13.44 -51.63 -21.38
C ALA B 312 -14.36 -50.94 -22.38
N ASP B 313 -14.22 -51.27 -23.66
CA ASP B 313 -15.07 -50.65 -24.68
C ASP B 313 -16.53 -51.06 -24.47
N HIS B 314 -16.73 -52.33 -24.09
CA HIS B 314 -18.07 -52.85 -23.83
C HIS B 314 -18.69 -52.19 -22.61
N LEU B 315 -17.85 -51.88 -21.63
CA LEU B 315 -18.31 -51.25 -20.40
C LEU B 315 -18.68 -49.78 -20.64
N ILE B 316 -17.84 -49.06 -21.36
CA ILE B 316 -18.10 -47.64 -21.61
C ILE B 316 -19.43 -47.38 -22.33
N GLU B 317 -19.87 -48.33 -23.16
CA GLU B 317 -21.13 -48.16 -23.89
C GLU B 317 -22.36 -48.16 -22.96
N LYS B 318 -22.19 -48.70 -21.76
CA LYS B 318 -23.30 -48.78 -20.81
C LYS B 318 -23.09 -47.86 -19.60
N SER B 319 -21.99 -47.11 -19.61
CA SER B 319 -21.65 -46.24 -18.49
C SER B 319 -22.53 -45.01 -18.25
N LEU B 320 -23.10 -44.46 -19.32
CA LEU B 320 -23.97 -43.30 -19.16
C LEU B 320 -25.26 -43.69 -18.41
N ASP B 321 -25.81 -44.86 -18.71
CA ASP B 321 -27.02 -45.31 -18.04
C ASP B 321 -26.68 -45.66 -16.59
N LYS B 322 -25.49 -46.22 -16.41
CA LYS B 322 -25.02 -46.58 -15.08
C LYS B 322 -24.89 -45.31 -14.24
N LEU B 323 -24.25 -44.30 -14.84
CA LEU B 323 -24.08 -43.02 -14.17
C LEU B 323 -25.43 -42.49 -13.76
N ASN B 324 -26.39 -42.62 -14.68
CA ASN B 324 -27.76 -42.16 -14.45
C ASN B 324 -28.36 -42.78 -13.20
N GLU B 325 -28.27 -44.10 -13.08
CA GLU B 325 -28.83 -44.77 -11.93
C GLU B 325 -28.06 -44.53 -10.64
N ILE B 326 -26.80 -44.12 -10.76
CA ILE B 326 -25.99 -43.85 -9.59
C ILE B 326 -26.38 -42.50 -8.98
N ILE B 327 -26.50 -41.49 -9.83
CA ILE B 327 -26.85 -40.15 -9.39
C ILE B 327 -28.34 -40.03 -9.04
N SER B 328 -29.17 -40.81 -9.72
CA SER B 328 -30.59 -40.79 -9.47
C SER B 328 -30.89 -41.37 -8.08
N MET B 329 -29.95 -42.15 -7.55
CA MET B 329 -30.15 -42.74 -6.24
C MET B 329 -29.34 -42.04 -5.15
N ASN B 330 -28.63 -40.98 -5.53
CA ASN B 330 -27.82 -40.20 -4.58
C ASN B 330 -27.40 -38.89 -5.24
N GLY B 331 -28.34 -37.96 -5.32
CA GLY B 331 -28.06 -36.67 -5.92
C GLY B 331 -29.17 -36.18 -6.83
N ASP B 332 -29.01 -34.96 -7.33
CA ASP B 332 -30.00 -34.38 -8.24
C ASP B 332 -29.52 -34.66 -9.65
N VAL B 333 -30.45 -34.69 -10.60
CA VAL B 333 -30.06 -34.93 -11.97
C VAL B 333 -29.77 -33.63 -12.71
N THR B 334 -28.59 -33.07 -12.45
CA THR B 334 -28.13 -31.87 -13.10
C THR B 334 -27.36 -32.45 -14.27
N LYS B 335 -27.16 -33.76 -14.18
CA LYS B 335 -26.46 -34.54 -15.19
C LYS B 335 -27.15 -34.35 -16.53
N LEU B 336 -28.48 -34.41 -16.52
CA LEU B 336 -29.25 -34.21 -17.73
C LEU B 336 -28.92 -32.85 -18.32
N LYS B 337 -28.55 -31.91 -17.47
CA LYS B 337 -28.20 -30.59 -17.96
C LYS B 337 -26.85 -30.70 -18.64
N THR B 338 -25.92 -31.39 -18.00
CA THR B 338 -24.59 -31.57 -18.55
C THR B 338 -24.68 -32.31 -19.88
N ILE B 339 -25.60 -33.27 -19.97
CA ILE B 339 -25.75 -34.04 -21.21
C ILE B 339 -26.29 -33.21 -22.35
N VAL B 340 -26.94 -32.10 -22.00
CA VAL B 340 -27.44 -31.20 -23.03
C VAL B 340 -26.28 -30.29 -23.44
N VAL B 341 -25.20 -30.28 -22.67
CA VAL B 341 -24.03 -29.46 -22.98
C VAL B 341 -23.09 -30.37 -23.76
N LYS B 342 -23.13 -31.66 -23.38
CA LYS B 342 -22.36 -32.74 -24.02
C LYS B 342 -22.88 -32.81 -25.43
N SER B 343 -24.14 -32.39 -25.54
CA SER B 343 -24.92 -32.29 -26.77
C SER B 343 -24.01 -31.79 -27.90
N MET C 1 10.62 -10.01 3.49
CA MET C 1 10.99 -11.14 4.39
C MET C 1 10.51 -12.45 3.75
N ASN C 2 9.22 -12.72 3.92
CA ASN C 2 8.55 -13.91 3.41
C ASN C 2 9.06 -15.19 4.06
N ILE C 3 8.34 -15.59 5.10
CA ILE C 3 8.63 -16.79 5.88
C ILE C 3 8.62 -18.08 5.08
N ASN C 4 7.65 -18.21 4.19
CA ASN C 4 7.51 -19.43 3.39
C ASN C 4 8.68 -19.68 2.45
N GLU C 5 9.20 -18.63 1.84
CA GLU C 5 10.32 -18.78 0.94
C GLU C 5 11.55 -19.22 1.73
N ILE C 6 11.63 -18.78 2.98
CA ILE C 6 12.77 -19.16 3.80
C ILE C 6 12.66 -20.63 4.20
N LEU C 7 11.48 -21.05 4.65
CA LEU C 7 11.31 -22.44 5.05
C LEU C 7 11.62 -23.37 3.88
N LYS C 8 11.10 -23.03 2.70
CA LYS C 8 11.33 -23.84 1.50
C LYS C 8 12.82 -24.00 1.27
N LYS C 9 13.54 -22.88 1.37
CA LYS C 9 14.98 -22.87 1.16
C LYS C 9 15.70 -23.74 2.20
N LEU C 10 15.23 -23.70 3.43
CA LEU C 10 15.82 -24.49 4.51
C LEU C 10 15.50 -25.96 4.31
N ILE C 11 14.29 -26.25 3.84
CA ILE C 11 13.88 -27.64 3.60
C ILE C 11 14.77 -28.26 2.53
N ASN C 12 15.23 -27.44 1.58
CA ASN C 12 16.09 -27.93 0.50
C ASN C 12 17.54 -27.93 0.92
N LYS C 13 17.80 -27.61 2.18
CA LYS C 13 19.16 -27.58 2.72
C LYS C 13 20.05 -26.49 2.15
N SER C 14 19.46 -25.35 1.80
CA SER C 14 20.24 -24.23 1.28
C SER C 14 20.50 -23.27 2.44
N ASP C 15 21.75 -22.84 2.59
CA ASP C 15 22.10 -21.94 3.67
C ASP C 15 21.65 -20.52 3.35
N LEU C 16 21.36 -19.78 4.42
CA LEU C 16 20.91 -18.41 4.28
C LEU C 16 22.12 -17.47 4.30
N GLU C 17 21.97 -16.30 3.68
CA GLU C 17 23.04 -15.32 3.68
C GLU C 17 22.92 -14.62 5.03
N ILE C 18 23.94 -13.88 5.42
CA ILE C 18 23.89 -13.20 6.71
C ILE C 18 22.66 -12.30 6.89
N ASN C 19 22.50 -11.30 6.02
CA ASN C 19 21.36 -10.38 6.12
C ASN C 19 20.04 -11.14 6.07
N GLU C 20 20.06 -12.26 5.36
CA GLU C 20 18.89 -13.11 5.21
C GLU C 20 18.55 -13.73 6.57
N ALA C 21 19.56 -14.30 7.22
CA ALA C 21 19.41 -14.91 8.53
C ALA C 21 19.09 -13.86 9.60
N GLU C 22 19.75 -12.72 9.54
CA GLU C 22 19.50 -11.67 10.53
C GLU C 22 18.06 -11.16 10.46
N GLU C 23 17.54 -10.98 9.25
CA GLU C 23 16.16 -10.51 9.06
C GLU C 23 15.18 -11.55 9.58
N LEU C 24 15.49 -12.81 9.36
CA LEU C 24 14.64 -13.91 9.83
C LEU C 24 14.65 -13.93 11.36
N ALA C 25 15.85 -13.94 11.95
CA ALA C 25 15.96 -13.96 13.40
C ALA C 25 15.19 -12.80 13.99
N LYS C 26 15.33 -11.61 13.40
CA LYS C 26 14.63 -10.42 13.89
C LYS C 26 13.12 -10.61 13.91
N ALA C 27 12.59 -11.17 12.83
CA ALA C 27 11.15 -11.40 12.73
C ALA C 27 10.71 -12.38 13.80
N ILE C 28 11.52 -13.42 14.02
CA ILE C 28 11.19 -14.42 15.03
C ILE C 28 11.23 -13.81 16.43
N ILE C 29 12.35 -13.17 16.77
CA ILE C 29 12.51 -12.54 18.07
C ILE C 29 11.48 -11.43 18.31
N ARG C 30 11.04 -10.76 17.24
CA ARG C 30 10.04 -9.70 17.38
C ARG C 30 8.62 -10.28 17.52
N GLY C 31 8.51 -11.60 17.41
CA GLY C 31 7.20 -12.25 17.54
C GLY C 31 6.23 -12.07 16.37
N GLU C 32 6.75 -11.77 15.20
CA GLU C 32 5.85 -11.60 14.05
C GLU C 32 5.71 -12.84 13.17
N VAL C 33 6.24 -13.97 13.64
CA VAL C 33 6.17 -15.21 12.89
C VAL C 33 5.35 -16.22 13.69
N PRO C 34 4.37 -16.88 13.05
CA PRO C 34 3.55 -17.87 13.77
C PRO C 34 4.45 -18.92 14.43
N GLU C 35 4.07 -19.41 15.61
CA GLU C 35 4.85 -20.42 16.31
C GLU C 35 5.01 -21.70 15.51
N ILE C 36 3.99 -22.03 14.71
CA ILE C 36 4.07 -23.23 13.90
C ILE C 36 5.24 -23.12 12.94
N LEU C 37 5.43 -21.94 12.36
CA LEU C 37 6.51 -21.71 11.42
C LEU C 37 7.85 -21.56 12.14
N VAL C 38 7.83 -20.90 13.30
CA VAL C 38 9.06 -20.73 14.07
C VAL C 38 9.61 -22.12 14.39
N SER C 39 8.76 -22.99 14.87
CA SER C 39 9.16 -24.36 15.21
C SER C 39 9.77 -25.05 13.99
N ALA C 40 9.05 -25.00 12.87
CA ALA C 40 9.48 -25.61 11.62
C ALA C 40 10.87 -25.10 11.18
N ILE C 41 11.03 -23.79 11.21
CA ILE C 41 12.29 -23.17 10.80
C ILE C 41 13.45 -23.57 11.71
N LEU C 42 13.23 -23.58 13.01
CA LEU C 42 14.29 -23.96 13.93
C LEU C 42 14.66 -25.42 13.67
N VAL C 43 13.67 -26.26 13.43
CA VAL C 43 13.92 -27.67 13.17
C VAL C 43 14.64 -27.86 11.82
N ALA C 44 14.16 -27.18 10.78
CA ALA C 44 14.79 -27.29 9.47
C ALA C 44 16.23 -26.79 9.57
N LEU C 45 16.41 -25.71 10.32
CA LEU C 45 17.73 -25.11 10.51
C LEU C 45 18.66 -26.11 11.16
N ARG C 46 18.16 -26.86 12.13
CA ARG C 46 19.01 -27.83 12.81
C ARG C 46 19.33 -29.08 11.98
N MET C 47 18.35 -29.57 11.22
CA MET C 47 18.58 -30.76 10.42
C MET C 47 19.46 -30.52 9.21
N LYS C 48 19.40 -29.32 8.67
CA LYS C 48 20.28 -28.99 7.56
C LYS C 48 21.67 -28.81 8.17
N GLY C 49 21.69 -28.27 9.38
CA GLY C 49 22.95 -28.00 10.05
C GLY C 49 23.17 -26.52 9.85
N GLU C 50 23.15 -25.74 10.93
CA GLU C 50 23.32 -24.31 10.80
C GLU C 50 24.72 -23.94 10.32
N SER C 51 24.79 -22.91 9.47
CA SER C 51 26.07 -22.48 8.92
C SER C 51 26.59 -21.23 9.63
N LYS C 52 27.83 -20.87 9.29
CA LYS C 52 28.48 -19.71 9.86
C LYS C 52 27.69 -18.42 9.62
N ASN C 53 27.20 -18.22 8.40
CA ASN C 53 26.45 -17.02 8.09
C ASN C 53 25.16 -16.98 8.90
N GLU C 54 24.56 -18.15 9.13
CA GLU C 54 23.33 -18.21 9.90
C GLU C 54 23.58 -17.79 11.34
N ILE C 55 24.64 -18.33 11.93
CA ILE C 55 24.96 -18.01 13.31
C ILE C 55 25.25 -16.52 13.48
N VAL C 56 26.09 -15.97 12.61
CA VAL C 56 26.43 -14.56 12.66
C VAL C 56 25.16 -13.71 12.55
N GLY C 57 24.30 -14.10 11.60
CA GLY C 57 23.06 -13.38 11.37
C GLY C 57 22.19 -13.34 12.61
N PHE C 58 21.98 -14.51 13.22
CA PHE C 58 21.16 -14.61 14.41
C PHE C 58 21.79 -13.87 15.59
N ALA C 59 23.11 -13.97 15.73
CA ALA C 59 23.78 -13.29 16.83
C ALA C 59 23.60 -11.77 16.74
N ARG C 60 23.77 -11.21 15.53
CA ARG C 60 23.61 -9.78 15.34
C ARG C 60 22.17 -9.34 15.60
N ALA C 61 21.21 -10.18 15.20
CA ALA C 61 19.80 -9.88 15.42
C ALA C 61 19.55 -9.72 16.92
N MET C 62 19.96 -10.71 17.70
CA MET C 62 19.78 -10.67 19.15
C MET C 62 20.48 -9.48 19.77
N ARG C 63 21.71 -9.22 19.34
CA ARG C 63 22.47 -8.10 19.89
C ARG C 63 21.70 -6.80 19.68
N GLU C 64 21.19 -6.61 18.47
CA GLU C 64 20.45 -5.40 18.15
C GLU C 64 19.19 -5.20 18.98
N LEU C 65 18.54 -6.27 19.38
CA LEU C 65 17.31 -6.14 20.17
C LEU C 65 17.56 -6.23 21.68
N ALA C 66 18.82 -6.42 22.06
CA ALA C 66 19.18 -6.53 23.46
C ALA C 66 19.34 -5.19 24.18
N ILE C 67 19.14 -5.22 25.48
CA ILE C 67 19.33 -4.03 26.31
C ILE C 67 20.84 -4.07 26.57
N LYS C 68 21.57 -3.06 26.14
CA LYS C 68 23.01 -3.07 26.34
C LYS C 68 23.52 -2.10 27.42
N ILE C 69 24.70 -2.40 27.93
CA ILE C 69 25.39 -1.58 28.92
C ILE C 69 26.77 -1.54 28.31
N ASP C 70 27.55 -0.51 28.62
CA ASP C 70 28.85 -0.41 28.01
C ASP C 70 29.99 -0.76 28.96
N VAL C 71 30.65 -1.88 28.67
CA VAL C 71 31.77 -2.36 29.48
C VAL C 71 32.61 -3.31 28.62
N PRO C 72 32.96 -2.91 27.39
CA PRO C 72 33.75 -3.73 26.46
C PRO C 72 35.04 -4.30 27.07
N ASN C 73 35.56 -3.59 28.06
CA ASN C 73 36.79 -3.98 28.74
C ASN C 73 36.59 -5.24 29.59
N ALA C 74 35.34 -5.56 29.84
CA ALA C 74 35.02 -6.72 30.66
C ALA C 74 35.23 -8.04 29.94
N ILE C 75 35.34 -9.11 30.71
CA ILE C 75 35.47 -10.46 30.17
C ILE C 75 34.29 -11.26 30.69
N ASP C 76 33.94 -12.31 29.97
CA ASP C 76 32.87 -13.20 30.39
C ASP C 76 33.31 -14.62 30.10
N THR C 77 32.72 -15.57 30.80
CA THR C 77 33.00 -16.98 30.64
C THR C 77 31.66 -17.59 30.21
N ALA C 78 31.64 -18.83 29.74
CA ALA C 78 30.38 -19.41 29.30
C ALA C 78 30.26 -20.90 29.59
N GLY C 79 29.52 -21.25 30.64
CA GLY C 79 29.31 -22.64 31.03
C GLY C 79 30.12 -23.66 30.24
N GLY C 84 25.25 -29.73 32.72
CA GLY C 84 26.46 -30.01 31.96
C GLY C 84 27.14 -31.29 32.43
N LEU C 85 26.65 -32.43 31.95
CA LEU C 85 27.20 -33.73 32.34
C LEU C 85 27.17 -33.87 33.85
N GLY C 86 26.58 -32.88 34.53
CA GLY C 86 26.50 -32.91 35.97
C GLY C 86 27.72 -32.22 36.56
N THR C 87 28.59 -31.74 35.69
CA THR C 87 29.81 -31.07 36.12
C THR C 87 29.52 -29.74 36.80
N VAL C 88 30.31 -29.41 37.84
CA VAL C 88 30.13 -28.16 38.57
C VAL C 88 30.22 -26.96 37.61
N ASN C 89 29.55 -25.86 37.95
CA ASN C 89 29.54 -24.67 37.11
C ASN C 89 30.84 -23.88 37.26
N VAL C 90 31.92 -24.37 36.65
CA VAL C 90 33.19 -23.67 36.76
C VAL C 90 33.20 -22.26 36.17
N SER C 91 32.34 -22.00 35.19
CA SER C 91 32.27 -20.67 34.58
C SER C 91 31.91 -19.65 35.63
N THR C 92 31.01 -20.02 36.52
CA THR C 92 30.58 -19.12 37.58
C THR C 92 31.70 -18.89 38.58
N ALA C 93 32.34 -19.98 39.02
CA ALA C 93 33.43 -19.86 39.97
C ALA C 93 34.56 -19.08 39.32
N SER C 94 34.88 -19.43 38.08
CA SER C 94 35.96 -18.76 37.40
C SER C 94 35.74 -17.26 37.26
N ALA C 95 34.51 -16.86 36.95
CA ALA C 95 34.19 -15.44 36.81
C ALA C 95 34.50 -14.67 38.10
N ILE C 96 34.39 -15.34 39.23
CA ILE C 96 34.69 -14.67 40.49
C ILE C 96 36.20 -14.44 40.60
N LEU C 97 37.02 -15.47 40.38
CA LEU C 97 38.46 -15.27 40.46
C LEU C 97 38.89 -14.14 39.53
N LEU C 98 38.31 -14.12 38.33
CA LEU C 98 38.63 -13.12 37.33
C LEU C 98 38.26 -11.68 37.71
N SER C 99 37.22 -11.50 38.51
CA SER C 99 36.82 -10.16 38.92
C SER C 99 37.90 -9.49 39.79
N LEU C 100 38.81 -10.29 40.32
CA LEU C 100 39.90 -9.81 41.15
C LEU C 100 40.93 -9.06 40.30
N VAL C 101 41.00 -9.37 39.00
CA VAL C 101 41.99 -8.71 38.14
C VAL C 101 41.46 -8.05 36.88
N ASN C 102 40.15 -8.10 36.65
CA ASN C 102 39.57 -7.49 35.46
C ASN C 102 38.06 -7.40 35.59
N PRO C 103 37.44 -6.37 34.99
CA PRO C 103 35.98 -6.32 35.13
C PRO C 103 35.38 -7.55 34.47
N VAL C 104 34.33 -8.09 35.10
CA VAL C 104 33.63 -9.27 34.62
C VAL C 104 32.14 -8.94 34.48
N ALA C 105 31.59 -9.28 33.32
CA ALA C 105 30.19 -9.05 33.05
C ALA C 105 29.68 -10.41 32.64
N LYS C 106 29.23 -11.16 33.64
CA LYS C 106 28.75 -12.52 33.46
C LYS C 106 27.34 -12.57 32.89
N HIS C 107 27.25 -13.03 31.65
CA HIS C 107 25.96 -13.19 30.96
C HIS C 107 25.55 -14.62 31.30
N GLY C 108 24.32 -14.80 31.77
CA GLY C 108 23.89 -16.14 32.12
C GLY C 108 22.39 -16.26 32.16
N ASN C 109 21.91 -17.46 32.48
CA ASN C 109 20.47 -17.72 32.54
C ASN C 109 20.21 -18.89 33.48
N ARG C 110 18.94 -19.21 33.70
CA ARG C 110 18.56 -20.35 34.53
C ARG C 110 18.63 -21.58 33.64
N ALA C 111 18.69 -22.76 34.25
CA ALA C 111 18.78 -23.99 33.51
C ALA C 111 17.46 -24.74 33.43
N VAL C 112 17.27 -25.47 32.32
CA VAL C 112 16.06 -26.25 32.10
C VAL C 112 16.32 -27.71 32.52
N SER C 113 17.56 -27.99 32.92
CA SER C 113 17.96 -29.33 33.34
C SER C 113 18.46 -29.33 34.79
N GLY C 114 17.52 -29.28 35.73
CA GLY C 114 17.88 -29.29 37.14
C GLY C 114 18.85 -28.20 37.59
N LYS C 115 18.36 -26.97 37.66
CA LYS C 115 19.16 -25.82 38.10
C LYS C 115 20.68 -25.98 38.02
N SER C 116 21.21 -25.84 36.81
CA SER C 116 22.63 -25.97 36.56
C SER C 116 23.14 -24.74 35.82
N GLY C 117 22.29 -23.72 35.70
CA GLY C 117 22.68 -22.50 35.03
C GLY C 117 23.37 -21.56 35.99
N SER C 118 24.24 -20.69 35.50
CA SER C 118 24.95 -19.77 36.38
C SER C 118 23.98 -18.90 37.20
N ALA C 119 22.84 -18.54 36.61
CA ALA C 119 21.85 -17.74 37.33
C ALA C 119 21.40 -18.51 38.57
N ASP C 120 21.16 -19.80 38.40
CA ASP C 120 20.73 -20.65 39.51
C ASP C 120 21.78 -20.73 40.61
N VAL C 121 23.03 -20.92 40.23
CA VAL C 121 24.10 -21.03 41.21
C VAL C 121 24.32 -19.70 41.96
N LEU C 122 24.35 -18.60 41.23
CA LEU C 122 24.55 -17.30 41.87
C LEU C 122 23.41 -17.04 42.85
N GLU C 123 22.20 -17.37 42.42
CA GLU C 123 21.02 -17.20 43.26
C GLU C 123 21.17 -18.00 44.56
N ALA C 124 21.63 -19.24 44.44
CA ALA C 124 21.82 -20.10 45.61
C ALA C 124 22.88 -19.49 46.53
N LEU C 125 23.77 -18.70 45.93
CA LEU C 125 24.84 -18.05 46.66
C LEU C 125 24.32 -16.80 47.39
N GLY C 126 23.09 -16.40 47.06
CA GLY C 126 22.47 -15.22 47.66
C GLY C 126 22.52 -13.97 46.79
N TYR C 127 22.98 -14.13 45.55
CA TYR C 127 23.08 -13.00 44.62
C TYR C 127 21.72 -12.62 44.05
N ASN C 128 21.48 -11.33 43.88
CA ASN C 128 20.21 -10.91 43.29
C ASN C 128 20.46 -10.84 41.78
N ILE C 129 19.99 -11.84 41.05
CA ILE C 129 20.23 -11.91 39.60
C ILE C 129 19.56 -10.87 38.69
N ILE C 130 18.56 -10.15 39.21
CA ILE C 130 17.92 -9.13 38.39
C ILE C 130 18.59 -7.81 38.72
N VAL C 131 19.39 -7.31 37.78
CA VAL C 131 20.14 -6.07 37.98
C VAL C 131 19.85 -5.04 36.87
N PRO C 132 19.08 -3.99 37.19
CA PRO C 132 18.77 -2.95 36.19
C PRO C 132 20.07 -2.35 35.68
N PRO C 133 20.14 -2.01 34.38
CA PRO C 133 21.33 -1.43 33.74
C PRO C 133 22.12 -0.35 34.47
N GLU C 134 21.43 0.61 35.05
CA GLU C 134 22.11 1.69 35.74
C GLU C 134 22.83 1.12 36.96
N ARG C 135 22.16 0.21 37.67
CA ARG C 135 22.75 -0.41 38.84
C ARG C 135 23.85 -1.38 38.41
N ALA C 136 23.67 -2.03 37.27
CA ALA C 136 24.65 -2.98 36.77
C ALA C 136 25.99 -2.29 36.55
N LYS C 137 25.94 -1.08 35.98
CA LYS C 137 27.13 -0.29 35.70
C LYS C 137 27.83 0.07 37.01
N GLU C 138 27.03 0.38 38.03
CA GLU C 138 27.55 0.74 39.33
C GLU C 138 28.25 -0.44 40.02
N LEU C 139 27.64 -1.62 39.97
CA LEU C 139 28.22 -2.81 40.60
C LEU C 139 29.55 -3.21 39.98
N VAL C 140 29.66 -3.02 38.66
CA VAL C 140 30.87 -3.36 37.93
C VAL C 140 32.01 -2.43 38.27
N ASN C 141 31.71 -1.13 38.28
CA ASN C 141 32.72 -0.12 38.60
C ASN C 141 33.17 -0.29 40.04
N LYS C 142 32.24 -0.58 40.93
CA LYS C 142 32.55 -0.75 42.34
C LYS C 142 33.23 -2.08 42.70
N THR C 143 32.63 -3.19 42.30
CA THR C 143 33.17 -4.51 42.64
C THR C 143 33.82 -5.29 41.49
N ASN C 144 33.80 -4.74 40.29
CA ASN C 144 34.40 -5.40 39.13
C ASN C 144 33.62 -6.64 38.68
N PHE C 145 32.38 -6.77 39.14
CA PHE C 145 31.56 -7.91 38.78
C PHE C 145 30.08 -7.61 38.72
N VAL C 146 29.42 -8.21 37.73
CA VAL C 146 27.98 -8.05 37.61
C VAL C 146 27.47 -9.18 36.74
N PHE C 147 26.30 -9.69 37.11
CA PHE C 147 25.66 -10.76 36.37
C PHE C 147 24.56 -10.11 35.55
N LEU C 148 24.51 -10.46 34.27
CA LEU C 148 23.50 -9.93 33.36
C LEU C 148 22.55 -11.07 32.96
N PHE C 149 21.43 -11.13 33.67
CA PHE C 149 20.39 -12.16 33.50
C PHE C 149 19.76 -12.05 32.11
N ALA C 150 19.96 -13.09 31.30
CA ALA C 150 19.44 -13.14 29.93
C ALA C 150 17.94 -12.87 29.79
N GLN C 151 17.14 -13.40 30.72
CA GLN C 151 15.69 -13.21 30.66
C GLN C 151 15.30 -11.77 30.99
N TYR C 152 16.31 -10.98 31.34
CA TYR C 152 16.11 -9.59 31.68
C TYR C 152 16.71 -8.67 30.62
N TYR C 153 17.92 -9.02 30.16
CA TYR C 153 18.62 -8.21 29.17
C TYR C 153 18.26 -8.48 27.71
N HIS C 154 17.56 -9.60 27.48
CA HIS C 154 17.07 -10.00 26.15
C HIS C 154 15.57 -10.23 26.28
N PRO C 155 14.82 -9.19 26.70
CA PRO C 155 13.37 -9.27 26.89
C PRO C 155 12.56 -9.72 25.67
N ALA C 156 13.00 -9.38 24.47
CA ALA C 156 12.25 -9.79 23.28
C ALA C 156 12.32 -11.30 23.07
N MET C 157 13.30 -11.96 23.67
CA MET C 157 13.45 -13.41 23.55
C MET C 157 12.29 -14.20 24.16
N LYS C 158 11.43 -13.55 24.94
CA LYS C 158 10.30 -14.27 25.51
C LYS C 158 9.32 -14.64 24.39
N ASN C 159 9.42 -13.96 23.24
CA ASN C 159 8.55 -14.24 22.11
C ASN C 159 8.87 -15.58 21.48
N VAL C 160 9.97 -16.20 21.92
CA VAL C 160 10.37 -17.48 21.37
C VAL C 160 10.42 -18.55 22.47
N ALA C 161 10.15 -18.13 23.71
CA ALA C 161 10.20 -19.03 24.86
C ALA C 161 9.25 -20.24 24.77
N ASN C 162 8.00 -20.00 24.39
CA ASN C 162 7.03 -21.09 24.29
C ASN C 162 7.47 -22.16 23.31
N VAL C 163 7.86 -21.74 22.11
CA VAL C 163 8.31 -22.65 21.07
C VAL C 163 9.50 -23.46 21.55
N ARG C 164 10.52 -22.78 22.07
CA ARG C 164 11.71 -23.46 22.56
C ARG C 164 11.43 -24.45 23.67
N LYS C 165 10.60 -24.06 24.63
CA LYS C 165 10.26 -24.95 25.73
C LYS C 165 9.50 -26.16 25.22
N THR C 166 8.49 -25.91 24.39
CA THR C 166 7.67 -26.98 23.82
C THR C 166 8.50 -27.94 22.98
N LEU C 167 9.46 -27.43 22.22
CA LEU C 167 10.28 -28.32 21.39
C LEU C 167 11.05 -29.33 22.23
N GLY C 168 11.64 -28.88 23.33
CA GLY C 168 12.38 -29.80 24.17
C GLY C 168 13.65 -30.32 23.51
N ILE C 169 14.19 -29.55 22.58
CA ILE C 169 15.42 -29.92 21.91
C ILE C 169 16.25 -28.66 21.74
N ARG C 170 17.54 -28.83 21.50
CA ARG C 170 18.43 -27.71 21.31
C ARG C 170 18.24 -27.15 19.89
N THR C 171 18.33 -25.83 19.77
CA THR C 171 18.20 -25.16 18.48
C THR C 171 19.36 -24.19 18.33
N ILE C 172 19.32 -23.39 17.27
CA ILE C 172 20.37 -22.42 17.02
C ILE C 172 20.55 -21.44 18.20
N PHE C 173 19.45 -21.09 18.87
CA PHE C 173 19.55 -20.17 19.99
C PHE C 173 20.38 -20.66 21.17
N ASN C 174 20.54 -21.98 21.30
CA ASN C 174 21.31 -22.57 22.38
C ASN C 174 22.82 -22.38 22.26
N ILE C 175 23.29 -21.97 21.09
CA ILE C 175 24.73 -21.76 20.93
C ILE C 175 25.05 -20.28 20.72
N LEU C 176 24.05 -19.44 20.90
CA LEU C 176 24.21 -18.00 20.71
C LEU C 176 24.45 -17.21 21.99
N GLY C 177 24.21 -17.84 23.14
CA GLY C 177 24.40 -17.15 24.40
C GLY C 177 25.74 -16.45 24.62
N PRO C 178 26.85 -17.20 24.58
CA PRO C 178 28.15 -16.56 24.79
C PRO C 178 28.54 -15.57 23.69
N LEU C 179 27.71 -15.47 22.65
CA LEU C 179 27.99 -14.55 21.55
C LEU C 179 27.11 -13.31 21.65
N THR C 180 26.28 -13.24 22.68
CA THR C 180 25.38 -12.10 22.82
C THR C 180 25.45 -11.37 24.16
N ASN C 181 26.66 -11.21 24.69
CA ASN C 181 26.86 -10.53 25.96
C ASN C 181 26.25 -9.13 25.91
N PRO C 182 25.33 -8.81 26.83
CA PRO C 182 24.68 -7.49 26.85
C PRO C 182 25.61 -6.32 27.13
N ALA C 183 26.78 -6.61 27.68
CA ALA C 183 27.75 -5.56 28.00
C ALA C 183 28.74 -5.38 26.86
N ASN C 184 28.57 -6.18 25.81
CA ASN C 184 29.45 -6.13 24.65
C ASN C 184 30.91 -6.43 25.06
N ALA C 185 31.07 -7.34 26.01
CA ALA C 185 32.40 -7.74 26.49
C ALA C 185 33.24 -8.23 25.30
N LYS C 186 34.43 -7.67 25.17
CA LYS C 186 35.32 -8.01 24.06
C LYS C 186 36.22 -9.22 24.32
N TYR C 187 36.28 -9.66 25.58
CA TYR C 187 37.10 -10.82 25.94
C TYR C 187 36.13 -11.88 26.42
N GLN C 188 36.31 -13.11 25.94
CA GLN C 188 35.37 -14.16 26.27
C GLN C 188 35.92 -15.57 26.16
N LEU C 189 35.61 -16.40 27.15
CA LEU C 189 36.00 -17.81 27.12
C LEU C 189 34.66 -18.46 26.80
N MET C 190 34.63 -19.21 25.70
CA MET C 190 33.41 -19.87 25.25
C MET C 190 33.61 -21.38 25.09
N GLY C 191 32.70 -22.17 25.61
CA GLY C 191 32.80 -23.62 25.50
C GLY C 191 31.98 -24.21 24.37
N VAL C 192 32.43 -25.35 23.87
CA VAL C 192 31.78 -26.06 22.79
C VAL C 192 31.75 -27.58 23.07
N PHE C 193 30.65 -28.23 22.67
CA PHE C 193 30.49 -29.68 22.90
C PHE C 193 31.05 -30.62 21.84
N SER C 194 31.48 -30.09 20.71
CA SER C 194 32.03 -30.92 19.65
C SER C 194 33.10 -30.16 18.87
N LYS C 195 34.07 -30.88 18.30
CA LYS C 195 35.12 -30.23 17.52
C LYS C 195 34.53 -29.52 16.30
N ASP C 196 33.45 -30.05 15.76
CA ASP C 196 32.84 -29.39 14.62
C ASP C 196 32.29 -28.03 15.02
N HIS C 197 31.76 -27.93 16.23
CA HIS C 197 31.26 -26.65 16.70
C HIS C 197 32.44 -25.71 16.96
N LEU C 198 33.63 -26.29 17.15
CA LEU C 198 34.84 -25.48 17.39
C LEU C 198 35.18 -24.72 16.12
N ASP C 199 35.17 -25.43 14.99
CA ASP C 199 35.47 -24.82 13.71
C ASP C 199 34.36 -23.83 13.29
N LEU C 200 33.11 -24.29 13.38
CA LEU C 200 31.95 -23.49 13.01
C LEU C 200 31.81 -22.21 13.83
N LEU C 201 31.90 -22.34 15.15
CA LEU C 201 31.73 -21.19 16.02
C LEU C 201 32.92 -20.25 16.08
N SER C 202 34.13 -20.75 15.85
CA SER C 202 35.30 -19.88 15.88
C SER C 202 35.23 -18.98 14.62
N LYS C 203 34.88 -19.57 13.49
CA LYS C 203 34.76 -18.80 12.26
C LYS C 203 33.62 -17.80 12.41
N SER C 204 32.58 -18.16 13.13
CA SER C 204 31.46 -17.27 13.36
C SER C 204 31.88 -16.11 14.27
N ALA C 205 32.57 -16.44 15.36
CA ALA C 205 33.05 -15.46 16.32
C ALA C 205 33.99 -14.46 15.65
N TYR C 206 34.78 -14.95 14.71
CA TYR C 206 35.73 -14.12 13.97
C TYR C 206 35.04 -12.92 13.30
N GLU C 207 33.77 -13.09 12.97
CA GLU C 207 33.02 -12.02 12.31
C GLU C 207 32.07 -11.30 13.28
N LEU C 208 32.26 -11.50 14.57
CA LEU C 208 31.39 -10.88 15.57
C LEU C 208 32.05 -9.80 16.41
N ASP C 209 33.14 -9.24 15.87
CA ASP C 209 33.86 -8.13 16.51
C ASP C 209 34.33 -8.27 17.96
N PHE C 210 35.08 -9.34 18.25
CA PHE C 210 35.61 -9.52 19.60
C PHE C 210 37.07 -9.08 19.56
N ASN C 211 37.65 -8.79 20.72
CA ASN C 211 39.05 -8.43 20.76
C ASN C 211 39.77 -9.75 20.93
N LYS C 212 39.27 -10.58 21.84
CA LYS C 212 39.86 -11.87 22.11
C LYS C 212 38.85 -12.87 22.65
N ILE C 213 38.50 -13.87 21.85
CA ILE C 213 37.56 -14.89 22.32
C ILE C 213 38.18 -16.27 22.11
N ILE C 214 38.21 -17.05 23.18
CA ILE C 214 38.78 -18.39 23.10
C ILE C 214 37.68 -19.42 23.23
N LEU C 215 37.57 -20.28 22.23
CA LEU C 215 36.57 -21.34 22.25
C LEU C 215 37.25 -22.63 22.63
N VAL C 216 36.71 -23.33 23.61
CA VAL C 216 37.33 -24.59 24.02
C VAL C 216 36.43 -25.79 23.98
N TYR C 217 37.07 -26.92 23.72
CA TYR C 217 36.41 -28.21 23.67
C TYR C 217 37.33 -29.16 24.45
N GLY C 218 36.82 -29.81 25.48
CA GLY C 218 37.66 -30.73 26.24
C GLY C 218 37.15 -32.17 26.31
N GLU C 219 38.07 -33.12 26.38
CA GLU C 219 37.66 -34.51 26.50
C GLU C 219 36.98 -34.64 27.87
N PRO C 220 36.01 -35.55 28.02
CA PRO C 220 35.48 -36.49 27.02
C PRO C 220 34.33 -35.94 26.19
N GLY C 221 34.31 -34.63 25.96
CA GLY C 221 33.26 -34.04 25.16
C GLY C 221 32.44 -33.06 25.98
N ILE C 222 33.11 -32.08 26.56
CA ILE C 222 32.45 -31.07 27.37
C ILE C 222 32.86 -29.68 26.89
N ASP C 223 32.02 -28.69 27.18
CA ASP C 223 32.27 -27.31 26.77
C ASP C 223 33.10 -26.53 27.78
N GLU C 224 34.17 -27.15 28.25
CA GLU C 224 35.08 -26.49 29.18
C GLU C 224 36.44 -27.18 29.13
N VAL C 225 37.43 -26.59 29.80
CA VAL C 225 38.76 -27.17 29.79
C VAL C 225 38.67 -28.57 30.39
N SER C 226 39.27 -29.54 29.70
CA SER C 226 39.23 -30.93 30.14
C SER C 226 39.96 -31.22 31.44
N PRO C 227 39.24 -31.84 32.39
CA PRO C 227 39.90 -32.16 33.66
C PRO C 227 40.61 -33.51 33.58
N ILE C 228 40.27 -34.30 32.57
CA ILE C 228 40.86 -35.64 32.46
C ILE C 228 41.92 -35.81 31.41
N GLY C 229 41.94 -34.91 30.43
CA GLY C 229 42.91 -35.04 29.37
C GLY C 229 43.09 -33.84 28.45
N ASN C 230 42.87 -34.06 27.16
CA ASN C 230 43.08 -33.04 26.13
C ASN C 230 41.98 -32.02 25.93
N THR C 231 42.42 -30.78 25.72
CA THR C 231 41.54 -29.64 25.49
C THR C 231 42.01 -29.07 24.14
N PHE C 232 41.05 -28.76 23.26
CA PHE C 232 41.36 -28.16 21.96
C PHE C 232 40.73 -26.78 21.99
N MET C 233 41.44 -25.79 21.47
CA MET C 233 40.92 -24.43 21.49
C MET C 233 41.20 -23.67 20.22
N LYS C 234 40.44 -22.59 20.05
CA LYS C 234 40.57 -21.69 18.93
C LYS C 234 40.69 -20.32 19.58
N ILE C 235 41.77 -19.63 19.29
CA ILE C 235 41.96 -18.29 19.82
C ILE C 235 41.61 -17.38 18.66
N VAL C 236 40.52 -16.65 18.82
CA VAL C 236 40.02 -15.75 17.79
C VAL C 236 40.30 -14.28 18.14
N SER C 237 40.85 -13.55 17.18
CA SER C 237 41.17 -12.14 17.35
C SER C 237 41.02 -11.40 16.02
N LYS C 238 41.35 -10.12 16.02
CA LYS C 238 41.25 -9.32 14.80
C LYS C 238 42.11 -9.92 13.69
N ARG C 239 43.30 -10.39 14.03
CA ARG C 239 44.20 -10.93 13.03
C ARG C 239 43.91 -12.33 12.51
N GLY C 240 43.25 -13.18 13.30
CA GLY C 240 42.96 -14.50 12.80
C GLY C 240 42.47 -15.49 13.83
N ILE C 241 42.59 -16.77 13.49
CA ILE C 241 42.17 -17.87 14.33
C ILE C 241 43.34 -18.80 14.57
N GLU C 242 43.82 -18.85 15.80
CA GLU C 242 44.95 -19.71 16.14
C GLU C 242 44.47 -20.99 16.81
N GLU C 243 45.01 -22.13 16.40
CA GLU C 243 44.62 -23.41 16.97
C GLU C 243 45.59 -23.81 18.09
N VAL C 244 45.05 -24.23 19.23
CA VAL C 244 45.88 -24.64 20.35
C VAL C 244 45.40 -25.98 20.88
N LYS C 245 46.34 -26.88 21.17
CA LYS C 245 46.06 -28.22 21.69
C LYS C 245 46.76 -28.33 23.03
N LEU C 246 46.09 -28.94 24.01
CA LEU C 246 46.63 -29.04 25.35
C LEU C 246 46.18 -30.27 26.15
N ASN C 247 47.01 -30.75 27.08
CA ASN C 247 46.60 -31.87 27.93
C ASN C 247 46.56 -31.36 29.37
N VAL C 248 45.63 -31.87 30.16
CA VAL C 248 45.50 -31.41 31.53
C VAL C 248 46.82 -31.38 32.31
N THR C 249 47.72 -32.33 32.06
CA THR C 249 48.98 -32.32 32.79
C THR C 249 49.89 -31.13 32.46
N ASP C 250 49.63 -30.45 31.34
CA ASP C 250 50.43 -29.28 30.97
C ASP C 250 50.22 -28.13 31.94
N PHE C 251 49.12 -28.17 32.69
CA PHE C 251 48.84 -27.14 33.67
C PHE C 251 49.69 -27.38 34.91
N GLY C 252 50.41 -28.49 34.92
CA GLY C 252 51.26 -28.81 36.05
C GLY C 252 50.59 -29.67 37.12
N ILE C 253 49.46 -30.31 36.78
CA ILE C 253 48.74 -31.15 37.73
C ILE C 253 48.39 -32.49 37.11
N SER C 254 47.97 -33.42 37.96
CA SER C 254 47.54 -34.75 37.53
C SER C 254 46.08 -34.63 37.09
N PRO C 255 45.61 -35.55 36.24
CA PRO C 255 44.22 -35.54 35.76
C PRO C 255 43.27 -35.55 36.95
N ILE C 256 42.18 -34.80 36.85
CA ILE C 256 41.19 -34.74 37.91
C ILE C 256 40.13 -35.84 37.72
N PRO C 257 39.85 -36.63 38.76
CA PRO C 257 38.82 -37.68 38.59
C PRO C 257 37.46 -37.00 38.37
N ILE C 258 36.91 -37.20 37.17
CA ILE C 258 35.64 -36.60 36.78
C ILE C 258 34.46 -36.75 37.75
N GLU C 259 34.37 -37.90 38.42
CA GLU C 259 33.27 -38.15 39.36
C GLU C 259 33.25 -37.14 40.50
N LYS C 260 34.42 -36.64 40.89
CA LYS C 260 34.53 -35.68 41.98
C LYS C 260 34.12 -34.28 41.57
N LEU C 261 33.74 -34.10 40.31
CA LEU C 261 33.35 -32.77 39.82
C LEU C 261 31.86 -32.67 39.53
N ILE C 262 31.17 -33.81 39.62
CA ILE C 262 29.73 -33.88 39.37
C ILE C 262 28.88 -33.27 40.49
N VAL C 263 27.78 -32.61 40.11
CA VAL C 263 26.86 -32.00 41.06
C VAL C 263 25.42 -32.36 40.66
N ASN C 264 24.48 -32.23 41.58
CA ASN C 264 23.07 -32.55 41.24
C ASN C 264 22.07 -31.43 41.45
N SER C 265 22.53 -30.28 41.94
CA SER C 265 21.61 -29.16 42.13
C SER C 265 22.37 -27.84 42.11
N ALA C 266 21.64 -26.74 41.99
CA ALA C 266 22.25 -25.41 41.96
C ALA C 266 23.02 -25.21 43.26
N GLU C 267 22.38 -25.51 44.38
CA GLU C 267 23.00 -25.37 45.69
C GLU C 267 24.19 -26.30 45.84
N ASP C 268 24.18 -27.41 45.11
CA ASP C 268 25.26 -28.38 45.16
C ASP C 268 26.53 -27.75 44.60
N SER C 269 26.39 -27.10 43.44
CA SER C 269 27.50 -26.42 42.81
C SER C 269 27.97 -25.31 43.75
N ALA C 270 27.00 -24.55 44.27
CA ALA C 270 27.29 -23.47 45.21
C ALA C 270 28.19 -23.97 46.33
N ILE C 271 27.77 -25.06 46.96
CA ILE C 271 28.55 -25.64 48.05
C ILE C 271 29.91 -26.10 47.57
N LYS C 272 29.95 -26.77 46.43
CA LYS C 272 31.21 -27.26 45.88
C LYS C 272 32.19 -26.13 45.62
N ILE C 273 31.70 -25.03 45.08
CA ILE C 273 32.54 -23.89 44.78
C ILE C 273 33.08 -23.25 46.07
N VAL C 274 32.23 -23.06 47.06
CA VAL C 274 32.66 -22.46 48.32
C VAL C 274 33.69 -23.33 49.03
N ARG C 275 33.51 -24.65 49.00
CA ARG C 275 34.47 -25.56 49.62
C ARG C 275 35.82 -25.40 48.91
N ALA C 276 35.77 -25.27 47.59
CA ALA C 276 37.00 -25.09 46.81
C ALA C 276 37.68 -23.78 47.21
N PHE C 277 36.88 -22.77 47.52
CA PHE C 277 37.41 -21.48 47.94
C PHE C 277 37.95 -21.59 49.37
N LEU C 278 37.37 -22.49 50.16
CA LEU C 278 37.79 -22.70 51.55
C LEU C 278 38.96 -23.68 51.63
N GLY C 279 39.39 -24.20 50.49
CA GLY C 279 40.50 -25.14 50.47
C GLY C 279 40.11 -26.52 50.93
N LYS C 280 38.80 -26.80 50.92
CA LYS C 280 38.29 -28.09 51.36
C LYS C 280 37.92 -29.07 50.24
N ASP C 281 38.26 -28.73 49.00
CA ASP C 281 37.99 -29.61 47.86
C ASP C 281 38.94 -29.25 46.72
N GLU C 282 40.14 -29.81 46.77
CA GLU C 282 41.15 -29.55 45.76
C GLU C 282 40.79 -29.93 44.33
N HIS C 283 40.02 -31.00 44.15
CA HIS C 283 39.64 -31.39 42.79
C HIS C 283 38.84 -30.29 42.11
N VAL C 284 37.87 -29.72 42.83
CA VAL C 284 37.06 -28.64 42.27
C VAL C 284 37.95 -27.41 42.10
N ALA C 285 38.86 -27.20 43.05
CA ALA C 285 39.75 -26.05 42.99
C ALA C 285 40.63 -26.14 41.74
N GLU C 286 41.19 -27.33 41.49
CA GLU C 286 42.04 -27.51 40.30
C GLU C 286 41.21 -27.28 39.02
N PHE C 287 39.98 -27.78 39.02
CA PHE C 287 39.10 -27.62 37.88
C PHE C 287 38.87 -26.12 37.62
N ILE C 288 38.55 -25.38 38.68
CA ILE C 288 38.32 -23.94 38.59
C ILE C 288 39.59 -23.27 38.04
N LYS C 289 40.73 -23.69 38.57
CA LYS C 289 42.00 -23.12 38.19
C LYS C 289 42.46 -23.33 36.74
N ILE C 290 42.24 -24.52 36.17
CA ILE C 290 42.68 -24.74 34.79
C ILE C 290 41.79 -23.97 33.82
N ASN C 291 40.52 -23.83 34.17
CA ASN C 291 39.58 -23.08 33.34
C ASN C 291 39.91 -21.60 33.44
N THR C 292 40.14 -21.13 34.67
CA THR C 292 40.48 -19.72 34.88
C THR C 292 41.80 -19.38 34.18
N ALA C 293 42.70 -20.35 34.10
CA ALA C 293 43.98 -20.16 33.44
C ALA C 293 43.81 -19.78 31.97
N VAL C 294 42.88 -20.43 31.27
CA VAL C 294 42.67 -20.12 29.87
C VAL C 294 42.12 -18.71 29.71
N ALA C 295 41.21 -18.33 30.60
CA ALA C 295 40.62 -16.99 30.55
C ALA C 295 41.70 -15.94 30.81
N LEU C 296 42.60 -16.26 31.74
CA LEU C 296 43.69 -15.35 32.09
C LEU C 296 44.53 -15.16 30.84
N PHE C 297 44.71 -16.25 30.09
CA PHE C 297 45.48 -16.20 28.86
C PHE C 297 44.77 -15.30 27.84
N ALA C 298 43.45 -15.32 27.85
CA ALA C 298 42.65 -14.51 26.94
C ALA C 298 42.84 -13.02 27.20
N LEU C 299 43.03 -12.65 28.47
CA LEU C 299 43.23 -11.25 28.82
C LEU C 299 44.68 -10.85 28.58
N ASP C 300 45.50 -11.84 28.27
CA ASP C 300 46.92 -11.60 28.01
C ASP C 300 47.67 -11.20 29.29
N ARG C 301 47.30 -11.83 30.40
CA ARG C 301 47.92 -11.57 31.70
C ARG C 301 49.00 -12.59 32.00
N VAL C 302 49.00 -13.67 31.23
CA VAL C 302 50.01 -14.72 31.41
C VAL C 302 50.54 -15.06 30.02
N GLY C 303 51.77 -15.57 29.98
CA GLY C 303 52.38 -15.90 28.70
C GLY C 303 52.12 -17.33 28.26
N ASP C 304 51.73 -18.17 29.21
CA ASP C 304 51.43 -19.57 28.92
C ASP C 304 50.37 -20.04 29.89
N PHE C 305 49.85 -21.25 29.67
CA PHE C 305 48.79 -21.80 30.50
C PHE C 305 49.19 -22.26 31.89
N ARG C 306 50.42 -22.74 32.05
CA ARG C 306 50.88 -23.17 33.38
C ARG C 306 50.99 -21.94 34.28
N GLU C 307 51.42 -20.83 33.68
CA GLU C 307 51.56 -19.57 34.39
C GLU C 307 50.16 -19.11 34.76
N GLY C 308 49.22 -19.25 33.83
CA GLY C 308 47.84 -18.89 34.10
C GLY C 308 47.36 -19.70 35.30
N TYR C 309 47.72 -20.97 35.34
CA TYR C 309 47.32 -21.83 36.44
C TYR C 309 47.92 -21.35 37.76
N GLU C 310 49.20 -21.02 37.75
CA GLU C 310 49.88 -20.56 38.95
C GLU C 310 49.22 -19.28 39.45
N TYR C 311 48.94 -18.38 38.53
CA TYR C 311 48.31 -17.13 38.89
C TYR C 311 46.93 -17.38 39.51
N ALA C 312 46.18 -18.31 38.92
CA ALA C 312 44.85 -18.62 39.44
C ALA C 312 44.94 -19.25 40.82
N ASP C 313 46.02 -19.97 41.06
CA ASP C 313 46.22 -20.62 42.35
C ASP C 313 46.27 -19.57 43.46
N HIS C 314 46.71 -18.35 43.12
CA HIS C 314 46.78 -17.27 44.09
C HIS C 314 45.44 -16.59 44.23
N LEU C 315 44.81 -16.29 43.10
CA LEU C 315 43.51 -15.63 43.09
C LEU C 315 42.43 -16.39 43.86
N ILE C 316 42.44 -17.70 43.77
CA ILE C 316 41.43 -18.48 44.47
C ILE C 316 41.49 -18.28 45.98
N GLU C 317 42.66 -17.93 46.50
CA GLU C 317 42.81 -17.70 47.93
C GLU C 317 42.10 -16.44 48.41
N LYS C 318 41.85 -15.51 47.48
CA LYS C 318 41.17 -14.27 47.82
C LYS C 318 39.74 -14.29 47.29
N SER C 319 39.35 -15.41 46.70
CA SER C 319 38.01 -15.52 46.11
C SER C 319 36.81 -15.54 47.02
N LEU C 320 36.87 -16.27 48.13
CA LEU C 320 35.70 -16.28 49.02
C LEU C 320 35.44 -14.85 49.48
N ASP C 321 36.49 -14.14 49.90
CA ASP C 321 36.34 -12.76 50.33
C ASP C 321 35.67 -11.92 49.23
N LYS C 322 36.11 -12.12 47.99
CA LYS C 322 35.56 -11.39 46.85
C LYS C 322 34.08 -11.70 46.69
N LEU C 323 33.76 -12.99 46.73
CA LEU C 323 32.38 -13.42 46.59
C LEU C 323 31.55 -12.72 47.67
N ASN C 324 32.12 -12.58 48.86
CA ASN C 324 31.40 -11.92 49.94
C ASN C 324 31.17 -10.44 49.65
N GLU C 325 32.15 -9.75 49.09
CA GLU C 325 31.97 -8.33 48.80
C GLU C 325 30.94 -8.17 47.67
N ILE C 326 30.99 -9.08 46.70
CA ILE C 326 30.07 -9.05 45.56
C ILE C 326 28.62 -9.22 46.04
N ILE C 327 28.40 -10.21 46.89
CA ILE C 327 27.06 -10.47 47.39
C ILE C 327 26.55 -9.41 48.38
N SER C 328 27.46 -8.84 49.18
CA SER C 328 27.08 -7.80 50.14
C SER C 328 26.45 -6.61 49.43
N MET C 329 26.98 -6.26 48.26
CA MET C 329 26.48 -5.11 47.52
C MET C 329 25.27 -5.40 46.64
N ASN C 330 24.97 -6.68 46.42
CA ASN C 330 23.83 -7.03 45.58
C ASN C 330 23.33 -8.44 45.88
N GLY C 331 22.73 -8.61 47.06
CA GLY C 331 22.22 -9.91 47.43
C GLY C 331 22.04 -10.07 48.92
N ASP C 332 21.91 -11.32 49.37
CA ASP C 332 21.72 -11.63 50.77
C ASP C 332 22.94 -12.39 51.31
N VAL C 333 23.78 -11.71 52.07
CA VAL C 333 24.98 -12.31 52.64
C VAL C 333 24.65 -13.44 53.62
N THR C 334 23.44 -13.42 54.17
CA THR C 334 23.04 -14.46 55.10
C THR C 334 22.97 -15.77 54.36
N LYS C 335 22.36 -15.74 53.17
CA LYS C 335 22.22 -16.93 52.35
C LYS C 335 23.61 -17.48 52.05
N LEU C 336 24.56 -16.59 51.81
CA LEU C 336 25.92 -17.00 51.50
C LEU C 336 26.59 -17.68 52.70
N LYS C 337 26.37 -17.16 53.90
CA LYS C 337 26.98 -17.73 55.10
C LYS C 337 26.41 -19.09 55.48
N THR C 338 25.14 -19.34 55.15
CA THR C 338 24.56 -20.64 55.46
C THR C 338 25.24 -21.64 54.54
N ILE C 339 25.53 -21.20 53.32
CA ILE C 339 26.20 -22.03 52.33
C ILE C 339 27.60 -22.30 52.82
N VAL C 340 28.24 -21.28 53.37
CA VAL C 340 29.58 -21.41 53.91
C VAL C 340 29.55 -22.46 55.02
N VAL C 341 28.44 -22.51 55.74
CA VAL C 341 28.29 -23.47 56.82
C VAL C 341 28.16 -24.86 56.23
N LYS C 342 27.22 -25.08 55.27
CA LYS C 342 27.02 -26.38 54.64
C LYS C 342 28.35 -26.89 54.02
N SER C 343 29.29 -25.96 53.71
CA SER C 343 30.60 -26.26 53.01
C SER C 343 31.80 -26.26 53.93
N SER C 344 31.31 -26.46 55.15
CA SER C 344 31.91 -26.47 56.45
C SER C 344 32.10 -24.96 56.81
N GLY C 345 33.26 -24.41 57.31
CA GLY C 345 33.31 -22.98 57.63
C GLY C 345 34.64 -22.30 57.27
N MET D 1 -11.39 50.96 -19.40
CA MET D 1 -11.42 50.01 -18.25
C MET D 1 -12.81 49.41 -18.04
N ASN D 2 -13.06 48.28 -18.69
CA ASN D 2 -14.32 47.57 -18.54
C ASN D 2 -14.01 46.19 -17.97
N ILE D 3 -14.48 45.93 -16.75
CA ILE D 3 -14.22 44.68 -16.07
C ILE D 3 -14.52 43.42 -16.87
N ASN D 4 -15.63 43.42 -17.60
CA ASN D 4 -15.99 42.25 -18.39
C ASN D 4 -14.97 42.01 -19.51
N GLU D 5 -14.52 43.09 -20.15
CA GLU D 5 -13.52 42.97 -21.21
C GLU D 5 -12.22 42.42 -20.62
N ILE D 6 -11.84 42.92 -19.46
CA ILE D 6 -10.63 42.46 -18.79
C ILE D 6 -10.73 40.96 -18.48
N LEU D 7 -11.85 40.54 -17.89
CA LEU D 7 -12.02 39.12 -17.56
C LEU D 7 -11.90 38.25 -18.80
N LYS D 8 -12.51 38.67 -19.90
CA LYS D 8 -12.45 37.90 -21.14
C LYS D 8 -11.00 37.74 -21.58
N LYS D 9 -10.27 38.85 -21.55
CA LYS D 9 -8.86 38.88 -21.92
C LYS D 9 -8.05 37.90 -21.07
N LEU D 10 -8.30 37.91 -19.76
CA LEU D 10 -7.59 37.03 -18.85
C LEU D 10 -7.97 35.58 -19.09
N ILE D 11 -9.26 35.31 -19.31
CA ILE D 11 -9.71 33.95 -19.57
C ILE D 11 -8.98 33.43 -20.81
N ASN D 12 -8.70 34.34 -21.74
CA ASN D 12 -8.00 33.99 -22.98
C ASN D 12 -6.49 33.97 -22.78
N LYS D 13 -6.07 34.09 -21.52
CA LYS D 13 -4.67 34.07 -21.16
C LYS D 13 -3.82 35.15 -21.81
N SER D 14 -4.40 36.33 -22.00
CA SER D 14 -3.67 37.46 -22.56
C SER D 14 -3.18 38.30 -21.39
N ASP D 15 -1.92 38.72 -21.41
CA ASP D 15 -1.41 39.56 -20.34
C ASP D 15 -1.98 40.96 -20.48
N LEU D 16 -2.10 41.67 -19.36
CA LEU D 16 -2.63 43.01 -19.37
C LEU D 16 -1.47 43.99 -19.54
N GLU D 17 -1.79 45.19 -20.01
CA GLU D 17 -0.81 46.26 -20.15
C GLU D 17 -0.69 46.85 -18.74
N ILE D 18 0.36 47.61 -18.47
CA ILE D 18 0.54 48.21 -17.15
C ILE D 18 -0.61 49.16 -16.75
N ASN D 19 -0.97 50.08 -17.64
CA ASN D 19 -2.04 51.04 -17.34
C ASN D 19 -3.35 50.31 -17.12
N GLU D 20 -3.53 49.27 -17.92
CA GLU D 20 -4.69 48.41 -17.90
C GLU D 20 -4.75 47.75 -16.50
N ALA D 21 -3.62 47.18 -16.08
CA ALA D 21 -3.53 46.51 -14.79
C ALA D 21 -3.71 47.48 -13.62
N GLU D 22 -3.13 48.68 -13.74
CA GLU D 22 -3.22 49.71 -12.70
C GLU D 22 -4.68 50.10 -12.47
N GLU D 23 -5.37 50.38 -13.58
CA GLU D 23 -6.76 50.78 -13.51
C GLU D 23 -7.61 49.66 -12.93
N LEU D 24 -7.30 48.43 -13.31
CA LEU D 24 -8.03 47.27 -12.81
C LEU D 24 -7.88 47.20 -11.29
N ALA D 25 -6.65 47.21 -10.81
CA ALA D 25 -6.37 47.13 -9.38
C ALA D 25 -7.06 48.29 -8.63
N LYS D 26 -6.95 49.50 -9.15
CA LYS D 26 -7.59 50.66 -8.51
C LYS D 26 -9.07 50.40 -8.27
N ALA D 27 -9.77 50.01 -9.33
CA ALA D 27 -11.20 49.73 -9.23
C ALA D 27 -11.45 48.66 -8.17
N ILE D 28 -10.66 47.60 -8.22
CA ILE D 28 -10.81 46.52 -7.25
C ILE D 28 -10.59 47.01 -5.83
N ILE D 29 -9.45 47.65 -5.60
CA ILE D 29 -9.12 48.13 -4.25
C ILE D 29 -10.12 49.18 -3.74
N ARG D 30 -10.64 50.01 -4.63
CA ARG D 30 -11.61 51.03 -4.24
C ARG D 30 -12.99 50.41 -3.98
N GLY D 31 -13.12 49.13 -4.27
CA GLY D 31 -14.40 48.45 -4.06
C GLY D 31 -15.46 48.76 -5.10
N GLU D 32 -15.04 49.06 -6.32
CA GLU D 32 -15.97 49.38 -7.38
C GLU D 32 -16.39 48.16 -8.19
N VAL D 33 -15.79 47.01 -7.89
CA VAL D 33 -16.09 45.78 -8.64
C VAL D 33 -16.84 44.73 -7.83
N PRO D 34 -17.91 44.16 -8.40
CA PRO D 34 -18.72 43.14 -7.72
C PRO D 34 -17.79 42.02 -7.20
N GLU D 35 -18.03 41.52 -6.00
CA GLU D 35 -17.17 40.47 -5.43
C GLU D 35 -17.03 39.29 -6.36
N ILE D 36 -18.12 38.96 -7.06
CA ILE D 36 -18.09 37.85 -8.00
C ILE D 36 -17.02 38.03 -9.06
N LEU D 37 -16.89 39.25 -9.58
CA LEU D 37 -15.91 39.53 -10.61
C LEU D 37 -14.50 39.65 -10.05
N VAL D 38 -14.37 40.16 -8.82
CA VAL D 38 -13.04 40.28 -8.21
C VAL D 38 -12.48 38.87 -8.06
N SER D 39 -13.32 37.96 -7.59
CA SER D 39 -12.92 36.57 -7.41
C SER D 39 -12.49 35.94 -8.74
N ALA D 40 -13.29 36.16 -9.78
CA ALA D 40 -12.98 35.61 -11.09
C ALA D 40 -11.66 36.13 -11.64
N ILE D 41 -11.44 37.44 -11.49
CA ILE D 41 -10.22 38.07 -11.99
C ILE D 41 -8.96 37.58 -11.25
N LEU D 42 -9.04 37.45 -9.94
CA LEU D 42 -7.90 36.98 -9.14
C LEU D 42 -7.57 35.53 -9.49
N VAL D 43 -8.60 34.71 -9.70
CA VAL D 43 -8.40 33.30 -10.05
C VAL D 43 -7.80 33.22 -11.45
N ALA D 44 -8.37 34.01 -12.36
CA ALA D 44 -7.91 34.06 -13.75
C ALA D 44 -6.45 34.49 -13.84
N LEU D 45 -6.09 35.52 -13.09
CA LEU D 45 -4.71 36.03 -13.07
C LEU D 45 -3.75 34.92 -12.65
N ARG D 46 -4.06 34.29 -11.52
CA ARG D 46 -3.20 33.24 -11.02
C ARG D 46 -3.03 32.07 -11.99
N MET D 47 -4.13 31.61 -12.58
CA MET D 47 -4.05 30.49 -13.50
C MET D 47 -3.37 30.84 -14.81
N LYS D 48 -3.51 32.09 -15.24
CA LYS D 48 -2.84 32.52 -16.45
C LYS D 48 -1.34 32.60 -16.11
N GLY D 49 -1.07 33.08 -14.90
CA GLY D 49 0.28 33.28 -14.42
C GLY D 49 0.47 34.78 -14.51
N GLU D 50 0.61 35.47 -13.38
CA GLU D 50 0.74 36.92 -13.47
C GLU D 50 2.04 37.34 -14.15
N SER D 51 1.97 38.45 -14.88
CA SER D 51 3.10 38.99 -15.61
C SER D 51 3.76 40.17 -14.90
N LYS D 52 4.93 40.55 -15.39
CA LYS D 52 5.65 41.67 -14.82
C LYS D 52 4.80 42.94 -14.86
N ASN D 53 4.18 43.21 -16.00
CA ASN D 53 3.35 44.40 -16.12
C ASN D 53 2.16 44.41 -15.16
N GLU D 54 1.62 43.24 -14.87
CA GLU D 54 0.49 43.15 -13.95
C GLU D 54 0.96 43.42 -12.51
N ILE D 55 2.06 42.80 -12.10
CA ILE D 55 2.60 43.02 -10.75
C ILE D 55 2.90 44.52 -10.59
N VAL D 56 3.53 45.10 -11.60
CA VAL D 56 3.89 46.51 -11.56
C VAL D 56 2.64 47.39 -11.48
N GLY D 57 1.64 47.08 -12.30
CA GLY D 57 0.41 47.86 -12.28
C GLY D 57 -0.29 47.78 -10.94
N PHE D 58 -0.45 46.57 -10.42
CA PHE D 58 -1.11 46.42 -9.12
C PHE D 58 -0.31 47.09 -8.01
N ALA D 59 1.01 46.95 -8.05
CA ALA D 59 1.85 47.55 -7.02
C ALA D 59 1.68 49.06 -6.99
N ARG D 60 1.67 49.67 -8.16
CA ARG D 60 1.51 51.12 -8.22
C ARG D 60 0.14 51.56 -7.72
N ALA D 61 -0.89 50.78 -8.06
CA ALA D 61 -2.24 51.11 -7.63
C ALA D 61 -2.33 51.12 -6.09
N MET D 62 -1.73 50.12 -5.44
CA MET D 62 -1.75 50.04 -3.99
C MET D 62 -0.98 51.20 -3.37
N ARG D 63 0.22 51.46 -3.87
CA ARG D 63 1.04 52.55 -3.34
C ARG D 63 0.29 53.87 -3.45
N GLU D 64 -0.37 54.09 -4.59
CA GLU D 64 -1.09 55.34 -4.81
C GLU D 64 -2.20 55.57 -3.78
N LEU D 65 -2.81 54.49 -3.31
CA LEU D 65 -3.90 54.56 -2.33
C LEU D 65 -3.45 54.38 -0.88
N ALA D 66 -2.17 54.09 -0.67
CA ALA D 66 -1.66 53.89 0.68
C ALA D 66 -1.46 55.18 1.46
N ILE D 67 -1.43 55.04 2.77
CA ILE D 67 -1.15 56.14 3.68
C ILE D 67 0.37 56.13 3.66
N LYS D 68 1.00 57.28 3.52
CA LYS D 68 2.46 57.32 3.44
C LYS D 68 3.19 58.16 4.48
N ILE D 69 4.41 57.74 4.82
CA ILE D 69 5.28 58.48 5.72
C ILE D 69 6.58 58.54 4.93
N ASP D 70 7.38 59.56 5.16
CA ASP D 70 8.62 59.71 4.41
C ASP D 70 9.90 59.20 5.07
N VAL D 71 10.42 58.08 4.56
CA VAL D 71 11.67 57.51 5.08
C VAL D 71 12.29 56.61 4.00
N PRO D 72 12.66 57.18 2.84
CA PRO D 72 13.26 56.41 1.74
C PRO D 72 14.62 55.78 2.07
N ASN D 73 15.26 56.26 3.11
CA ASN D 73 16.57 55.75 3.54
C ASN D 73 16.42 54.49 4.38
N ALA D 74 15.18 54.18 4.75
CA ALA D 74 14.91 52.99 5.56
C ALA D 74 15.08 51.70 4.76
N ILE D 75 15.22 50.59 5.47
CA ILE D 75 15.32 49.30 4.84
C ILE D 75 14.16 48.47 5.42
N ASP D 76 13.68 47.49 4.66
CA ASP D 76 12.59 46.62 5.08
C ASP D 76 13.03 45.20 4.79
N THR D 77 12.45 44.23 5.50
CA THR D 77 12.79 42.82 5.31
C THR D 77 11.56 41.98 5.02
N ALA D 78 10.55 42.57 4.39
CA ALA D 78 9.33 41.83 4.07
C ALA D 78 9.56 40.73 3.04
N GLY D 79 8.80 39.65 3.18
CA GLY D 79 8.91 38.54 2.24
C GLY D 79 7.49 38.27 1.74
N THR D 80 7.34 37.49 0.68
CA THR D 80 6.01 37.21 0.14
C THR D 80 5.24 36.19 0.98
N GLY D 81 5.97 35.32 1.67
CA GLY D 81 5.32 34.29 2.46
C GLY D 81 5.08 33.11 1.54
N GLY D 82 4.17 32.21 1.92
CA GLY D 82 3.90 31.06 1.07
C GLY D 82 3.46 29.84 1.86
N ASP D 83 2.74 28.94 1.21
CA ASP D 83 2.26 27.73 1.87
C ASP D 83 3.35 26.67 1.95
N GLY D 84 4.25 26.82 2.92
CA GLY D 84 5.33 25.86 3.08
C GLY D 84 5.65 25.58 4.54
N LEU D 85 6.95 25.49 4.83
CA LEU D 85 7.43 25.21 6.18
C LEU D 85 7.18 26.38 7.12
N GLY D 86 6.72 26.08 8.34
CA GLY D 86 6.44 27.12 9.32
C GLY D 86 7.68 27.49 10.12
N THR D 87 8.57 28.23 9.49
CA THR D 87 9.83 28.67 10.10
C THR D 87 9.66 29.88 11.02
N VAL D 88 10.61 30.04 11.96
CA VAL D 88 10.61 31.16 12.89
C VAL D 88 10.72 32.47 12.11
N ASN D 89 9.94 33.46 12.52
CA ASN D 89 9.90 34.76 11.84
C ASN D 89 11.24 35.51 11.89
N VAL D 90 12.19 35.05 11.09
CA VAL D 90 13.51 35.63 11.06
C VAL D 90 13.58 37.07 10.52
N SER D 91 12.62 37.46 9.68
CA SER D 91 12.60 38.80 9.13
C SER D 91 12.31 39.84 10.20
N THR D 92 11.62 39.42 11.26
CA THR D 92 11.33 40.33 12.37
C THR D 92 12.59 40.49 13.23
N ALA D 93 13.28 39.38 13.48
CA ALA D 93 14.50 39.40 14.27
C ALA D 93 15.60 40.16 13.53
N SER D 94 15.72 39.88 12.24
CA SER D 94 16.70 40.54 11.40
C SER D 94 16.46 42.04 11.39
N ALA D 95 15.19 42.42 11.38
CA ALA D 95 14.83 43.84 11.39
C ALA D 95 15.33 44.51 12.66
N ILE D 96 15.35 43.77 13.76
CA ILE D 96 15.83 44.36 15.01
C ILE D 96 17.33 44.65 14.93
N LEU D 97 18.11 43.70 14.42
CA LEU D 97 19.55 43.92 14.27
C LEU D 97 19.80 45.13 13.37
N LEU D 98 19.14 45.14 12.21
CA LEU D 98 19.30 46.23 11.25
C LEU D 98 19.05 47.61 11.83
N SER D 99 18.08 47.72 12.74
CA SER D 99 17.78 49.02 13.35
C SER D 99 18.98 49.54 14.10
N LEU D 100 19.93 48.65 14.42
CA LEU D 100 21.15 49.03 15.13
C LEU D 100 22.10 49.80 14.20
N VAL D 101 21.90 49.67 12.89
CA VAL D 101 22.77 50.33 11.92
C VAL D 101 22.05 51.19 10.89
N ASN D 102 20.72 51.06 10.79
CA ASN D 102 19.98 51.82 9.77
C ASN D 102 18.51 51.91 10.16
N PRO D 103 17.85 53.02 9.76
CA PRO D 103 16.43 53.13 10.11
C PRO D 103 15.72 51.98 9.43
N VAL D 104 14.77 51.39 10.14
CA VAL D 104 14.03 50.26 9.61
C VAL D 104 12.53 50.55 9.58
N ALA D 105 11.93 50.42 8.40
CA ALA D 105 10.49 50.64 8.24
C ALA D 105 9.92 49.27 7.86
N LYS D 106 9.60 48.49 8.89
CA LYS D 106 9.07 47.14 8.76
C LYS D 106 7.59 47.14 8.37
N HIS D 107 7.31 46.59 7.19
CA HIS D 107 5.95 46.50 6.65
C HIS D 107 5.43 45.08 6.84
N GLY D 108 4.40 44.90 7.66
CA GLY D 108 3.90 43.56 7.89
C GLY D 108 2.41 43.42 8.16
N ASN D 109 1.99 42.20 8.45
CA ASN D 109 0.58 41.91 8.71
C ASN D 109 0.43 40.71 9.66
N ARG D 110 -0.81 40.38 9.96
CA ARG D 110 -1.12 39.22 10.80
C ARG D 110 -1.23 38.07 9.81
N ALA D 111 -1.33 36.84 10.30
CA ALA D 111 -1.43 35.70 9.40
C ALA D 111 -2.61 34.81 9.71
N VAL D 112 -3.07 34.08 8.69
CA VAL D 112 -4.19 33.15 8.82
C VAL D 112 -3.63 31.86 9.38
N SER D 113 -2.49 31.46 8.85
CA SER D 113 -1.79 30.24 9.27
C SER D 113 -1.42 30.32 10.75
N GLY D 114 -2.39 30.11 11.62
CA GLY D 114 -2.14 30.16 13.04
C GLY D 114 -1.91 31.59 13.49
N LYS D 115 -0.63 31.95 13.61
CA LYS D 115 -0.23 33.29 14.04
C LYS D 115 1.24 33.40 13.63
N SER D 116 1.46 33.52 12.32
CA SER D 116 2.80 33.60 11.77
C SER D 116 3.17 34.89 11.07
N GLY D 117 2.35 35.93 11.22
CA GLY D 117 2.68 37.19 10.58
C GLY D 117 3.62 37.97 11.47
N SER D 118 4.44 38.85 10.89
CA SER D 118 5.37 39.65 11.69
C SER D 118 4.59 40.49 12.71
N ALA D 119 3.39 40.94 12.34
CA ALA D 119 2.56 41.73 13.24
C ALA D 119 2.21 40.90 14.49
N ASP D 120 2.00 39.61 14.30
CA ASP D 120 1.64 38.72 15.40
C ASP D 120 2.82 38.49 16.35
N VAL D 121 4.00 38.27 15.79
CA VAL D 121 5.18 38.04 16.61
C VAL D 121 5.56 39.30 17.40
N LEU D 122 5.42 40.48 16.78
CA LEU D 122 5.75 41.73 17.48
C LEU D 122 4.75 41.99 18.60
N GLU D 123 3.48 41.71 18.33
CA GLU D 123 2.45 41.91 19.34
C GLU D 123 2.74 40.99 20.52
N ALA D 124 3.20 39.79 20.24
CA ALA D 124 3.54 38.82 21.29
C ALA D 124 4.73 39.32 22.10
N LEU D 125 5.55 40.14 21.45
CA LEU D 125 6.73 40.70 22.09
C LEU D 125 6.33 41.89 22.95
N GLY D 126 5.13 42.39 22.73
CA GLY D 126 4.64 43.54 23.49
C GLY D 126 4.55 44.81 22.66
N TYR D 127 4.94 44.72 21.40
CA TYR D 127 4.91 45.89 20.49
C TYR D 127 3.47 46.32 20.21
N ASN D 128 3.25 47.63 20.14
CA ASN D 128 1.94 48.17 19.81
C ASN D 128 1.97 48.29 18.29
N ILE D 129 1.33 47.35 17.59
CA ILE D 129 1.35 47.34 16.13
C ILE D 129 0.58 48.41 15.37
N ILE D 130 -0.26 49.19 16.05
CA ILE D 130 -0.99 50.24 15.37
C ILE D 130 -0.31 51.57 15.67
N VAL D 131 0.40 52.08 14.68
CA VAL D 131 1.14 53.32 14.84
C VAL D 131 0.72 54.40 13.84
N PRO D 132 0.00 55.42 14.32
CA PRO D 132 -0.43 56.50 13.42
C PRO D 132 0.83 57.13 12.81
N PRO D 133 0.75 57.56 11.54
CA PRO D 133 1.87 58.17 10.82
C PRO D 133 2.72 59.22 11.54
N GLU D 134 2.08 60.11 12.28
CA GLU D 134 2.82 61.13 13.00
C GLU D 134 3.78 60.46 13.99
N ARG D 135 3.26 59.54 14.80
CA ARG D 135 4.09 58.87 15.78
C ARG D 135 5.12 57.95 15.13
N ALA D 136 4.74 57.33 14.00
CA ALA D 136 5.66 56.44 13.30
C ALA D 136 6.96 57.16 12.96
N LYS D 137 6.84 58.37 12.41
CA LYS D 137 8.00 59.18 12.04
C LYS D 137 8.82 59.49 13.29
N GLU D 138 8.13 59.65 14.41
CA GLU D 138 8.76 59.93 15.69
C GLU D 138 9.62 58.74 16.12
N LEU D 139 9.00 57.56 16.18
CA LEU D 139 9.65 56.32 16.58
C LEU D 139 10.88 55.95 15.77
N VAL D 140 10.85 56.14 14.47
CA VAL D 140 12.00 55.80 13.64
C VAL D 140 13.15 56.74 13.98
N ASN D 141 12.83 58.00 14.21
CA ASN D 141 13.85 58.99 14.53
C ASN D 141 14.52 58.71 15.87
N LYS D 142 13.76 58.21 16.83
CA LYS D 142 14.33 57.93 18.14
C LYS D 142 14.92 56.52 18.29
N THR D 143 14.38 55.54 17.57
CA THR D 143 14.91 54.18 17.69
C THR D 143 15.35 53.53 16.39
N ASN D 144 15.14 54.21 15.28
CA ASN D 144 15.52 53.67 13.97
C ASN D 144 14.65 52.45 13.60
N PHE D 145 13.50 52.32 14.24
CA PHE D 145 12.60 51.22 13.96
C PHE D 145 11.13 51.57 14.14
N VAL D 146 10.30 51.09 13.22
CA VAL D 146 8.86 51.31 13.30
C VAL D 146 8.16 50.23 12.48
N PHE D 147 7.06 49.70 13.02
CA PHE D 147 6.31 48.68 12.30
C PHE D 147 5.12 49.36 11.62
N LEU D 148 4.99 49.14 10.31
CA LEU D 148 3.89 49.72 9.53
C LEU D 148 2.90 48.60 9.23
N PHE D 149 1.83 48.53 10.01
CA PHE D 149 0.79 47.51 9.90
C PHE D 149 -0.03 47.70 8.61
N ALA D 150 0.06 46.73 7.69
CA ALA D 150 -0.65 46.80 6.42
C ALA D 150 -2.14 47.09 6.52
N GLN D 151 -2.82 46.46 7.47
CA GLN D 151 -4.25 46.68 7.63
C GLN D 151 -4.56 48.12 8.03
N TYR D 152 -3.55 48.81 8.55
CA TYR D 152 -3.70 50.19 8.96
C TYR D 152 -3.18 51.16 7.89
N TYR D 153 -2.02 50.85 7.31
CA TYR D 153 -1.47 51.75 6.29
C TYR D 153 -2.05 51.59 4.88
N HIS D 154 -2.83 50.53 4.66
CA HIS D 154 -3.48 50.29 3.37
C HIS D 154 -4.97 50.12 3.68
N PRO D 155 -5.63 51.19 4.13
CA PRO D 155 -7.05 51.11 4.47
C PRO D 155 -8.01 50.68 3.36
N ALA D 156 -7.71 51.04 2.12
CA ALA D 156 -8.59 50.65 1.01
C ALA D 156 -8.62 49.14 0.80
N MET D 157 -7.55 48.46 1.22
CA MET D 157 -7.47 47.02 1.06
C MET D 157 -8.56 46.21 1.75
N LYS D 158 -9.26 46.80 2.72
CA LYS D 158 -10.34 46.09 3.38
C LYS D 158 -11.45 45.81 2.37
N ASN D 159 -11.43 46.52 1.24
CA ASN D 159 -12.45 46.33 0.20
C ASN D 159 -12.28 44.98 -0.52
N VAL D 160 -11.13 44.35 -0.34
CA VAL D 160 -10.87 43.06 -0.99
C VAL D 160 -10.74 41.93 0.03
N ALA D 161 -10.80 42.29 1.31
CA ALA D 161 -10.65 41.32 2.40
C ALA D 161 -11.63 40.15 2.39
N ASN D 162 -12.90 40.43 2.19
CA ASN D 162 -13.89 39.36 2.19
C ASN D 162 -13.64 38.35 1.08
N VAL D 163 -13.32 38.84 -0.12
CA VAL D 163 -13.06 37.94 -1.24
C VAL D 163 -11.78 37.16 -0.97
N ARG D 164 -10.73 37.87 -0.57
CA ARG D 164 -9.46 37.20 -0.30
C ARG D 164 -9.60 36.10 0.74
N LYS D 165 -10.35 36.38 1.81
CA LYS D 165 -10.54 35.40 2.86
C LYS D 165 -11.44 34.25 2.42
N THR D 166 -12.53 34.57 1.75
CA THR D 166 -13.45 33.54 1.29
C THR D 166 -12.74 32.62 0.30
N LEU D 167 -11.98 33.21 -0.61
CA LEU D 167 -11.23 32.43 -1.59
C LEU D 167 -10.31 31.42 -0.89
N GLY D 168 -9.58 31.89 0.11
CA GLY D 168 -8.69 31.00 0.85
C GLY D 168 -7.52 30.47 0.06
N ILE D 169 -7.11 31.17 -0.99
CA ILE D 169 -5.96 30.75 -1.79
C ILE D 169 -5.12 31.99 -2.03
N ARG D 170 -3.83 31.78 -2.27
CA ARG D 170 -2.93 32.89 -2.53
C ARG D 170 -3.27 33.51 -3.88
N THR D 171 -3.12 34.83 -3.98
CA THR D 171 -3.40 35.53 -5.24
C THR D 171 -2.30 36.53 -5.48
N ILE D 172 -2.49 37.40 -6.47
CA ILE D 172 -1.50 38.41 -6.80
C ILE D 172 -1.21 39.34 -5.60
N PHE D 173 -2.23 39.61 -4.80
CA PHE D 173 -2.03 40.48 -3.64
C PHE D 173 -1.03 39.93 -2.61
N ASN D 174 -0.92 38.60 -2.52
CA ASN D 174 0.01 37.99 -1.59
C ASN D 174 1.49 38.21 -1.91
N ILE D 175 1.83 38.49 -3.16
CA ILE D 175 3.24 38.72 -3.51
C ILE D 175 3.57 40.20 -3.69
N LEU D 176 2.55 41.04 -3.51
CA LEU D 176 2.71 42.48 -3.64
C LEU D 176 3.08 43.13 -2.32
N GLY D 177 2.79 42.43 -1.22
CA GLY D 177 3.09 42.95 0.11
C GLY D 177 4.41 43.69 0.28
N PRO D 178 5.55 43.01 0.05
CA PRO D 178 6.85 43.67 0.20
C PRO D 178 7.16 44.77 -0.83
N LEU D 179 6.32 44.87 -1.85
CA LEU D 179 6.55 45.87 -2.89
C LEU D 179 5.74 47.13 -2.61
N THR D 180 5.04 47.16 -1.49
CA THR D 180 4.21 48.32 -1.18
C THR D 180 4.46 48.95 0.18
N ASN D 181 5.74 49.00 0.58
CA ASN D 181 6.13 49.58 1.87
C ASN D 181 5.62 51.02 1.96
N PRO D 182 4.82 51.34 3.00
CA PRO D 182 4.25 52.68 3.22
C PRO D 182 5.25 53.83 3.41
N ALA D 183 6.48 53.51 3.82
CA ALA D 183 7.51 54.53 4.01
C ALA D 183 8.33 54.72 2.75
N ASN D 184 8.00 53.96 1.70
CA ASN D 184 8.70 54.03 0.43
C ASN D 184 10.19 53.74 0.59
N ALA D 185 10.51 52.76 1.42
CA ALA D 185 11.89 52.37 1.65
C ALA D 185 12.55 51.95 0.35
N LYS D 186 13.73 52.49 0.08
CA LYS D 186 14.45 52.19 -1.15
C LYS D 186 15.36 50.98 -1.02
N TYR D 187 15.55 50.51 0.21
CA TYR D 187 16.39 49.35 0.45
C TYR D 187 15.53 48.21 0.99
N GLN D 188 15.76 47.01 0.50
CA GLN D 188 14.97 45.89 0.95
C GLN D 188 15.47 44.50 0.62
N LEU D 189 15.22 43.58 1.55
CA LEU D 189 15.56 42.18 1.37
C LEU D 189 14.18 41.54 1.27
N MET D 190 13.82 41.08 0.07
CA MET D 190 12.50 40.50 -0.16
C MET D 190 12.53 39.01 -0.44
N GLY D 191 11.94 38.23 0.46
CA GLY D 191 11.91 36.79 0.29
C GLY D 191 10.80 36.35 -0.65
N VAL D 192 11.10 35.31 -1.44
CA VAL D 192 10.14 34.77 -2.39
C VAL D 192 10.05 33.25 -2.22
N PHE D 193 8.93 32.66 -2.63
CA PHE D 193 8.74 31.22 -2.47
C PHE D 193 9.03 30.30 -3.65
N SER D 194 9.62 30.82 -4.74
CA SER D 194 9.91 29.97 -5.88
C SER D 194 10.87 30.61 -6.86
N LYS D 195 11.57 29.77 -7.62
CA LYS D 195 12.53 30.26 -8.60
C LYS D 195 11.90 31.14 -9.65
N ASP D 196 10.68 30.81 -10.06
CA ASP D 196 10.01 31.61 -11.08
C ASP D 196 9.62 32.97 -10.53
N HIS D 197 9.13 32.99 -9.30
CA HIS D 197 8.75 34.27 -8.71
C HIS D 197 9.98 35.12 -8.53
N LEU D 198 11.14 34.48 -8.43
CA LEU D 198 12.41 35.20 -8.29
C LEU D 198 12.65 36.03 -9.54
N ASP D 199 12.40 35.42 -10.69
CA ASP D 199 12.58 36.10 -11.96
C ASP D 199 11.49 37.13 -12.21
N LEU D 200 10.25 36.73 -11.98
CA LEU D 200 9.10 37.61 -12.19
C LEU D 200 9.16 38.85 -11.30
N LEU D 201 9.41 38.62 -10.02
CA LEU D 201 9.45 39.72 -9.08
C LEU D 201 10.66 40.63 -9.19
N SER D 202 11.80 40.10 -9.65
CA SER D 202 12.97 40.96 -9.78
C SER D 202 12.77 41.91 -10.96
N LYS D 203 12.21 41.40 -12.06
CA LYS D 203 11.96 42.25 -13.23
C LYS D 203 10.88 43.27 -12.88
N SER D 204 9.92 42.87 -12.04
CA SER D 204 8.86 43.77 -11.62
C SER D 204 9.50 44.85 -10.74
N ALA D 205 10.32 44.39 -9.80
CA ALA D 205 11.01 45.29 -8.87
C ALA D 205 11.88 46.32 -9.58
N TYR D 206 12.52 45.88 -10.66
CA TYR D 206 13.40 46.75 -11.43
C TYR D 206 12.68 48.02 -11.91
N GLU D 207 11.38 47.91 -12.14
CA GLU D 207 10.60 49.06 -12.59
C GLU D 207 9.84 49.73 -11.46
N LEU D 208 10.11 49.32 -10.22
CA LEU D 208 9.40 49.88 -9.07
C LEU D 208 10.16 50.93 -8.26
N ASP D 209 11.19 51.52 -8.86
CA ASP D 209 11.96 52.59 -8.23
C ASP D 209 12.66 52.34 -6.88
N PHE D 210 13.38 51.23 -6.76
CA PHE D 210 14.12 50.96 -5.53
C PHE D 210 15.57 51.37 -5.75
N ASN D 211 16.31 51.59 -4.66
CA ASN D 211 17.73 51.92 -4.78
C ASN D 211 18.43 50.57 -4.83
N LYS D 212 18.07 49.68 -3.92
CA LYS D 212 18.65 48.36 -3.87
C LYS D 212 17.72 47.36 -3.18
N ILE D 213 17.19 46.41 -3.95
CA ILE D 213 16.32 45.40 -3.37
C ILE D 213 16.85 44.06 -3.82
N ILE D 214 17.12 43.19 -2.84
CA ILE D 214 17.63 41.86 -3.10
C ILE D 214 16.52 40.88 -2.82
N LEU D 215 16.18 40.06 -3.80
CA LEU D 215 15.14 39.05 -3.61
C LEU D 215 15.83 37.70 -3.39
N VAL D 216 15.26 36.89 -2.51
CA VAL D 216 15.85 35.58 -2.22
C VAL D 216 14.82 34.45 -2.11
N TYR D 217 15.30 33.25 -2.42
CA TYR D 217 14.50 32.04 -2.34
C TYR D 217 15.36 31.01 -1.62
N GLY D 218 14.98 30.69 -0.39
CA GLY D 218 15.75 29.75 0.38
C GLY D 218 15.48 28.31 0.00
N GLU D 219 16.54 27.52 0.01
CA GLU D 219 16.46 26.11 -0.33
C GLU D 219 16.20 25.26 0.90
N PRO D 220 15.10 24.51 0.87
CA PRO D 220 13.97 23.61 1.07
C PRO D 220 12.71 24.14 0.38
N GLY D 221 12.65 25.46 0.21
CA GLY D 221 11.51 26.12 -0.39
C GLY D 221 11.00 27.20 0.56
N ILE D 222 11.88 28.12 0.93
CA ILE D 222 11.59 29.21 1.86
C ILE D 222 11.81 30.60 1.25
N ASP D 223 11.10 31.60 1.76
CA ASP D 223 11.26 32.96 1.28
C ASP D 223 12.19 33.69 2.26
N GLU D 224 13.27 32.99 2.62
CA GLU D 224 14.29 33.50 3.54
C GLU D 224 15.60 32.89 3.08
N VAL D 225 16.73 33.39 3.60
CA VAL D 225 18.03 32.84 3.23
C VAL D 225 18.04 31.39 3.71
N SER D 226 18.49 30.48 2.87
CA SER D 226 18.50 29.06 3.20
C SER D 226 19.47 28.68 4.33
N PRO D 227 18.96 28.00 5.37
CA PRO D 227 19.75 27.57 6.52
C PRO D 227 20.44 26.22 6.26
N ILE D 228 19.88 25.44 5.34
CA ILE D 228 20.43 24.13 5.02
C ILE D 228 21.23 24.01 3.73
N GLY D 229 20.84 24.74 2.69
CA GLY D 229 21.54 24.63 1.44
C GLY D 229 21.88 25.91 0.70
N ASN D 230 21.40 26.02 -0.53
CA ASN D 230 21.66 27.18 -1.35
C ASN D 230 20.56 28.22 -1.29
N THR D 231 20.92 29.45 -1.62
CA THR D 231 19.98 30.54 -1.65
C THR D 231 20.14 31.20 -3.01
N PHE D 232 19.07 31.20 -3.79
CA PHE D 232 19.09 31.80 -5.12
C PHE D 232 18.70 33.26 -4.93
N MET D 233 19.53 34.13 -5.46
CA MET D 233 19.37 35.56 -5.26
C MET D 233 19.37 36.44 -6.51
N LYS D 234 18.73 37.60 -6.40
CA LYS D 234 18.71 38.57 -7.48
C LYS D 234 18.83 39.96 -6.87
N ILE D 235 19.91 40.65 -7.22
CA ILE D 235 20.17 41.98 -6.71
C ILE D 235 19.79 43.01 -7.76
N VAL D 236 18.67 43.69 -7.55
CA VAL D 236 18.25 44.69 -8.52
C VAL D 236 18.51 46.10 -8.02
N SER D 237 19.01 46.92 -8.94
CA SER D 237 19.35 48.31 -8.66
C SER D 237 18.95 49.13 -9.87
N LYS D 238 19.26 50.41 -9.84
CA LYS D 238 18.92 51.28 -10.95
C LYS D 238 19.74 50.94 -12.19
N ARG D 239 20.68 50.01 -12.06
CA ARG D 239 21.51 49.62 -13.20
C ARG D 239 21.30 48.21 -13.71
N GLY D 240 20.39 47.46 -13.10
CA GLY D 240 20.15 46.11 -13.57
C GLY D 240 19.86 45.08 -12.49
N ILE D 241 19.84 43.81 -12.90
CA ILE D 241 19.57 42.70 -12.01
C ILE D 241 20.73 41.72 -12.02
N GLU D 242 21.39 41.58 -10.87
CA GLU D 242 22.53 40.70 -10.72
C GLU D 242 22.09 39.33 -10.21
N GLU D 243 22.50 38.27 -10.89
CA GLU D 243 22.13 36.91 -10.46
C GLU D 243 23.19 36.46 -9.45
N VAL D 244 22.76 35.88 -8.34
CA VAL D 244 23.69 35.42 -7.32
C VAL D 244 23.25 34.13 -6.65
N LYS D 245 24.10 33.11 -6.73
CA LYS D 245 23.80 31.83 -6.09
C LYS D 245 24.62 31.83 -4.80
N LEU D 246 24.14 31.11 -3.79
CA LEU D 246 24.83 31.10 -2.51
C LEU D 246 24.48 29.87 -1.69
N ASN D 247 25.41 29.46 -0.84
CA ASN D 247 25.21 28.29 0.02
C ASN D 247 25.39 28.76 1.47
N VAL D 248 24.77 28.05 2.41
CA VAL D 248 24.86 28.40 3.82
C VAL D 248 26.31 28.44 4.27
N THR D 249 27.14 27.57 3.69
CA THR D 249 28.55 27.49 4.06
C THR D 249 29.36 28.74 3.69
N ASP D 250 28.89 29.49 2.71
CA ASP D 250 29.62 30.70 2.29
C ASP D 250 29.53 31.79 3.36
N PHE D 251 28.88 31.47 4.46
CA PHE D 251 28.73 32.41 5.57
C PHE D 251 29.75 32.06 6.65
N GLY D 252 30.21 30.82 6.63
CA GLY D 252 31.17 30.34 7.61
C GLY D 252 30.52 29.39 8.61
N ILE D 253 29.31 28.94 8.27
CA ILE D 253 28.56 28.04 9.14
C ILE D 253 28.39 26.67 8.51
N SER D 254 27.90 25.73 9.32
CA SER D 254 27.62 24.38 8.87
C SER D 254 26.10 24.34 8.72
N PRO D 255 25.59 23.48 7.83
CA PRO D 255 24.13 23.40 7.65
C PRO D 255 23.36 23.44 8.96
N ILE D 256 22.39 24.34 9.04
CA ILE D 256 21.58 24.49 10.25
C ILE D 256 20.39 23.52 10.23
N PRO D 257 20.17 22.80 11.34
CA PRO D 257 19.07 21.84 11.47
C PRO D 257 17.68 22.47 11.41
N ILE D 258 16.96 22.21 10.33
CA ILE D 258 15.62 22.76 10.14
C ILE D 258 14.69 22.59 11.35
N GLU D 259 14.74 21.43 12.01
CA GLU D 259 13.87 21.18 13.16
C GLU D 259 14.02 22.25 14.23
N LYS D 260 15.23 22.74 14.42
CA LYS D 260 15.49 23.75 15.43
C LYS D 260 15.06 25.14 14.99
N LEU D 261 14.64 25.26 13.74
CA LEU D 261 14.20 26.54 13.20
C LEU D 261 12.70 26.59 12.94
N ILE D 262 11.98 25.56 13.38
CA ILE D 262 10.55 25.49 13.16
C ILE D 262 9.73 25.94 14.38
N VAL D 263 8.58 26.54 14.10
CA VAL D 263 7.69 27.07 15.13
C VAL D 263 6.23 26.76 14.82
N ASN D 264 5.38 26.82 15.84
CA ASN D 264 3.96 26.53 15.66
C ASN D 264 3.04 27.62 16.19
N SER D 265 3.60 28.81 16.43
CA SER D 265 2.80 29.93 16.93
C SER D 265 3.63 31.21 17.00
N ALA D 266 2.95 32.34 17.11
CA ALA D 266 3.62 33.63 17.17
C ALA D 266 4.51 33.71 18.41
N GLU D 267 3.99 33.29 19.55
CA GLU D 267 4.77 33.34 20.78
C GLU D 267 5.99 32.44 20.76
N ASP D 268 5.92 31.32 20.04
CA ASP D 268 7.07 30.44 19.97
C ASP D 268 8.16 31.12 19.16
N SER D 269 7.73 31.89 18.17
CA SER D 269 8.66 32.65 17.34
C SER D 269 9.31 33.68 18.27
N ALA D 270 8.47 34.40 19.01
CA ALA D 270 8.94 35.43 19.95
C ALA D 270 9.93 34.86 20.95
N ILE D 271 9.56 33.74 21.55
CA ILE D 271 10.43 33.08 22.52
C ILE D 271 11.75 32.66 21.89
N LYS D 272 11.70 32.08 20.70
CA LYS D 272 12.93 31.66 20.03
C LYS D 272 13.83 32.81 19.63
N ILE D 273 13.23 33.89 19.14
CA ILE D 273 14.01 35.05 18.75
C ILE D 273 14.76 35.58 19.97
N VAL D 274 14.06 35.67 21.09
CA VAL D 274 14.65 36.16 22.33
C VAL D 274 15.73 35.20 22.82
N ARG D 275 15.47 33.90 22.74
CA ARG D 275 16.46 32.91 23.17
C ARG D 275 17.77 33.12 22.43
N ALA D 276 17.68 33.38 21.13
CA ALA D 276 18.86 33.60 20.31
C ALA D 276 19.56 34.87 20.75
N PHE D 277 18.79 35.91 21.04
CA PHE D 277 19.35 37.18 21.49
C PHE D 277 20.02 37.00 22.86
N LEU D 278 19.49 36.07 23.66
CA LEU D 278 20.03 35.79 24.98
C LEU D 278 21.24 34.85 24.88
N GLY D 279 21.51 34.36 23.68
CA GLY D 279 22.64 33.47 23.47
C GLY D 279 22.31 32.04 23.85
N LYS D 280 21.02 31.77 24.06
CA LYS D 280 20.56 30.44 24.44
C LYS D 280 20.16 29.54 23.28
N ASP D 281 20.16 30.08 22.06
CA ASP D 281 19.78 29.26 20.91
C ASP D 281 20.70 29.55 19.74
N GLU D 282 21.81 28.82 19.69
CA GLU D 282 22.81 28.95 18.66
C GLU D 282 22.27 28.81 17.25
N HIS D 283 21.39 27.86 17.03
CA HIS D 283 20.82 27.62 15.69
C HIS D 283 19.90 28.73 15.19
N VAL D 284 18.99 29.18 16.05
CA VAL D 284 18.10 30.26 15.66
C VAL D 284 18.94 31.52 15.45
N ALA D 285 19.95 31.71 16.30
CA ALA D 285 20.81 32.88 16.19
C ALA D 285 21.56 32.86 14.86
N GLU D 286 22.03 31.68 14.44
CA GLU D 286 22.74 31.58 13.18
C GLU D 286 21.81 31.87 12.00
N PHE D 287 20.55 31.44 12.13
CA PHE D 287 19.55 31.67 11.09
C PHE D 287 19.35 33.18 10.96
N ILE D 288 19.28 33.88 12.08
CA ILE D 288 19.10 35.32 12.07
C ILE D 288 20.32 36.00 11.44
N LYS D 289 21.50 35.48 11.74
CA LYS D 289 22.76 36.01 11.22
C LYS D 289 22.88 36.03 9.70
N ILE D 290 22.63 34.89 9.07
CA ILE D 290 22.75 34.79 7.61
C ILE D 290 21.75 35.68 6.87
N ASN D 291 20.53 35.76 7.40
CA ASN D 291 19.51 36.60 6.78
C ASN D 291 19.88 38.08 6.91
N THR D 292 20.43 38.46 8.06
CA THR D 292 20.84 39.83 8.34
C THR D 292 22.07 40.21 7.51
N ALA D 293 22.93 39.23 7.27
CA ALA D 293 24.15 39.47 6.49
C ALA D 293 23.80 39.95 5.08
N VAL D 294 22.82 39.29 4.46
CA VAL D 294 22.41 39.68 3.12
C VAL D 294 21.76 41.06 3.16
N ALA D 295 21.02 41.34 4.23
CA ALA D 295 20.37 42.65 4.37
C ALA D 295 21.40 43.77 4.45
N LEU D 296 22.52 43.48 5.11
CA LEU D 296 23.61 44.45 5.24
C LEU D 296 24.28 44.67 3.89
N PHE D 297 24.41 43.59 3.12
CA PHE D 297 25.00 43.68 1.80
C PHE D 297 24.12 44.60 0.94
N ALA D 298 22.81 44.53 1.15
CA ALA D 298 21.87 45.36 0.41
C ALA D 298 22.08 46.84 0.74
N LEU D 299 22.51 47.11 1.97
CA LEU D 299 22.76 48.49 2.40
C LEU D 299 24.15 48.92 1.96
N ASP D 300 24.87 48.00 1.31
CA ASP D 300 26.21 48.29 0.82
C ASP D 300 27.15 48.59 1.99
N ARG D 301 26.77 48.16 3.19
CA ARG D 301 27.59 48.41 4.37
C ARG D 301 28.62 47.33 4.64
N VAL D 302 28.66 46.33 3.77
CA VAL D 302 29.60 45.23 3.90
C VAL D 302 29.90 44.76 2.47
N GLY D 303 31.18 44.63 2.14
CA GLY D 303 31.53 44.21 0.80
C GLY D 303 31.45 42.72 0.52
N ASP D 304 31.21 41.94 1.56
CA ASP D 304 31.16 40.49 1.42
C ASP D 304 30.09 39.84 2.31
N PHE D 305 29.59 38.68 1.89
CA PHE D 305 28.57 37.97 2.66
C PHE D 305 29.03 37.48 4.02
N ARG D 306 30.30 37.11 4.15
CA ARG D 306 30.81 36.64 5.44
C ARG D 306 31.09 37.83 6.36
N GLU D 307 31.44 38.96 5.77
CA GLU D 307 31.71 40.16 6.55
C GLU D 307 30.37 40.61 7.12
N GLY D 308 29.30 40.35 6.38
CA GLY D 308 27.97 40.71 6.82
C GLY D 308 27.61 39.86 8.01
N TYR D 309 27.91 38.56 7.91
CA TYR D 309 27.64 37.62 8.98
C TYR D 309 28.41 38.03 10.23
N GLU D 310 29.70 38.29 10.05
CA GLU D 310 30.56 38.68 11.15
C GLU D 310 30.04 39.96 11.82
N TYR D 311 29.69 40.95 11.01
CA TYR D 311 29.16 42.19 11.53
C TYR D 311 27.83 41.95 12.24
N ALA D 312 27.03 41.05 11.66
CA ALA D 312 25.74 40.72 12.25
C ALA D 312 25.95 40.09 13.62
N ASP D 313 27.17 39.61 13.87
CA ASP D 313 27.48 38.99 15.16
C ASP D 313 27.57 40.03 16.27
N HIS D 314 28.18 41.18 15.96
CA HIS D 314 28.29 42.26 16.93
C HIS D 314 26.87 42.68 17.27
N LEU D 315 26.09 42.90 16.22
CA LEU D 315 24.72 43.36 16.33
C LEU D 315 23.80 42.53 17.22
N ILE D 316 23.81 41.20 17.08
CA ILE D 316 22.90 40.39 17.88
C ILE D 316 23.16 40.53 19.39
N GLU D 317 24.43 40.70 19.75
CA GLU D 317 24.82 40.84 21.14
C GLU D 317 24.24 42.10 21.78
N LYS D 318 23.75 43.01 20.95
CA LYS D 318 23.17 44.24 21.46
C LYS D 318 21.70 44.36 21.09
N SER D 319 21.17 43.27 20.53
CA SER D 319 19.79 43.22 20.07
C SER D 319 18.66 43.13 21.10
N LEU D 320 18.86 42.41 22.19
CA LEU D 320 17.81 42.32 23.20
C LEU D 320 17.60 43.70 23.82
N ASP D 321 18.69 44.40 24.11
CA ASP D 321 18.58 45.75 24.67
C ASP D 321 17.85 46.66 23.69
N LYS D 322 18.17 46.52 22.40
CA LYS D 322 17.52 47.34 21.38
C LYS D 322 16.03 47.00 21.34
N LEU D 323 15.73 45.71 21.43
CA LEU D 323 14.33 45.28 21.42
C LEU D 323 13.64 45.89 22.64
N ASN D 324 14.35 45.89 23.76
CA ASN D 324 13.79 46.45 24.98
C ASN D 324 13.47 47.94 24.82
N GLU D 325 14.38 48.69 24.23
CA GLU D 325 14.13 50.13 24.04
C GLU D 325 13.00 50.34 23.03
N ILE D 326 12.91 49.48 22.03
CA ILE D 326 11.87 49.61 21.00
C ILE D 326 10.48 49.38 21.58
N ILE D 327 10.35 48.31 22.35
CA ILE D 327 9.08 48.00 22.96
C ILE D 327 8.67 49.02 24.01
N SER D 328 9.61 49.45 24.86
CA SER D 328 9.24 50.42 25.89
C SER D 328 8.71 51.74 25.34
N MET D 329 9.21 52.20 24.19
CA MET D 329 8.74 53.45 23.63
C MET D 329 7.44 53.30 22.83
N ASN D 330 7.08 52.08 22.49
CA ASN D 330 5.84 51.82 21.75
C ASN D 330 5.37 50.41 22.03
N GLY D 331 4.91 50.19 23.27
CA GLY D 331 4.46 48.87 23.63
C GLY D 331 4.47 48.60 25.13
N ASP D 332 4.36 47.32 25.49
CA ASP D 332 4.32 46.90 26.88
C ASP D 332 5.52 46.03 27.20
N VAL D 333 6.45 46.57 27.99
CA VAL D 333 7.66 45.85 28.38
C VAL D 333 7.42 44.69 29.33
N THR D 334 6.27 44.73 30.03
CA THR D 334 5.95 43.67 30.96
C THR D 334 5.83 42.37 30.17
N LYS D 335 5.15 42.45 29.03
CA LYS D 335 4.96 41.30 28.16
C LYS D 335 6.34 40.81 27.71
N LEU D 336 7.14 41.73 27.17
CA LEU D 336 8.47 41.36 26.71
C LEU D 336 9.25 40.65 27.83
N LYS D 337 9.14 41.14 29.05
CA LYS D 337 9.86 40.56 30.16
C LYS D 337 9.36 39.17 30.53
N THR D 338 8.09 38.89 30.30
CA THR D 338 7.56 37.57 30.61
C THR D 338 8.07 36.60 29.54
N ILE D 339 8.24 37.10 28.31
CA ILE D 339 8.74 36.25 27.25
C ILE D 339 10.21 35.97 27.52
N VAL D 340 10.91 36.96 28.08
CA VAL D 340 12.32 36.78 28.42
C VAL D 340 12.37 35.71 29.49
N VAL D 341 11.47 35.81 30.46
CA VAL D 341 11.40 34.84 31.55
C VAL D 341 10.94 33.46 31.07
N LYS D 342 10.51 33.43 29.81
CA LYS D 342 9.95 32.26 29.18
C LYS D 342 11.01 31.46 28.50
N SER D 343 11.94 32.11 27.94
CA SER D 343 12.94 31.12 27.68
C SER D 343 14.04 31.43 28.69
N SER D 344 13.82 31.10 29.98
CA SER D 344 14.82 31.43 30.96
C SER D 344 15.45 32.69 30.45
N GLY D 345 15.25 33.77 31.20
CA GLY D 345 15.85 35.05 30.88
C GLY D 345 17.36 35.04 31.08
#